data_9KDA
#
_entry.id   9KDA
#
loop_
_entity.id
_entity.type
_entity.pdbx_description
1 polymer 'Sodium-dependent noradrenaline transporter'
2 non-polymer 5-{4-[4-(5-cyano-1H-indol-3-yl)butyl]piperazin-1-yl}-1-benzofuran-2-carboxamide
3 non-polymer CHOLESTEROL
4 non-polymer '[(2~{R})-1-[[(2~{S})-2,3-bis(oxidanyl)propoxy]-oxidanyl-phosphoryl]oxy-3-nonanoyloxy-propan-2-yl] decanoate'
5 water water
#
_entity_poly.entity_id   1
_entity_poly.type   'polypeptide(L)'
_entity_poly.pdbx_seq_one_letter_code
;MDYKDDDDKGSGMLLARMNPQVQPENNGADTGPEQPLRARKTAELLVVKERNGVQCLLAPRDGDAQPRETWGKKIDFLLS
VVGFAVDLANVWRFPYLCYKNGGGAFLIPYTLFLIIAGMPLFYMELALGQYNREGAATVWKICPFFKGVGYAVILIALYV
GFYYNVIIAWSLYYLFSSFTLNLPWTDCGHTWNSPNCTDPKLLNGSVLGNHTKYSKYKFTPAAEFYERGVLHLHESSGIH
DIGLPQWQLLLCLMVVVIVLYFSLWKGVKTSGKVVWITATLPYFVLFVLLVHGVTLPGASNGINAYLHIDFYRLKEATVW
IDAATQIFFSLGAGFGVLIAFASYNKFDNNCYRDALLTSSINCITSFVSGFAIFSILGYMAHEHKVNIEDVATEGAGLVF
ILYPEAISTLSGSTFWAVVFFVMLLALGLDSSMGGMEAVITGLADDFQVLKRHRKLFTFGVTFSTFLLALFCITKGGIYV
LTLLDTFAAGTSILFAVLMEAIGVSWFYGVDRFSNDIQQMMGFRPGLYWRLCWKFVSPAFLLFVVVVSIINFKPLTYDDY
IFPPWANWVGWGIALSSMVLVPIYVIYKFLSTQGSLWERLAYGITPENEHHLVAQRDIRQFQLQHWLAI
;
_entity_poly.pdbx_strand_id   A,B
#
loop_
_chem_comp.id
_chem_comp.type
_chem_comp.name
_chem_comp.formula
A1EFM non-polymer '[(2~{R})-1-[[(2~{S})-2,3-bis(oxidanyl)propoxy]-oxidanyl-phosphoryl]oxy-3-nonanoyloxy-propan-2-yl] decanoate' 'C25 H49 O10 P'
CLR non-polymer CHOLESTEROL 'C27 H46 O'
YG7 non-polymer 5-{4-[4-(5-cyano-1H-indol-3-yl)butyl]piperazin-1-yl}-1-benzofuran-2-carboxamide 'C26 H27 N5 O2'
#
# COMPACT_ATOMS: atom_id res chain seq x y z
N ARG A 68 8.95 27.34 18.88
CA ARG A 68 8.36 27.17 17.56
C ARG A 68 8.65 28.37 16.67
N GLU A 69 9.00 28.11 15.42
CA GLU A 69 9.35 29.17 14.49
C GLU A 69 8.09 29.86 13.97
N THR A 70 8.26 31.12 13.55
CA THR A 70 7.17 31.94 13.04
C THR A 70 7.59 32.50 11.68
N TRP A 71 6.73 32.31 10.68
CA TRP A 71 7.01 32.79 9.33
C TRP A 71 6.99 34.31 9.28
N ASP A 76 6.09 38.50 7.46
CA ASP A 76 7.22 38.00 6.69
C ASP A 76 6.74 37.14 5.51
N PHE A 77 7.09 37.56 4.31
CA PHE A 77 6.70 36.88 3.06
C PHE A 77 5.18 36.74 2.96
N LEU A 78 4.45 37.69 3.53
CA LEU A 78 2.99 37.67 3.51
C LEU A 78 2.41 38.99 3.02
N LEU A 79 1.97 39.06 1.77
CA LEU A 79 1.38 40.28 1.21
C LEU A 79 -0.01 40.47 1.84
N SER A 80 -0.71 41.55 1.46
CA SER A 80 -2.04 41.82 1.97
C SER A 80 -3.02 40.68 1.76
N VAL A 81 -2.77 39.83 0.75
CA VAL A 81 -3.59 38.66 0.47
C VAL A 81 -2.70 37.43 0.48
N VAL A 82 -3.10 36.41 1.25
CA VAL A 82 -2.30 35.19 1.33
C VAL A 82 -2.35 34.45 0.00
N GLY A 83 -1.42 33.49 -0.15
CA GLY A 83 -1.32 32.72 -1.37
C GLY A 83 -2.50 31.80 -1.64
N PHE A 84 -3.40 31.64 -0.68
CA PHE A 84 -4.56 30.76 -0.87
C PHE A 84 -5.56 31.31 -1.87
N ALA A 85 -5.46 32.59 -2.25
CA ALA A 85 -6.39 33.16 -3.22
C ALA A 85 -6.17 32.55 -4.60
N VAL A 86 -4.93 32.60 -5.08
CA VAL A 86 -4.55 32.03 -6.38
C VAL A 86 -3.86 30.71 -6.14
N ASP A 87 -4.45 29.62 -6.61
CA ASP A 87 -3.90 28.29 -6.41
C ASP A 87 -4.30 27.41 -7.59
N LEU A 88 -3.95 26.13 -7.49
CA LEU A 88 -4.26 25.19 -8.57
C LEU A 88 -5.76 24.94 -8.66
N ALA A 89 -6.48 25.10 -7.55
CA ALA A 89 -7.92 24.86 -7.57
C ALA A 89 -8.64 25.89 -8.44
N ASN A 90 -8.26 27.16 -8.32
CA ASN A 90 -8.94 28.20 -9.09
C ASN A 90 -8.53 28.16 -10.56
N VAL A 91 -7.29 27.77 -10.85
CA VAL A 91 -6.80 27.82 -12.22
C VAL A 91 -7.06 26.52 -12.97
N TRP A 92 -7.22 25.40 -12.28
CA TRP A 92 -7.43 24.10 -12.90
C TRP A 92 -8.75 23.44 -12.53
N ARG A 93 -9.08 23.40 -11.24
CA ARG A 93 -10.27 22.66 -10.82
C ARG A 93 -11.55 23.46 -11.07
N PHE A 94 -11.56 24.73 -10.65
CA PHE A 94 -12.73 25.59 -10.87
C PHE A 94 -13.17 25.69 -12.31
N PRO A 95 -12.27 25.85 -13.32
CA PRO A 95 -12.73 25.93 -14.71
C PRO A 95 -13.63 24.78 -15.13
N TYR A 96 -13.15 23.54 -15.00
CA TYR A 96 -13.94 22.40 -15.46
C TYR A 96 -15.08 22.09 -14.50
N LEU A 97 -14.93 22.38 -13.21
CA LEU A 97 -16.02 22.15 -12.27
C LEU A 97 -17.18 23.10 -12.55
N CYS A 98 -16.88 24.30 -13.07
CA CYS A 98 -17.94 25.22 -13.45
C CYS A 98 -18.50 24.88 -14.82
N TYR A 99 -17.63 24.49 -15.76
CA TYR A 99 -18.09 24.12 -17.10
C TYR A 99 -19.00 22.90 -17.05
N LYS A 100 -18.79 22.02 -16.08
CA LYS A 100 -19.67 20.86 -15.92
C LYS A 100 -21.06 21.30 -15.48
N ASN A 101 -21.14 22.23 -14.53
CA ASN A 101 -22.42 22.67 -13.97
C ASN A 101 -22.89 23.94 -14.69
N GLY A 102 -23.00 23.83 -16.00
CA GLY A 102 -23.54 24.93 -16.80
C GLY A 102 -22.68 26.18 -16.72
N GLY A 103 -23.33 27.31 -16.42
CA GLY A 103 -22.64 28.58 -16.30
C GLY A 103 -22.74 29.18 -14.92
N GLY A 104 -23.45 30.31 -14.79
CA GLY A 104 -23.66 30.93 -13.50
C GLY A 104 -24.43 30.06 -12.53
N ALA A 105 -25.06 29.01 -13.06
CA ALA A 105 -25.74 28.03 -12.20
C ALA A 105 -24.76 27.36 -11.25
N PHE A 106 -23.46 27.39 -11.55
CA PHE A 106 -22.46 26.94 -10.62
C PHE A 106 -21.90 28.10 -9.79
N LEU A 107 -21.96 29.32 -10.32
CA LEU A 107 -21.41 30.46 -9.61
C LEU A 107 -22.28 30.84 -8.41
N ILE A 108 -23.59 30.74 -8.54
CA ILE A 108 -24.51 31.11 -7.47
C ILE A 108 -24.28 30.24 -6.23
N PRO A 109 -24.29 28.90 -6.33
CA PRO A 109 -23.99 28.10 -5.13
C PRO A 109 -22.57 28.30 -4.63
N TYR A 110 -21.63 28.59 -5.53
CA TYR A 110 -20.26 28.86 -5.12
C TYR A 110 -20.20 30.04 -4.16
N THR A 111 -20.73 31.19 -4.57
CA THR A 111 -20.74 32.36 -3.70
C THR A 111 -21.62 32.14 -2.48
N LEU A 112 -22.70 31.38 -2.63
CA LEU A 112 -23.58 31.11 -1.49
C LEU A 112 -22.84 30.35 -0.39
N PHE A 113 -22.19 29.24 -0.76
CA PHE A 113 -21.40 28.49 0.21
C PHE A 113 -20.12 29.23 0.62
N LEU A 114 -19.70 30.24 -0.14
CA LEU A 114 -18.56 31.05 0.26
C LEU A 114 -18.91 32.05 1.35
N ILE A 115 -20.08 32.68 1.25
CA ILE A 115 -20.42 33.74 2.20
C ILE A 115 -20.88 33.18 3.53
N ILE A 116 -21.44 31.97 3.56
CA ILE A 116 -21.99 31.42 4.80
C ILE A 116 -21.22 30.20 5.32
N ALA A 117 -20.51 29.48 4.46
CA ALA A 117 -19.82 28.26 4.90
C ALA A 117 -18.32 28.38 4.71
N GLY A 118 -17.88 28.80 3.51
CA GLY A 118 -16.47 28.87 3.20
C GLY A 118 -15.71 29.87 4.05
N MET A 119 -16.14 31.14 4.02
CA MET A 119 -15.44 32.17 4.78
C MET A 119 -15.50 31.95 6.28
N PRO A 120 -16.64 31.59 6.88
CA PRO A 120 -16.63 31.33 8.34
C PRO A 120 -15.71 30.19 8.76
N LEU A 121 -15.72 29.08 8.01
CA LEU A 121 -14.83 27.97 8.37
C LEU A 121 -13.37 28.34 8.12
N PHE A 122 -13.10 29.12 7.08
CA PHE A 122 -11.75 29.63 6.86
C PHE A 122 -11.26 30.43 8.05
N TYR A 123 -12.10 31.39 8.50
CA TYR A 123 -11.74 32.21 9.66
C TYR A 123 -11.55 31.34 10.91
N MET A 124 -12.43 30.34 11.10
CA MET A 124 -12.35 29.49 12.27
C MET A 124 -11.04 28.70 12.27
N GLU A 125 -10.69 28.09 11.13
CA GLU A 125 -9.46 27.31 11.06
C GLU A 125 -8.24 28.20 11.25
N LEU A 126 -8.25 29.41 10.66
CA LEU A 126 -7.13 30.31 10.83
C LEU A 126 -6.96 30.72 12.29
N ALA A 127 -8.06 31.09 12.95
CA ALA A 127 -7.97 31.50 14.35
C ALA A 127 -7.53 30.34 15.23
N LEU A 128 -8.01 29.13 14.95
CA LEU A 128 -7.64 27.97 15.75
C LEU A 128 -6.14 27.66 15.59
N GLY A 129 -5.66 27.70 14.35
CA GLY A 129 -4.24 27.45 14.11
C GLY A 129 -3.35 28.53 14.72
N GLN A 130 -3.83 29.77 14.73
CA GLN A 130 -3.05 30.85 15.33
C GLN A 130 -3.08 30.82 16.86
N TYR A 131 -4.16 30.31 17.47
CA TYR A 131 -4.28 30.29 18.92
C TYR A 131 -3.62 29.05 19.54
N ASN A 132 -3.79 27.87 18.94
CA ASN A 132 -3.25 26.66 19.53
C ASN A 132 -1.78 26.43 19.24
N ARG A 133 -1.24 27.07 18.20
CA ARG A 133 0.18 26.95 17.83
C ARG A 133 0.57 25.50 17.61
N GLU A 134 -0.34 24.75 16.99
CA GLU A 134 -0.15 23.31 16.79
C GLU A 134 -0.56 22.94 15.37
N GLY A 135 -0.30 21.68 15.02
CA GLY A 135 -0.61 21.17 13.70
C GLY A 135 -2.08 20.90 13.51
N ALA A 136 -2.40 20.27 12.38
CA ALA A 136 -3.80 20.01 12.03
C ALA A 136 -4.45 19.04 13.01
N ALA A 137 -3.65 18.14 13.59
CA ALA A 137 -4.18 17.12 14.49
C ALA A 137 -4.13 17.55 15.95
N THR A 138 -3.04 18.18 16.38
CA THR A 138 -2.84 18.53 17.78
C THR A 138 -3.71 19.69 18.26
N VAL A 139 -4.21 20.52 17.34
CA VAL A 139 -5.11 21.61 17.74
C VAL A 139 -6.36 21.13 18.45
N TRP A 140 -6.64 19.82 18.39
CA TRP A 140 -7.74 19.24 19.14
C TRP A 140 -7.36 18.89 20.57
N LYS A 141 -6.30 19.50 21.11
CA LYS A 141 -5.99 19.34 22.52
C LYS A 141 -7.09 19.91 23.42
N ILE A 142 -7.96 20.76 22.87
CA ILE A 142 -9.09 21.29 23.63
C ILE A 142 -10.25 20.31 23.64
N CYS A 143 -10.28 19.37 22.70
CA CYS A 143 -11.32 18.35 22.62
C CYS A 143 -10.73 17.12 21.95
N PRO A 144 -10.23 16.17 22.73
CA PRO A 144 -9.52 15.02 22.14
C PRO A 144 -10.43 14.09 21.33
N PHE A 145 -11.73 14.06 21.63
CA PHE A 145 -12.64 13.17 20.92
C PHE A 145 -12.75 13.48 19.44
N PHE A 146 -12.33 14.67 19.00
CA PHE A 146 -12.32 15.03 17.59
C PHE A 146 -10.91 15.07 17.01
N LYS A 147 -9.91 14.63 17.77
CA LYS A 147 -8.53 14.64 17.26
C LYS A 147 -8.37 13.75 16.04
N GLY A 148 -9.15 12.67 15.95
CA GLY A 148 -9.13 11.86 14.74
C GLY A 148 -9.50 12.65 13.50
N VAL A 149 -10.38 13.65 13.65
CA VAL A 149 -10.66 14.55 12.53
C VAL A 149 -9.39 15.21 12.03
N GLY A 150 -8.54 15.68 12.96
CA GLY A 150 -7.27 16.27 12.56
C GLY A 150 -6.41 15.29 11.78
N TYR A 151 -6.57 13.99 12.04
CA TYR A 151 -5.90 13.01 11.21
C TYR A 151 -6.54 12.91 9.83
N ALA A 152 -7.88 12.83 9.79
CA ALA A 152 -8.59 12.55 8.54
C ALA A 152 -8.22 13.57 7.47
N VAL A 153 -8.39 14.85 7.76
CA VAL A 153 -8.06 15.90 6.80
C VAL A 153 -6.62 15.72 6.31
N ILE A 154 -5.70 15.44 7.23
CA ILE A 154 -4.30 15.20 6.83
C ILE A 154 -4.24 14.08 5.80
N LEU A 155 -4.87 12.94 6.09
CA LEU A 155 -4.95 11.87 5.11
C LEU A 155 -5.58 12.38 3.82
N ILE A 156 -6.67 13.14 3.93
CA ILE A 156 -7.29 13.73 2.75
C ILE A 156 -6.27 14.54 1.96
N ALA A 157 -5.46 15.34 2.66
CA ALA A 157 -4.38 16.06 2.00
C ALA A 157 -3.48 15.07 1.25
N LEU A 158 -3.00 14.04 1.94
CA LEU A 158 -2.20 13.02 1.28
C LEU A 158 -2.93 12.46 0.07
N TYR A 159 -4.25 12.27 0.19
CA TYR A 159 -5.03 11.78 -0.94
C TYR A 159 -4.85 12.66 -2.17
N VAL A 160 -4.98 13.97 -2.00
CA VAL A 160 -4.83 14.84 -3.16
C VAL A 160 -3.37 14.85 -3.62
N GLY A 161 -2.44 14.62 -2.69
CA GLY A 161 -1.04 14.51 -3.08
C GLY A 161 -0.80 13.34 -4.01
N PHE A 162 -1.76 12.41 -4.10
CA PHE A 162 -1.61 11.29 -5.01
C PHE A 162 -1.77 11.73 -6.46
N TYR A 163 -2.50 12.83 -6.67
CA TYR A 163 -2.78 13.28 -8.07
C TYR A 163 -2.41 14.75 -8.28
N TYR A 164 -2.17 15.52 -7.21
CA TYR A 164 -1.76 16.94 -7.37
C TYR A 164 -0.38 17.02 -8.01
N ASN A 165 0.55 16.15 -7.59
CA ASN A 165 1.94 16.16 -8.13
C ASN A 165 1.92 15.71 -9.59
N VAL A 166 1.07 14.76 -9.94
CA VAL A 166 0.92 14.30 -11.31
C VAL A 166 0.53 15.46 -12.22
N ILE A 167 -0.43 16.28 -11.78
CA ILE A 167 -0.81 17.47 -12.54
C ILE A 167 0.42 18.33 -12.81
N ILE A 168 1.22 18.58 -11.77
CA ILE A 168 2.47 19.31 -11.94
C ILE A 168 3.30 18.66 -13.05
N ALA A 169 3.48 17.34 -12.97
CA ALA A 169 4.23 16.63 -14.00
C ALA A 169 3.69 16.95 -15.39
N TRP A 170 2.36 16.93 -15.53
CA TRP A 170 1.75 17.31 -16.81
C TRP A 170 2.29 18.65 -17.29
N SER A 171 2.16 19.68 -16.45
CA SER A 171 2.68 20.99 -16.82
C SER A 171 4.15 20.91 -17.18
N LEU A 172 4.93 20.16 -16.39
CA LEU A 172 6.35 20.00 -16.70
C LEU A 172 6.53 19.45 -18.11
N TYR A 173 5.77 18.42 -18.46
CA TYR A 173 5.84 17.90 -19.83
C TYR A 173 5.48 18.99 -20.82
N TYR A 174 4.42 19.76 -20.54
CA TYR A 174 4.06 20.87 -21.41
C TYR A 174 5.21 21.88 -21.49
N LEU A 175 5.95 22.06 -20.39
CA LEU A 175 7.13 22.92 -20.43
C LEU A 175 8.13 22.40 -21.47
N PHE A 176 8.36 21.09 -21.48
CA PHE A 176 9.25 20.51 -22.48
C PHE A 176 8.69 20.66 -23.89
N SER A 177 7.37 20.83 -23.99
CA SER A 177 6.74 21.07 -25.28
C SER A 177 6.66 22.56 -25.62
N SER A 178 7.10 23.44 -24.72
CA SER A 178 6.97 24.87 -24.93
C SER A 178 8.21 25.51 -25.54
N PHE A 179 9.38 24.87 -25.44
CA PHE A 179 10.61 25.44 -25.98
C PHE A 179 10.71 25.31 -27.49
N THR A 180 9.89 24.46 -28.11
CA THR A 180 9.93 24.31 -29.56
C THR A 180 9.32 25.53 -30.24
N LEU A 181 9.81 25.82 -31.45
CA LEU A 181 9.28 26.94 -32.21
C LEU A 181 7.85 26.68 -32.69
N ASN A 182 7.52 25.42 -32.96
CA ASN A 182 6.19 25.02 -33.40
C ASN A 182 5.54 24.21 -32.29
N LEU A 183 4.46 24.75 -31.73
CA LEU A 183 3.76 24.06 -30.65
C LEU A 183 3.11 22.78 -31.18
N PRO A 184 3.18 21.68 -30.43
CA PRO A 184 2.59 20.42 -30.93
C PRO A 184 1.08 20.47 -31.02
N TRP A 185 0.41 21.24 -30.17
CA TRP A 185 -1.04 21.34 -30.15
C TRP A 185 -1.58 22.34 -31.18
N THR A 186 -0.78 22.73 -32.16
CA THR A 186 -1.22 23.73 -33.14
C THR A 186 -1.93 23.10 -34.33
N ASP A 187 -1.47 21.95 -34.80
CA ASP A 187 -2.04 21.32 -35.99
C ASP A 187 -1.90 19.81 -35.83
N CYS A 188 -2.09 19.08 -36.94
CA CYS A 188 -2.02 17.63 -36.93
C CYS A 188 -0.78 17.14 -37.68
N GLY A 189 -0.64 15.83 -37.84
CA GLY A 189 0.48 15.28 -38.57
C GLY A 189 1.62 14.75 -37.72
N HIS A 190 1.36 14.45 -36.46
CA HIS A 190 2.39 13.93 -35.57
C HIS A 190 2.18 12.44 -35.32
N THR A 191 3.11 11.85 -34.57
CA THR A 191 3.04 10.41 -34.30
C THR A 191 1.89 10.08 -33.35
N TRP A 192 1.71 10.87 -32.29
CA TRP A 192 0.65 10.58 -31.33
C TRP A 192 -0.73 10.92 -31.88
N ASN A 193 -0.80 11.78 -32.88
CA ASN A 193 -2.09 12.16 -33.45
C ASN A 193 -2.72 10.97 -34.16
N SER A 194 -4.05 10.88 -34.06
CA SER A 194 -4.81 9.82 -34.70
C SER A 194 -5.24 10.26 -36.10
N PRO A 195 -5.65 9.32 -36.95
CA PRO A 195 -6.16 9.71 -38.27
C PRO A 195 -7.35 10.65 -38.19
N ASN A 196 -8.14 10.58 -37.12
CA ASN A 196 -9.26 11.50 -36.92
C ASN A 196 -8.75 12.72 -36.17
N CYS A 197 -8.03 13.57 -36.90
CA CYS A 197 -7.47 14.80 -36.36
C CYS A 197 -7.91 15.96 -37.26
N THR A 198 -8.78 16.82 -36.73
CA THR A 198 -9.39 17.91 -37.50
C THR A 198 -8.71 19.21 -37.10
N ASP A 199 -7.90 19.76 -38.01
CA ASP A 199 -7.25 21.04 -37.79
C ASP A 199 -8.17 22.16 -38.25
N PRO A 200 -8.64 23.03 -37.34
CA PRO A 200 -9.56 24.08 -37.75
C PRO A 200 -8.90 25.17 -38.59
N LYS A 201 -7.59 25.35 -38.46
CA LYS A 201 -6.90 26.39 -39.20
C LYS A 201 -6.98 26.16 -40.71
N LEU A 202 -6.39 25.06 -41.17
CA LEU A 202 -6.37 24.74 -42.60
C LEU A 202 -6.51 23.24 -42.76
N LEU A 203 -7.64 22.81 -43.34
CA LEU A 203 -7.85 21.39 -43.60
C LEU A 203 -8.86 21.21 -44.73
N ASN A 204 -8.39 20.73 -45.89
CA ASN A 204 -9.29 20.51 -47.02
C ASN A 204 -10.20 19.31 -46.76
N GLY A 205 -9.69 18.29 -46.05
CA GLY A 205 -10.50 17.12 -45.75
C GLY A 205 -11.49 17.35 -44.62
N SER A 206 -11.50 18.57 -44.07
CA SER A 206 -12.40 18.88 -42.97
C SER A 206 -13.85 18.89 -43.45
N VAL A 207 -14.65 17.97 -42.93
CA VAL A 207 -16.11 17.95 -43.27
C VAL A 207 -16.87 18.23 -41.97
N LEU A 208 -16.49 19.32 -41.29
CA LEU A 208 -17.11 19.70 -39.99
C LEU A 208 -18.63 19.78 -40.19
N GLY A 209 -19.06 20.24 -41.38
CA GLY A 209 -20.50 20.33 -41.68
C GLY A 209 -21.19 18.97 -41.57
N ASN A 210 -20.43 17.88 -41.41
CA ASN A 210 -21.09 16.58 -41.39
C ASN A 210 -20.41 15.66 -40.39
N HIS A 211 -21.07 14.51 -40.12
CA HIS A 211 -20.57 13.47 -39.23
C HIS A 211 -20.01 14.04 -37.93
N THR A 212 -20.75 14.97 -37.34
CA THR A 212 -20.36 15.63 -36.09
C THR A 212 -21.18 14.98 -34.97
N LYS A 213 -20.59 13.97 -34.33
CA LYS A 213 -21.25 13.26 -33.24
C LYS A 213 -21.52 14.18 -32.07
N TYR A 214 -22.73 14.12 -31.50
CA TYR A 214 -23.11 14.97 -30.38
C TYR A 214 -22.48 14.41 -29.11
N SER A 215 -21.19 14.67 -28.96
CA SER A 215 -20.43 14.21 -27.80
C SER A 215 -19.20 15.09 -27.65
N LYS A 216 -18.39 14.77 -26.63
CA LYS A 216 -17.14 15.55 -26.39
C LYS A 216 -16.23 15.46 -27.62
N TYR A 217 -15.88 16.61 -28.21
CA TYR A 217 -15.00 16.62 -29.39
C TYR A 217 -13.57 16.38 -28.94
N LYS A 218 -13.01 15.21 -29.27
CA LYS A 218 -11.63 14.86 -28.87
C LYS A 218 -10.71 14.94 -30.10
N PHE A 219 -11.28 15.23 -31.27
CA PHE A 219 -10.48 15.25 -32.52
C PHE A 219 -9.84 16.63 -32.73
N THR A 220 -9.61 17.36 -31.64
CA THR A 220 -8.94 18.64 -31.77
C THR A 220 -7.46 18.49 -31.45
N PRO A 221 -6.59 19.27 -32.09
CA PRO A 221 -5.14 19.11 -31.88
C PRO A 221 -4.72 19.17 -30.42
N ALA A 222 -5.27 20.10 -29.64
CA ALA A 222 -4.91 20.19 -28.23
C ALA A 222 -5.38 18.97 -27.45
N ALA A 223 -6.62 18.51 -27.67
CA ALA A 223 -7.12 17.33 -26.98
C ALA A 223 -6.35 16.09 -27.40
N GLU A 224 -6.02 15.99 -28.70
CA GLU A 224 -5.25 14.84 -29.17
C GLU A 224 -3.86 14.82 -28.56
N PHE A 225 -3.23 16.00 -28.44
CA PHE A 225 -1.91 16.05 -27.81
C PHE A 225 -1.99 15.76 -26.31
N TYR A 226 -3.10 16.11 -25.68
CA TYR A 226 -3.25 15.87 -24.26
C TYR A 226 -3.49 14.40 -23.95
N GLU A 227 -4.44 13.77 -24.65
CA GLU A 227 -4.85 12.41 -24.29
C GLU A 227 -3.94 11.36 -24.92
N ARG A 228 -3.35 11.66 -26.08
CA ARG A 228 -2.51 10.69 -26.78
C ARG A 228 -1.02 11.00 -26.68
N GLY A 229 -0.65 12.27 -26.55
CA GLY A 229 0.74 12.64 -26.49
C GLY A 229 1.29 12.75 -25.09
N VAL A 230 0.45 13.14 -24.14
CA VAL A 230 0.86 13.33 -22.76
C VAL A 230 0.43 12.15 -21.89
N LEU A 231 -0.83 11.72 -22.00
CA LEU A 231 -1.35 10.65 -21.17
C LEU A 231 -1.37 9.29 -21.85
N HIS A 232 -1.40 9.26 -23.18
CA HIS A 232 -1.50 8.01 -23.94
C HIS A 232 -2.74 7.21 -23.53
N LEU A 233 -3.87 7.91 -23.42
CA LEU A 233 -5.11 7.26 -23.00
C LEU A 233 -5.61 6.25 -24.02
N HIS A 234 -5.25 6.41 -25.30
CA HIS A 234 -5.71 5.50 -26.34
C HIS A 234 -5.19 4.08 -26.15
N GLU A 235 -4.16 3.89 -25.33
CA GLU A 235 -3.59 2.57 -25.08
C GLU A 235 -4.23 1.87 -23.90
N SER A 236 -5.25 2.46 -23.29
CA SER A 236 -5.95 1.87 -22.15
C SER A 236 -7.44 1.92 -22.41
N SER A 237 -8.10 0.77 -22.29
CA SER A 237 -9.54 0.71 -22.54
C SER A 237 -10.35 1.24 -21.36
N GLY A 238 -9.82 1.17 -20.16
CA GLY A 238 -10.55 1.64 -19.00
C GLY A 238 -9.71 1.54 -17.75
N ILE A 239 -10.39 1.70 -16.60
CA ILE A 239 -9.70 1.63 -15.32
C ILE A 239 -9.27 0.20 -14.98
N HIS A 240 -9.90 -0.80 -15.60
CA HIS A 240 -9.52 -2.18 -15.31
C HIS A 240 -8.16 -2.54 -15.89
N ASP A 241 -7.74 -1.85 -16.96
CA ASP A 241 -6.45 -2.08 -17.60
C ASP A 241 -5.71 -0.74 -17.70
N ILE A 242 -4.96 -0.40 -16.65
CA ILE A 242 -4.22 0.86 -16.64
C ILE A 242 -2.95 0.74 -17.48
N GLY A 243 -2.32 -0.42 -17.46
CA GLY A 243 -1.11 -0.66 -18.23
C GLY A 243 0.14 -0.33 -17.45
N LEU A 244 1.18 0.09 -18.21
CA LEU A 244 2.46 0.47 -17.63
C LEU A 244 2.61 1.98 -17.61
N PRO A 245 3.23 2.53 -16.57
CA PRO A 245 3.39 3.98 -16.47
C PRO A 245 4.26 4.54 -17.59
N GLN A 246 3.85 5.67 -18.14
CA GLN A 246 4.64 6.32 -19.18
C GLN A 246 5.95 6.85 -18.61
N TRP A 247 7.04 6.66 -19.35
CA TRP A 247 8.35 7.03 -18.83
C TRP A 247 8.58 8.53 -18.84
N GLN A 248 7.97 9.26 -19.79
CA GLN A 248 8.04 10.72 -19.74
C GLN A 248 7.38 11.26 -18.48
N LEU A 249 6.14 10.85 -18.21
CA LEU A 249 5.47 11.23 -16.98
C LEU A 249 6.21 10.70 -15.76
N LEU A 250 6.86 9.53 -15.89
CA LEU A 250 7.66 9.00 -14.79
C LEU A 250 8.80 9.95 -14.43
N LEU A 251 9.58 10.37 -15.42
CA LEU A 251 10.67 11.30 -15.16
C LEU A 251 10.16 12.65 -14.67
N CYS A 252 9.03 13.11 -15.21
CA CYS A 252 8.47 14.37 -14.76
C CYS A 252 8.06 14.29 -13.29
N LEU A 253 7.39 13.22 -12.88
CA LEU A 253 7.00 13.06 -11.49
C LEU A 253 8.21 12.90 -10.59
N MET A 254 9.27 12.23 -11.08
CA MET A 254 10.50 12.13 -10.31
C MET A 254 11.12 13.50 -10.07
N VAL A 255 11.17 14.34 -11.11
CA VAL A 255 11.70 15.69 -10.96
C VAL A 255 10.84 16.48 -9.99
N VAL A 256 9.52 16.32 -10.07
CA VAL A 256 8.61 17.07 -9.21
C VAL A 256 8.83 16.68 -7.74
N VAL A 257 8.90 15.38 -7.46
CA VAL A 257 9.07 14.95 -6.08
C VAL A 257 10.47 15.30 -5.57
N ILE A 258 11.47 15.32 -6.44
CA ILE A 258 12.81 15.74 -6.03
C ILE A 258 12.80 17.21 -5.63
N VAL A 259 12.15 18.05 -6.45
CA VAL A 259 12.07 19.48 -6.14
C VAL A 259 11.29 19.69 -4.84
N LEU A 260 10.23 18.91 -4.63
CA LEU A 260 9.45 19.04 -3.41
C LEU A 260 10.26 18.61 -2.18
N TYR A 261 11.06 17.55 -2.32
CA TYR A 261 11.88 17.10 -1.20
C TYR A 261 12.97 18.11 -0.86
N PHE A 262 13.62 18.66 -1.90
CA PHE A 262 14.68 19.64 -1.67
C PHE A 262 14.16 20.99 -1.19
N SER A 263 12.84 21.17 -1.12
CA SER A 263 12.25 22.41 -0.62
C SER A 263 11.64 22.26 0.76
N LEU A 264 11.53 21.03 1.27
CA LEU A 264 10.82 20.81 2.55
C LEU A 264 11.75 20.19 3.59
N TRP A 265 12.79 19.47 3.14
CA TRP A 265 13.67 18.74 4.08
C TRP A 265 14.30 19.69 5.12
N LYS A 266 14.96 20.76 4.67
CA LYS A 266 15.67 21.66 5.61
C LYS A 266 14.63 22.60 6.22
N GLY A 267 13.64 22.04 6.90
CA GLY A 267 12.57 22.87 7.41
C GLY A 267 11.77 23.51 6.30
N VAL A 268 10.84 24.37 6.69
CA VAL A 268 9.99 25.09 5.76
C VAL A 268 10.52 26.52 5.69
N LYS A 269 11.22 26.83 4.61
CA LYS A 269 11.75 28.17 4.38
C LYS A 269 10.71 29.02 3.66
N THR A 270 11.08 30.28 3.39
CA THR A 270 10.19 31.18 2.68
C THR A 270 9.88 30.67 1.27
N SER A 271 10.82 29.92 0.68
CA SER A 271 10.65 29.34 -0.66
C SER A 271 10.30 30.42 -1.68
N GLY A 272 11.23 31.36 -1.86
CA GLY A 272 11.00 32.46 -2.79
C GLY A 272 10.77 32.00 -4.21
N LYS A 273 11.38 30.88 -4.61
CA LYS A 273 11.29 30.37 -5.98
C LYS A 273 9.85 30.29 -6.47
N VAL A 274 8.96 29.72 -5.65
CA VAL A 274 7.57 29.56 -6.07
C VAL A 274 6.69 30.71 -5.56
N VAL A 275 7.02 31.26 -4.39
CA VAL A 275 6.17 32.29 -3.80
C VAL A 275 6.26 33.59 -4.60
N TRP A 276 7.48 34.00 -4.94
CA TRP A 276 7.67 35.23 -5.70
C TRP A 276 6.95 35.16 -7.04
N ILE A 277 6.89 33.97 -7.65
CA ILE A 277 6.15 33.80 -8.89
C ILE A 277 4.66 33.86 -8.62
N THR A 278 4.14 32.94 -7.80
CA THR A 278 2.71 32.84 -7.55
C THR A 278 2.11 34.14 -7.00
N ALA A 279 2.93 35.05 -6.49
CA ALA A 279 2.39 36.30 -5.98
C ALA A 279 1.95 37.24 -7.10
N THR A 280 2.71 37.30 -8.20
CA THR A 280 2.45 38.30 -9.23
C THR A 280 2.14 37.70 -10.60
N LEU A 281 2.90 36.68 -11.00
CA LEU A 281 2.80 36.15 -12.36
C LEU A 281 1.43 35.56 -12.70
N PRO A 282 0.77 34.77 -11.84
CA PRO A 282 -0.56 34.25 -12.23
C PRO A 282 -1.58 35.34 -12.54
N TYR A 283 -1.60 36.43 -11.76
CA TYR A 283 -2.53 37.52 -12.03
C TYR A 283 -2.27 38.13 -13.40
N PHE A 284 -1.01 38.39 -13.73
CA PHE A 284 -0.67 38.97 -15.02
C PHE A 284 -1.05 38.02 -16.16
N VAL A 285 -0.77 36.73 -15.99
CA VAL A 285 -1.08 35.76 -17.04
C VAL A 285 -2.59 35.67 -17.26
N LEU A 286 -3.36 35.62 -16.17
CA LEU A 286 -4.81 35.57 -16.30
C LEU A 286 -5.36 36.83 -16.93
N PHE A 287 -4.79 38.00 -16.58
CA PHE A 287 -5.22 39.24 -17.19
C PHE A 287 -4.96 39.25 -18.70
N VAL A 288 -3.77 38.83 -19.11
CA VAL A 288 -3.43 38.79 -20.53
C VAL A 288 -4.33 37.82 -21.26
N LEU A 289 -4.57 36.65 -20.66
CA LEU A 289 -5.43 35.65 -21.29
C LEU A 289 -6.85 36.18 -21.45
N LEU A 290 -7.39 36.85 -20.43
CA LEU A 290 -8.73 37.38 -20.51
C LEU A 290 -8.82 38.49 -21.56
N VAL A 291 -7.80 39.36 -21.61
CA VAL A 291 -7.81 40.46 -22.58
C VAL A 291 -7.75 39.92 -24.01
N HIS A 292 -6.97 38.86 -24.23
CA HIS A 292 -6.89 38.30 -25.57
C HIS A 292 -8.13 37.47 -25.90
N GLY A 293 -8.79 36.91 -24.88
CA GLY A 293 -9.97 36.09 -25.14
C GLY A 293 -11.20 36.91 -25.43
N VAL A 294 -11.36 38.06 -24.75
CA VAL A 294 -12.54 38.89 -24.99
C VAL A 294 -12.51 39.48 -26.40
N THR A 295 -11.33 39.54 -27.02
CA THR A 295 -11.21 40.04 -28.39
C THR A 295 -11.42 38.95 -29.44
N LEU A 296 -11.55 37.69 -29.02
CA LEU A 296 -11.75 36.61 -29.97
C LEU A 296 -13.13 36.70 -30.61
N PRO A 297 -13.29 36.20 -31.83
CA PRO A 297 -14.60 36.28 -32.50
C PRO A 297 -15.71 35.55 -31.77
N GLY A 298 -15.42 34.38 -31.18
CA GLY A 298 -16.41 33.61 -30.46
C GLY A 298 -16.52 33.94 -28.98
N ALA A 299 -16.08 35.13 -28.55
CA ALA A 299 -16.12 35.46 -27.13
C ALA A 299 -17.55 35.72 -26.66
N SER A 300 -18.39 36.28 -27.54
CA SER A 300 -19.74 36.66 -27.16
C SER A 300 -20.58 35.47 -26.70
N ASN A 301 -20.52 34.37 -27.45
CA ASN A 301 -21.29 33.18 -27.09
C ASN A 301 -20.84 32.63 -25.75
N GLY A 302 -19.53 32.57 -25.52
CA GLY A 302 -19.02 32.07 -24.25
C GLY A 302 -19.40 32.97 -23.09
N ILE A 303 -19.35 34.28 -23.29
CA ILE A 303 -19.75 35.22 -22.24
C ILE A 303 -21.23 35.05 -21.91
N ASN A 304 -22.06 34.90 -22.95
CA ASN A 304 -23.49 34.72 -22.73
C ASN A 304 -23.78 33.41 -22.01
N ALA A 305 -23.02 32.36 -22.33
CA ALA A 305 -23.21 31.09 -21.64
C ALA A 305 -22.74 31.16 -20.20
N TYR A 306 -21.66 31.90 -19.93
CA TYR A 306 -21.14 32.02 -18.58
C TYR A 306 -22.07 32.86 -17.71
N LEU A 307 -22.66 33.91 -18.27
CA LEU A 307 -23.55 34.78 -17.52
C LEU A 307 -24.99 34.28 -17.46
N HIS A 308 -25.31 33.19 -18.15
CA HIS A 308 -26.66 32.66 -18.14
C HIS A 308 -26.90 31.83 -16.89
N ILE A 309 -28.06 32.03 -16.25
CA ILE A 309 -28.41 31.35 -15.01
C ILE A 309 -29.39 30.24 -15.34
N ASP A 310 -28.97 29.00 -15.14
CA ASP A 310 -29.83 27.83 -15.36
C ASP A 310 -30.40 27.38 -14.02
N PHE A 311 -31.64 27.76 -13.75
CA PHE A 311 -32.25 27.44 -12.46
C PHE A 311 -32.55 25.96 -12.30
N TYR A 312 -32.70 25.22 -13.41
CA TYR A 312 -32.95 23.79 -13.31
C TYR A 312 -31.72 23.07 -12.75
N ARG A 313 -30.53 23.63 -12.96
CA ARG A 313 -29.34 23.07 -12.36
C ARG A 313 -29.28 23.36 -10.87
N LEU A 314 -29.76 24.53 -10.44
CA LEU A 314 -29.90 24.81 -9.02
C LEU A 314 -30.93 23.90 -8.37
N LYS A 315 -31.97 23.49 -9.12
CA LYS A 315 -32.94 22.55 -8.58
C LYS A 315 -32.33 21.18 -8.33
N GLU A 316 -31.21 20.88 -9.00
CA GLU A 316 -30.53 19.60 -8.80
C GLU A 316 -29.70 19.64 -7.52
N ALA A 317 -28.88 18.59 -7.33
CA ALA A 317 -28.09 18.46 -6.12
C ALA A 317 -26.59 18.39 -6.37
N THR A 318 -26.16 17.92 -7.55
CA THR A 318 -24.74 17.75 -7.81
C THR A 318 -24.02 19.10 -7.89
N VAL A 319 -24.73 20.14 -8.34
CA VAL A 319 -24.13 21.45 -8.48
C VAL A 319 -23.70 22.00 -7.13
N TRP A 320 -24.55 21.84 -6.11
CA TRP A 320 -24.21 22.33 -4.78
C TRP A 320 -23.01 21.57 -4.20
N ILE A 321 -22.97 20.26 -4.42
CA ILE A 321 -21.84 19.46 -3.93
C ILE A 321 -20.54 19.91 -4.60
N ASP A 322 -20.59 20.11 -5.91
CA ASP A 322 -19.40 20.56 -6.64
C ASP A 322 -18.96 21.94 -6.18
N ALA A 323 -19.92 22.83 -5.94
CA ALA A 323 -19.59 24.18 -5.46
C ALA A 323 -18.95 24.12 -4.08
N ALA A 324 -19.47 23.29 -3.18
CA ALA A 324 -18.89 23.17 -1.85
C ALA A 324 -17.48 22.59 -1.93
N THR A 325 -17.29 21.55 -2.76
CA THR A 325 -15.95 20.97 -2.90
C THR A 325 -14.97 21.98 -3.48
N GLN A 326 -15.41 22.78 -4.45
CA GLN A 326 -14.52 23.78 -5.03
C GLN A 326 -14.20 24.89 -4.02
N ILE A 327 -15.17 25.25 -3.19
CA ILE A 327 -14.92 26.23 -2.13
C ILE A 327 -13.86 25.71 -1.17
N PHE A 328 -14.02 24.47 -0.69
CA PHE A 328 -13.07 23.93 0.26
C PHE A 328 -11.72 23.64 -0.38
N PHE A 329 -11.68 23.48 -1.71
CA PHE A 329 -10.39 23.33 -2.39
C PHE A 329 -9.68 24.67 -2.53
N SER A 330 -10.40 25.70 -2.96
CA SER A 330 -9.79 27.02 -3.17
C SER A 330 -9.38 27.67 -1.86
N LEU A 331 -10.16 27.48 -0.79
CA LEU A 331 -9.85 28.09 0.49
C LEU A 331 -8.92 27.23 1.33
N GLY A 332 -8.61 26.01 0.91
CA GLY A 332 -7.71 25.16 1.65
C GLY A 332 -8.27 24.59 2.93
N ALA A 333 -9.58 24.73 3.16
CA ALA A 333 -10.22 24.19 4.35
C ALA A 333 -10.58 22.73 4.14
N GLY A 334 -10.24 21.90 5.13
CA GLY A 334 -10.48 20.47 5.03
C GLY A 334 -9.27 19.65 4.65
N PHE A 335 -8.08 20.25 4.62
CA PHE A 335 -6.86 19.53 4.32
C PHE A 335 -5.77 19.73 5.35
N GLY A 336 -5.97 20.61 6.33
CA GLY A 336 -4.95 20.89 7.32
C GLY A 336 -3.95 21.95 6.93
N VAL A 337 -4.02 22.47 5.70
CA VAL A 337 -3.06 23.47 5.25
C VAL A 337 -3.28 24.79 5.99
N LEU A 338 -4.53 25.14 6.24
CA LEU A 338 -4.83 26.39 6.94
C LEU A 338 -4.31 26.36 8.36
N ILE A 339 -4.49 25.24 9.06
CA ILE A 339 -4.03 25.13 10.44
C ILE A 339 -2.51 25.23 10.51
N ALA A 340 -1.82 24.52 9.61
CA ALA A 340 -0.36 24.57 9.59
C ALA A 340 0.14 25.96 9.23
N PHE A 341 -0.55 26.63 8.30
CA PHE A 341 -0.18 28.00 7.94
C PHE A 341 -0.32 28.94 9.13
N ALA A 342 -1.45 28.86 9.82
CA ALA A 342 -1.69 29.74 10.96
C ALA A 342 -0.82 29.40 12.16
N SER A 343 -0.34 28.16 12.26
CA SER A 343 0.51 27.79 13.40
C SER A 343 1.85 28.50 13.34
N TYR A 344 2.32 28.86 12.15
CA TYR A 344 3.60 29.55 12.00
C TYR A 344 3.44 31.04 11.76
N ASN A 345 2.31 31.61 12.17
CA ASN A 345 2.09 33.05 12.06
C ASN A 345 2.18 33.70 13.43
N LYS A 346 2.21 35.03 13.43
CA LYS A 346 2.29 35.78 14.67
C LYS A 346 1.00 35.63 15.47
N PHE A 347 1.13 35.68 16.80
CA PHE A 347 -0.03 35.51 17.67
C PHE A 347 -0.99 36.69 17.55
N ASP A 348 -0.48 37.89 17.25
CA ASP A 348 -1.31 39.07 17.12
C ASP A 348 -1.78 39.30 15.69
N ASN A 349 -1.56 38.34 14.78
CA ASN A 349 -2.02 38.49 13.42
C ASN A 349 -3.54 38.45 13.34
N ASN A 350 -4.10 39.39 12.58
CA ASN A 350 -5.56 39.52 12.44
C ASN A 350 -6.03 38.61 11.32
N CYS A 351 -6.64 37.48 11.69
CA CYS A 351 -7.16 36.56 10.70
C CYS A 351 -8.47 37.06 10.09
N TYR A 352 -9.09 38.07 10.68
CA TYR A 352 -10.36 38.58 10.17
C TYR A 352 -10.19 39.26 8.82
N ARG A 353 -9.34 40.29 8.76
CA ARG A 353 -9.09 40.98 7.50
C ARG A 353 -8.44 40.05 6.49
N ASP A 354 -7.53 39.19 6.95
CA ASP A 354 -6.89 38.22 6.07
C ASP A 354 -7.93 37.31 5.41
N ALA A 355 -8.86 36.79 6.20
CA ALA A 355 -9.89 35.90 5.67
C ALA A 355 -10.81 36.65 4.71
N LEU A 356 -11.19 37.87 5.07
CA LEU A 356 -12.05 38.67 4.19
C LEU A 356 -11.40 38.88 2.84
N LEU A 357 -10.15 39.38 2.84
CA LEU A 357 -9.46 39.66 1.59
C LEU A 357 -9.21 38.38 0.81
N THR A 358 -8.85 37.29 1.49
CA THR A 358 -8.61 36.02 0.82
C THR A 358 -9.86 35.54 0.11
N SER A 359 -11.00 35.55 0.81
CA SER A 359 -12.25 35.10 0.19
C SER A 359 -12.64 35.99 -0.97
N SER A 360 -12.54 37.30 -0.81
CA SER A 360 -12.94 38.22 -1.88
C SER A 360 -12.06 38.03 -3.11
N ILE A 361 -10.74 37.99 -2.93
CA ILE A 361 -9.84 37.88 -4.07
C ILE A 361 -9.95 36.49 -4.71
N ASN A 362 -10.20 35.46 -3.91
CA ASN A 362 -10.39 34.13 -4.47
C ASN A 362 -11.65 34.06 -5.31
N CYS A 363 -12.73 34.70 -4.84
CA CYS A 363 -13.96 34.76 -5.62
C CYS A 363 -13.75 35.51 -6.93
N ILE A 364 -13.06 36.65 -6.87
CA ILE A 364 -12.81 37.43 -8.07
C ILE A 364 -11.94 36.64 -9.06
N THR A 365 -10.93 35.95 -8.54
CA THR A 365 -10.05 35.16 -9.39
C THR A 365 -10.80 34.01 -10.04
N SER A 366 -11.65 33.31 -9.27
CA SER A 366 -12.45 32.25 -9.85
C SER A 366 -13.40 32.79 -10.91
N PHE A 367 -14.00 33.96 -10.66
CA PHE A 367 -14.92 34.55 -11.63
C PHE A 367 -14.20 34.88 -12.93
N VAL A 368 -13.04 35.53 -12.85
CA VAL A 368 -12.34 35.91 -14.07
C VAL A 368 -11.77 34.68 -14.77
N SER A 369 -11.39 33.64 -14.01
CA SER A 369 -10.89 32.42 -14.63
C SER A 369 -12.00 31.71 -15.40
N GLY A 370 -13.18 31.60 -14.79
CA GLY A 370 -14.32 31.04 -15.51
C GLY A 370 -14.73 31.87 -16.70
N PHE A 371 -14.63 33.20 -16.59
CA PHE A 371 -14.92 34.07 -17.72
C PHE A 371 -13.98 33.79 -18.89
N ALA A 372 -12.67 33.73 -18.62
CA ALA A 372 -11.71 33.45 -19.69
C ALA A 372 -11.91 32.04 -20.25
N ILE A 373 -12.23 31.08 -19.38
CA ILE A 373 -12.43 29.71 -19.83
C ILE A 373 -13.63 29.63 -20.76
N PHE A 374 -14.73 30.28 -20.41
CA PHE A 374 -15.90 30.27 -21.28
C PHE A 374 -15.65 31.05 -22.56
N SER A 375 -14.81 32.09 -22.50
CA SER A 375 -14.43 32.80 -23.72
C SER A 375 -13.67 31.88 -24.67
N ILE A 376 -12.71 31.11 -24.13
CA ILE A 376 -11.96 30.17 -24.96
C ILE A 376 -12.88 29.08 -25.50
N LEU A 377 -13.84 28.64 -24.68
CA LEU A 377 -14.79 27.63 -25.12
C LEU A 377 -15.64 28.15 -26.27
N GLY A 378 -16.12 29.39 -26.18
CA GLY A 378 -16.87 29.97 -27.27
C GLY A 378 -16.04 30.16 -28.52
N TYR A 379 -14.77 30.51 -28.34
CA TYR A 379 -13.87 30.64 -29.49
C TYR A 379 -13.70 29.30 -30.19
N MET A 380 -13.46 28.24 -29.43
CA MET A 380 -13.29 26.92 -30.03
C MET A 380 -14.59 26.42 -30.64
N ALA A 381 -15.73 26.82 -30.07
CA ALA A 381 -17.02 26.45 -30.64
C ALA A 381 -17.24 27.16 -31.98
N HIS A 382 -16.82 28.42 -32.07
CA HIS A 382 -16.94 29.15 -33.33
C HIS A 382 -15.99 28.59 -34.37
N GLU A 383 -14.79 28.18 -33.96
CA GLU A 383 -13.82 27.66 -34.91
C GLU A 383 -14.20 26.27 -35.39
N HIS A 384 -14.56 25.37 -34.47
CA HIS A 384 -14.85 23.98 -34.81
C HIS A 384 -16.30 23.76 -35.21
N LYS A 385 -17.16 24.77 -35.06
CA LYS A 385 -18.58 24.67 -35.42
C LYS A 385 -19.27 23.55 -34.62
N VAL A 386 -18.99 23.50 -33.33
CA VAL A 386 -19.60 22.55 -32.42
C VAL A 386 -20.26 23.32 -31.28
N ASN A 387 -21.24 22.69 -30.65
CA ASN A 387 -21.93 23.31 -29.52
C ASN A 387 -20.99 23.47 -28.34
N ILE A 388 -21.21 24.53 -27.56
CA ILE A 388 -20.36 24.83 -26.42
C ILE A 388 -20.40 23.72 -25.38
N GLU A 389 -21.56 23.07 -25.24
CA GLU A 389 -21.68 21.98 -24.27
C GLU A 389 -20.80 20.80 -24.63
N ASP A 390 -20.64 20.53 -25.93
CA ASP A 390 -19.86 19.38 -26.39
C ASP A 390 -18.60 19.78 -27.15
N VAL A 391 -18.12 21.01 -26.98
CA VAL A 391 -16.92 21.43 -27.69
C VAL A 391 -15.65 20.92 -27.03
N ALA A 392 -15.68 20.67 -25.72
CA ALA A 392 -14.50 20.20 -25.00
C ALA A 392 -14.93 19.24 -23.90
N THR A 393 -13.95 18.76 -23.15
CA THR A 393 -14.20 17.79 -22.09
C THR A 393 -14.60 18.49 -20.80
N GLU A 394 -15.13 17.71 -19.87
CA GLU A 394 -15.47 18.18 -18.53
C GLU A 394 -14.60 17.53 -17.45
N GLY A 395 -13.42 17.04 -17.83
CA GLY A 395 -12.52 16.39 -16.89
C GLY A 395 -11.45 17.31 -16.37
N ALA A 396 -10.47 16.71 -15.69
CA ALA A 396 -9.38 17.46 -15.07
C ALA A 396 -8.38 17.99 -16.08
N GLY A 397 -8.53 17.68 -17.37
CA GLY A 397 -7.61 18.17 -18.38
C GLY A 397 -8.21 19.20 -19.29
N LEU A 398 -9.21 19.95 -18.78
CA LEU A 398 -9.87 20.95 -19.62
C LEU A 398 -8.96 22.15 -19.87
N VAL A 399 -8.25 22.60 -18.85
CA VAL A 399 -7.39 23.78 -19.01
C VAL A 399 -6.24 23.53 -19.96
N PHE A 400 -5.65 22.33 -19.93
CA PHE A 400 -4.56 21.97 -20.81
C PHE A 400 -4.99 21.80 -22.27
N ILE A 401 -6.27 22.05 -22.57
CA ILE A 401 -6.77 21.99 -23.94
C ILE A 401 -7.21 23.38 -24.35
N LEU A 402 -7.83 24.11 -23.42
CA LEU A 402 -8.33 25.45 -23.71
C LEU A 402 -7.19 26.48 -23.74
N TYR A 403 -6.42 26.54 -22.66
CA TYR A 403 -5.37 27.57 -22.56
C TYR A 403 -4.30 27.45 -23.65
N PRO A 404 -3.79 26.27 -24.00
CA PRO A 404 -2.84 26.20 -25.12
C PRO A 404 -3.41 26.72 -26.44
N GLU A 405 -4.70 26.48 -26.71
CA GLU A 405 -5.31 27.01 -27.92
C GLU A 405 -5.33 28.53 -27.92
N ALA A 406 -5.60 29.14 -26.76
CA ALA A 406 -5.59 30.59 -26.67
C ALA A 406 -4.17 31.14 -26.80
N ILE A 407 -3.19 30.41 -26.26
CA ILE A 407 -1.80 30.85 -26.37
C ILE A 407 -1.33 30.79 -27.81
N SER A 408 -1.76 29.76 -28.55
CA SER A 408 -1.37 29.63 -29.95
C SER A 408 -1.87 30.82 -30.78
N THR A 409 -3.00 31.40 -30.38
CA THR A 409 -3.52 32.58 -31.07
C THR A 409 -2.74 33.84 -30.69
N LEU A 410 -2.12 33.85 -29.51
CA LEU A 410 -1.33 35.00 -29.09
C LEU A 410 -0.09 35.16 -29.97
N SER A 411 0.33 36.41 -30.14
CA SER A 411 1.57 36.68 -30.85
C SER A 411 2.75 36.24 -30.02
N GLY A 412 3.68 35.51 -30.66
CA GLY A 412 4.79 34.91 -29.95
C GLY A 412 4.29 33.84 -28.98
N SER A 413 3.71 32.78 -29.54
CA SER A 413 3.07 31.76 -28.70
C SER A 413 4.07 31.05 -27.81
N THR A 414 5.34 31.00 -28.23
CA THR A 414 6.36 30.29 -27.47
C THR A 414 6.56 30.91 -26.09
N PHE A 415 6.78 32.23 -26.05
CA PHE A 415 7.04 32.90 -24.78
C PHE A 415 5.85 32.81 -23.85
N TRP A 416 4.64 33.05 -24.38
CA TRP A 416 3.45 33.00 -23.55
C TRP A 416 3.20 31.59 -23.03
N ALA A 417 3.43 30.57 -23.87
CA ALA A 417 3.29 29.19 -23.42
C ALA A 417 4.29 28.87 -22.32
N VAL A 418 5.53 29.32 -22.47
CA VAL A 418 6.55 29.09 -21.46
C VAL A 418 6.14 29.73 -20.14
N VAL A 419 5.67 30.99 -20.19
CA VAL A 419 5.29 31.70 -18.99
C VAL A 419 4.09 31.03 -18.31
N PHE A 420 3.14 30.58 -19.14
CA PHE A 420 1.91 29.94 -18.59
C PHE A 420 2.27 28.64 -17.87
N PHE A 421 3.03 27.76 -18.52
CA PHE A 421 3.34 26.44 -17.91
C PHE A 421 4.30 26.63 -16.75
N VAL A 422 5.06 27.74 -16.74
CA VAL A 422 5.96 28.04 -15.59
C VAL A 422 5.08 28.49 -14.41
N MET A 423 4.10 29.37 -14.67
CA MET A 423 3.06 29.73 -13.68
C MET A 423 2.36 28.47 -13.16
N LEU A 424 1.87 27.62 -14.07
CA LEU A 424 1.14 26.39 -13.65
C LEU A 424 2.04 25.54 -12.74
N LEU A 425 3.32 25.40 -13.09
CA LEU A 425 4.24 24.63 -12.26
C LEU A 425 4.40 25.27 -10.89
N ALA A 426 4.50 26.60 -10.85
CA ALA A 426 4.65 27.30 -9.58
C ALA A 426 3.44 27.09 -8.67
N LEU A 427 2.24 27.25 -9.23
CA LEU A 427 1.02 27.05 -8.44
C LEU A 427 0.91 25.61 -7.95
N GLY A 428 1.19 24.65 -8.83
CA GLY A 428 1.11 23.26 -8.42
C GLY A 428 2.10 22.91 -7.33
N LEU A 429 3.34 23.35 -7.50
CA LEU A 429 4.36 23.09 -6.48
C LEU A 429 4.02 23.79 -5.17
N ASP A 430 3.45 24.98 -5.24
CA ASP A 430 3.05 25.69 -4.03
C ASP A 430 1.95 24.93 -3.29
N SER A 431 0.93 24.46 -4.02
CA SER A 431 -0.15 23.71 -3.39
C SER A 431 0.36 22.41 -2.79
N SER A 432 1.19 21.68 -3.53
CA SER A 432 1.74 20.43 -3.02
C SER A 432 2.65 20.66 -1.82
N MET A 433 3.43 21.74 -1.83
CA MET A 433 4.30 22.05 -0.71
C MET A 433 3.48 22.39 0.53
N GLY A 434 2.41 23.17 0.34
CA GLY A 434 1.53 23.47 1.46
C GLY A 434 0.90 22.22 2.05
N GLY A 435 0.42 21.32 1.18
CA GLY A 435 -0.18 20.09 1.68
C GLY A 435 0.80 19.20 2.40
N MET A 436 1.98 18.99 1.82
CA MET A 436 3.00 18.17 2.47
C MET A 436 3.48 18.81 3.76
N GLU A 437 3.60 20.14 3.81
CA GLU A 437 3.98 20.80 5.05
C GLU A 437 2.92 20.63 6.11
N ALA A 438 1.64 20.70 5.73
CA ALA A 438 0.57 20.46 6.68
C ALA A 438 0.65 19.05 7.24
N VAL A 439 0.83 18.06 6.36
CA VAL A 439 0.90 16.67 6.80
C VAL A 439 2.09 16.47 7.74
N ILE A 440 3.26 16.99 7.36
CA ILE A 440 4.46 16.81 8.17
C ILE A 440 4.31 17.51 9.52
N THR A 441 3.73 18.71 9.52
CA THR A 441 3.53 19.44 10.77
C THR A 441 2.57 18.70 11.69
N GLY A 442 1.48 18.18 11.14
CA GLY A 442 0.55 17.40 11.96
C GLY A 442 1.20 16.16 12.55
N LEU A 443 1.88 15.38 11.71
CA LEU A 443 2.49 14.14 12.18
C LEU A 443 3.71 14.38 13.07
N ALA A 444 4.31 15.58 13.03
CA ALA A 444 5.43 15.88 13.91
C ALA A 444 4.95 16.49 15.23
N ASP A 445 3.81 17.18 15.23
CA ASP A 445 3.23 17.63 16.48
C ASP A 445 2.57 16.48 17.22
N ASP A 446 2.05 15.49 16.49
CA ASP A 446 1.54 14.28 17.13
C ASP A 446 2.67 13.44 17.69
N PHE A 447 3.75 13.28 16.93
CA PHE A 447 4.93 12.54 17.35
C PHE A 447 6.13 13.47 17.24
N GLN A 448 6.58 13.99 18.38
CA GLN A 448 7.65 14.98 18.39
C GLN A 448 8.97 14.43 17.90
N VAL A 449 9.14 13.10 17.89
CA VAL A 449 10.39 12.50 17.43
C VAL A 449 10.64 12.86 15.97
N LEU A 450 9.57 12.95 15.17
CA LEU A 450 9.71 13.32 13.77
C LEU A 450 10.23 14.73 13.59
N LYS A 451 10.21 15.56 14.65
CA LYS A 451 10.81 16.87 14.58
C LYS A 451 12.33 16.82 14.53
N ARG A 452 12.93 15.71 14.97
CA ARG A 452 14.38 15.54 14.93
C ARG A 452 14.85 14.75 13.71
N HIS A 453 13.92 14.23 12.91
CA HIS A 453 14.24 13.48 11.70
C HIS A 453 13.38 13.95 10.54
N ARG A 454 13.32 15.27 10.38
CA ARG A 454 12.45 15.86 9.34
C ARG A 454 12.91 15.46 7.95
N LYS A 455 14.22 15.32 7.74
CA LYS A 455 14.72 14.96 6.42
C LYS A 455 14.27 13.56 6.02
N LEU A 456 14.52 12.58 6.89
CA LEU A 456 14.10 11.19 6.62
C LEU A 456 12.57 11.13 6.51
N PHE A 457 11.88 11.88 7.38
CA PHE A 457 10.39 11.89 7.36
C PHE A 457 9.90 12.49 6.04
N THR A 458 10.47 13.63 5.63
CA THR A 458 10.07 14.28 4.37
C THR A 458 10.26 13.29 3.24
N PHE A 459 11.37 12.54 3.25
CA PHE A 459 11.63 11.53 2.20
C PHE A 459 10.50 10.50 2.21
N GLY A 460 10.12 10.02 3.40
CA GLY A 460 9.08 8.99 3.49
C GLY A 460 7.79 9.48 2.86
N VAL A 461 7.36 10.70 3.18
CA VAL A 461 6.09 11.26 2.62
C VAL A 461 6.23 11.37 1.09
N THR A 462 7.29 12.03 0.61
CA THR A 462 7.46 12.25 -0.84
C THR A 462 7.56 10.92 -1.58
N PHE A 463 8.26 9.95 -1.00
CA PHE A 463 8.49 8.66 -1.72
C PHE A 463 7.20 7.84 -1.74
N SER A 464 6.56 7.67 -0.59
CA SER A 464 5.26 6.94 -0.54
C SER A 464 4.31 7.61 -1.53
N THR A 465 4.38 8.93 -1.62
CA THR A 465 3.55 9.70 -2.54
C THR A 465 3.86 9.34 -3.98
N PHE A 466 5.14 9.19 -4.31
CA PHE A 466 5.53 8.79 -5.66
C PHE A 466 5.04 7.38 -5.98
N LEU A 467 5.17 6.45 -5.04
CA LEU A 467 4.73 5.08 -5.27
C LEU A 467 3.22 5.01 -5.49
N LEU A 468 2.48 5.92 -4.85
CA LEU A 468 1.00 5.93 -4.99
C LEU A 468 0.56 6.83 -6.17
N ALA A 469 1.42 7.76 -6.60
CA ALA A 469 1.10 8.63 -7.75
C ALA A 469 1.41 7.92 -9.07
N LEU A 470 2.08 6.76 -9.00
CA LEU A 470 2.42 5.97 -10.20
C LEU A 470 1.11 5.51 -10.89
N PHE A 471 0.08 5.21 -10.11
CA PHE A 471 -1.22 4.77 -10.67
C PHE A 471 -1.78 5.87 -11.56
N CYS A 472 -1.55 7.12 -11.18
CA CYS A 472 -2.13 8.26 -11.94
C CYS A 472 -1.25 8.61 -13.15
N ILE A 473 0.04 8.23 -13.15
CA ILE A 473 0.81 8.56 -14.35
C ILE A 473 0.78 7.43 -15.38
N THR A 474 -0.07 6.43 -15.18
CA THR A 474 -0.16 5.31 -16.11
C THR A 474 -0.86 5.74 -17.40
N LYS A 475 -0.91 4.82 -18.36
CA LYS A 475 -1.61 5.07 -19.62
C LYS A 475 -3.10 5.34 -19.40
N GLY A 476 -3.68 4.84 -18.33
CA GLY A 476 -5.06 5.14 -17.99
C GLY A 476 -5.17 5.74 -16.61
N GLY A 477 -4.13 6.46 -16.18
CA GLY A 477 -4.10 7.05 -14.85
C GLY A 477 -5.06 8.20 -14.67
N ILE A 478 -5.59 8.77 -15.76
CA ILE A 478 -6.55 9.86 -15.64
C ILE A 478 -7.83 9.37 -14.97
N TYR A 479 -8.20 8.11 -15.19
CA TYR A 479 -9.38 7.56 -14.53
C TYR A 479 -9.16 7.46 -13.02
N VAL A 480 -7.99 7.01 -12.59
CA VAL A 480 -7.69 6.95 -11.16
C VAL A 480 -7.61 8.35 -10.59
N LEU A 481 -7.09 9.31 -11.36
CA LEU A 481 -7.03 10.70 -10.90
C LEU A 481 -8.43 11.25 -10.68
N THR A 482 -9.35 10.99 -11.62
CA THR A 482 -10.73 11.43 -11.46
C THR A 482 -11.39 10.74 -10.27
N LEU A 483 -11.12 9.44 -10.10
CA LEU A 483 -11.66 8.70 -8.95
C LEU A 483 -11.21 9.33 -7.65
N LEU A 484 -9.93 9.70 -7.56
CA LEU A 484 -9.43 10.33 -6.34
C LEU A 484 -10.03 11.71 -6.13
N ASP A 485 -10.07 12.53 -7.20
CA ASP A 485 -10.64 13.86 -7.11
C ASP A 485 -12.14 13.85 -6.79
N THR A 486 -12.83 12.74 -7.04
CA THR A 486 -14.26 12.66 -6.80
C THR A 486 -14.62 11.95 -5.50
N PHE A 487 -13.80 11.01 -5.04
CA PHE A 487 -14.15 10.22 -3.85
C PHE A 487 -13.21 10.49 -2.69
N ALA A 488 -11.90 10.49 -2.96
CA ALA A 488 -10.93 10.78 -1.90
C ALA A 488 -11.09 12.22 -1.41
N ALA A 489 -11.43 13.14 -2.31
CA ALA A 489 -11.76 14.51 -1.96
C ALA A 489 -13.20 14.78 -2.38
N GLY A 490 -14.10 14.81 -1.41
CA GLY A 490 -15.52 14.94 -1.69
C GLY A 490 -16.33 13.93 -0.90
N THR A 491 -17.36 14.41 -0.19
CA THR A 491 -18.23 13.61 0.65
C THR A 491 -17.48 13.09 1.88
N SER A 492 -16.18 13.38 1.95
CA SER A 492 -15.39 13.04 3.14
C SER A 492 -14.82 14.29 3.79
N ILE A 493 -14.33 15.23 2.97
CA ILE A 493 -13.86 16.50 3.50
C ILE A 493 -15.01 17.30 4.08
N LEU A 494 -16.20 17.19 3.48
CA LEU A 494 -17.37 17.85 4.04
C LEU A 494 -17.72 17.30 5.41
N PHE A 495 -17.68 15.97 5.57
CA PHE A 495 -17.92 15.36 6.87
C PHE A 495 -16.84 15.78 7.87
N ALA A 496 -15.59 15.87 7.41
CA ALA A 496 -14.50 16.26 8.31
C ALA A 496 -14.70 17.69 8.82
N VAL A 497 -15.01 18.62 7.93
CA VAL A 497 -15.19 20.01 8.35
C VAL A 497 -16.46 20.16 9.17
N LEU A 498 -17.47 19.32 8.90
CA LEU A 498 -18.68 19.33 9.72
C LEU A 498 -18.37 18.90 11.15
N MET A 499 -17.63 17.80 11.30
CA MET A 499 -17.23 17.36 12.62
C MET A 499 -16.36 18.39 13.32
N GLU A 500 -15.48 19.05 12.56
CA GLU A 500 -14.65 20.10 13.15
C GLU A 500 -15.49 21.25 13.67
N ALA A 501 -16.46 21.72 12.87
CA ALA A 501 -17.32 22.82 13.30
C ALA A 501 -18.16 22.42 14.50
N ILE A 502 -18.64 21.18 14.51
CA ILE A 502 -19.44 20.71 15.65
C ILE A 502 -18.59 20.65 16.92
N GLY A 503 -17.35 20.17 16.79
CA GLY A 503 -16.49 20.07 17.96
C GLY A 503 -16.05 21.43 18.48
N VAL A 504 -15.88 22.39 17.58
CA VAL A 504 -15.41 23.72 17.98
C VAL A 504 -16.54 24.58 18.54
N SER A 505 -17.70 24.60 17.89
CA SER A 505 -18.77 25.49 18.30
C SER A 505 -19.62 24.89 19.42
N TRP A 506 -19.90 23.59 19.34
CA TRP A 506 -20.79 22.94 20.30
C TRP A 506 -20.03 22.27 21.45
N PHE A 507 -19.06 21.41 21.13
CA PHE A 507 -18.33 20.71 22.18
C PHE A 507 -17.35 21.63 22.90
N TYR A 508 -16.43 22.25 22.15
CA TYR A 508 -15.48 23.17 22.77
C TYR A 508 -16.18 24.46 23.21
N GLY A 509 -17.05 25.01 22.37
CA GLY A 509 -17.77 26.22 22.72
C GLY A 509 -17.45 27.39 21.83
N VAL A 510 -18.48 27.97 21.20
CA VAL A 510 -18.27 29.14 20.36
C VAL A 510 -17.87 30.34 21.22
N ASP A 511 -18.32 30.37 22.47
CA ASP A 511 -17.95 31.46 23.36
C ASP A 511 -16.46 31.44 23.68
N ARG A 512 -15.92 30.24 23.95
CA ARG A 512 -14.49 30.12 24.21
C ARG A 512 -13.68 30.49 22.97
N PHE A 513 -14.18 30.13 21.79
CA PHE A 513 -13.48 30.49 20.56
C PHE A 513 -13.48 32.00 20.35
N SER A 514 -14.61 32.66 20.64
CA SER A 514 -14.67 34.11 20.54
C SER A 514 -13.74 34.76 21.56
N ASN A 515 -13.65 34.19 22.77
CA ASN A 515 -12.74 34.72 23.76
C ASN A 515 -11.28 34.58 23.32
N ASP A 516 -10.95 33.45 22.67
CA ASP A 516 -9.60 33.26 22.15
C ASP A 516 -9.30 34.26 21.05
N ILE A 517 -10.27 34.50 20.16
CA ILE A 517 -10.07 35.47 19.09
C ILE A 517 -9.90 36.87 19.67
N GLN A 518 -10.64 37.18 20.74
CA GLN A 518 -10.48 38.48 21.40
C GLN A 518 -9.11 38.60 22.05
N GLN A 519 -8.64 37.53 22.68
CA GLN A 519 -7.30 37.55 23.26
C GLN A 519 -6.22 37.72 22.19
N MET A 520 -6.43 37.15 21.01
CA MET A 520 -5.46 37.25 19.93
C MET A 520 -5.45 38.62 19.27
N MET A 521 -6.62 39.10 18.85
CA MET A 521 -6.71 40.31 18.03
C MET A 521 -7.17 41.54 18.81
N GLY A 522 -7.80 41.37 19.95
CA GLY A 522 -8.30 42.50 20.72
C GLY A 522 -9.78 42.78 20.58
N PHE A 523 -10.51 41.98 19.80
CA PHE A 523 -11.94 42.18 19.63
C PHE A 523 -12.62 40.85 19.35
N ARG A 524 -13.89 40.76 19.74
CA ARG A 524 -14.72 39.57 19.54
C ARG A 524 -15.40 39.61 18.17
N PRO A 525 -15.56 38.46 17.53
CA PRO A 525 -16.27 38.43 16.24
C PRO A 525 -17.73 38.81 16.41
N GLY A 526 -18.35 39.24 15.32
CA GLY A 526 -19.74 39.64 15.34
C GLY A 526 -20.67 38.45 15.54
N LEU A 527 -21.94 38.78 15.77
CA LEU A 527 -22.96 37.75 15.96
C LEU A 527 -23.14 36.92 14.69
N TYR A 528 -22.89 37.53 13.52
CA TYR A 528 -22.97 36.81 12.26
C TYR A 528 -21.99 35.63 12.24
N TRP A 529 -20.74 35.87 12.63
CA TRP A 529 -19.74 34.81 12.64
C TRP A 529 -20.11 33.72 13.63
N ARG A 530 -20.66 34.10 14.79
CA ARG A 530 -21.08 33.09 15.77
C ARG A 530 -22.20 32.22 15.23
N LEU A 531 -23.22 32.85 14.63
CA LEU A 531 -24.33 32.10 14.08
C LEU A 531 -23.89 31.20 12.92
N CYS A 532 -22.90 31.66 12.15
CA CYS A 532 -22.38 30.83 11.07
C CYS A 532 -21.62 29.63 11.62
N TRP A 533 -20.73 29.86 12.58
CA TRP A 533 -19.91 28.78 13.12
C TRP A 533 -20.75 27.76 13.88
N LYS A 534 -21.85 28.21 14.49
CA LYS A 534 -22.66 27.33 15.33
C LYS A 534 -23.89 26.77 14.64
N PHE A 535 -24.58 27.57 13.82
CA PHE A 535 -25.85 27.15 13.25
C PHE A 535 -25.81 26.99 11.74
N VAL A 536 -25.40 28.05 11.03
CA VAL A 536 -25.54 28.09 9.57
C VAL A 536 -24.63 27.05 8.92
N SER A 537 -23.32 27.19 9.14
CA SER A 537 -22.36 26.31 8.46
C SER A 537 -22.53 24.85 8.85
N PRO A 538 -22.70 24.47 10.13
CA PRO A 538 -22.93 23.04 10.43
C PRO A 538 -24.19 22.49 9.77
N ALA A 539 -25.28 23.26 9.77
CA ALA A 539 -26.51 22.79 9.15
C ALA A 539 -26.33 22.59 7.64
N PHE A 540 -25.68 23.56 6.98
CA PHE A 540 -25.47 23.43 5.55
C PHE A 540 -24.52 22.28 5.21
N LEU A 541 -23.51 22.05 6.05
CA LEU A 541 -22.60 20.94 5.83
C LEU A 541 -23.32 19.60 5.99
N LEU A 542 -24.14 19.48 7.04
CA LEU A 542 -24.94 18.26 7.20
C LEU A 542 -25.88 18.05 6.02
N PHE A 543 -26.49 19.14 5.53
CA PHE A 543 -27.40 19.04 4.40
C PHE A 543 -26.68 18.55 3.15
N VAL A 544 -25.51 19.13 2.85
CA VAL A 544 -24.80 18.74 1.64
C VAL A 544 -24.25 17.32 1.77
N VAL A 545 -23.87 16.92 2.99
CA VAL A 545 -23.42 15.54 3.19
C VAL A 545 -24.56 14.56 2.96
N VAL A 546 -25.74 14.87 3.49
CA VAL A 546 -26.90 13.99 3.31
C VAL A 546 -27.27 13.92 1.84
N VAL A 547 -27.25 15.06 1.15
CA VAL A 547 -27.67 15.08 -0.26
C VAL A 547 -26.61 14.43 -1.14
N SER A 548 -25.36 14.37 -0.68
CA SER A 548 -24.34 13.63 -1.41
C SER A 548 -24.48 12.13 -1.19
N ILE A 549 -24.87 11.74 0.02
CA ILE A 549 -25.01 10.32 0.33
C ILE A 549 -26.22 9.73 -0.36
N ILE A 550 -27.37 10.42 -0.30
CA ILE A 550 -28.61 9.83 -0.82
C ILE A 550 -28.70 9.98 -2.33
N ASN A 551 -28.09 11.03 -2.89
CA ASN A 551 -28.16 11.31 -4.31
C ASN A 551 -26.82 11.12 -5.01
N PHE A 552 -26.08 10.07 -4.65
CA PHE A 552 -24.80 9.79 -5.30
C PHE A 552 -25.02 9.44 -6.77
N LYS A 553 -24.16 9.98 -7.63
CA LYS A 553 -24.23 9.76 -9.07
C LYS A 553 -23.00 8.98 -9.54
N PRO A 554 -23.15 8.13 -10.56
CA PRO A 554 -22.00 7.37 -11.05
C PRO A 554 -20.98 8.26 -11.72
N LEU A 555 -19.70 7.93 -11.52
CA LEU A 555 -18.62 8.71 -12.09
C LEU A 555 -18.41 8.36 -13.55
N THR A 556 -18.01 9.35 -14.34
CA THR A 556 -17.77 9.16 -15.77
C THR A 556 -16.77 10.20 -16.25
N TYR A 557 -16.08 9.86 -17.34
CA TYR A 557 -15.13 10.78 -17.99
C TYR A 557 -15.84 11.39 -19.20
N ASP A 558 -17.17 11.53 -19.09
CA ASP A 558 -18.03 12.19 -20.06
C ASP A 558 -18.15 11.30 -21.30
N ASP A 559 -17.41 10.20 -21.40
CA ASP A 559 -17.58 9.24 -22.48
C ASP A 559 -17.55 7.80 -21.99
N TYR A 560 -16.95 7.55 -20.82
CA TYR A 560 -16.80 6.20 -20.29
C TYR A 560 -17.38 6.16 -18.88
N ILE A 561 -18.33 5.24 -18.66
CA ILE A 561 -18.98 5.07 -17.37
C ILE A 561 -18.13 4.12 -16.53
N PHE A 562 -17.76 4.57 -15.33
CA PHE A 562 -16.97 3.75 -14.43
C PHE A 562 -17.78 2.55 -13.96
N PRO A 563 -17.13 1.39 -13.78
CA PRO A 563 -17.87 0.21 -13.34
C PRO A 563 -18.32 0.36 -11.90
N PRO A 564 -19.30 -0.44 -11.47
CA PRO A 564 -19.77 -0.33 -10.08
C PRO A 564 -18.68 -0.60 -9.04
N TRP A 565 -17.78 -1.54 -9.32
CA TRP A 565 -16.72 -1.83 -8.36
C TRP A 565 -15.77 -0.65 -8.21
N ALA A 566 -15.60 0.16 -9.27
CA ALA A 566 -14.81 1.37 -9.14
C ALA A 566 -15.46 2.35 -8.17
N ASN A 567 -16.78 2.50 -8.26
CA ASN A 567 -17.50 3.36 -7.31
C ASN A 567 -17.41 2.80 -5.90
N TRP A 568 -17.44 1.47 -5.75
CA TRP A 568 -17.29 0.86 -4.43
C TRP A 568 -15.91 1.12 -3.86
N VAL A 569 -14.87 1.03 -4.69
CA VAL A 569 -13.51 1.32 -4.23
C VAL A 569 -13.38 2.78 -3.86
N GLY A 570 -14.01 3.67 -4.62
CA GLY A 570 -13.97 5.08 -4.28
C GLY A 570 -14.66 5.38 -2.95
N TRP A 571 -15.84 4.78 -2.74
CA TRP A 571 -16.53 4.94 -1.47
C TRP A 571 -15.74 4.34 -0.32
N GLY A 572 -15.02 3.23 -0.56
CA GLY A 572 -14.18 2.68 0.48
C GLY A 572 -13.01 3.58 0.81
N ILE A 573 -12.41 4.20 -0.20
CA ILE A 573 -11.32 5.16 0.04
C ILE A 573 -11.84 6.35 0.84
N ALA A 574 -13.05 6.81 0.52
CA ALA A 574 -13.63 7.92 1.27
C ALA A 574 -13.91 7.52 2.72
N LEU A 575 -14.45 6.31 2.92
CA LEU A 575 -14.73 5.83 4.26
C LEU A 575 -13.45 5.63 5.06
N SER A 576 -12.34 5.29 4.38
CA SER A 576 -11.07 5.12 5.08
C SER A 576 -10.68 6.37 5.85
N SER A 577 -11.10 7.54 5.36
CA SER A 577 -10.86 8.79 6.06
C SER A 577 -12.05 9.21 6.91
N MET A 578 -13.26 8.84 6.50
CA MET A 578 -14.45 9.24 7.26
C MET A 578 -14.52 8.53 8.61
N VAL A 579 -14.27 7.22 8.63
CA VAL A 579 -14.43 6.44 9.86
C VAL A 579 -13.29 6.67 10.84
N LEU A 580 -12.33 7.53 10.52
CA LEU A 580 -11.24 7.80 11.44
C LEU A 580 -11.72 8.50 12.71
N VAL A 581 -12.89 9.15 12.65
CA VAL A 581 -13.42 9.87 13.80
C VAL A 581 -14.03 8.87 14.80
N PRO A 582 -14.96 7.98 14.40
CA PRO A 582 -15.48 7.02 15.39
C PRO A 582 -14.44 6.05 15.89
N ILE A 583 -13.50 5.63 15.02
CA ILE A 583 -12.43 4.74 15.45
C ILE A 583 -11.58 5.41 16.53
N TYR A 584 -11.23 6.68 16.33
CA TYR A 584 -10.43 7.38 17.32
C TYR A 584 -11.24 7.65 18.58
N VAL A 585 -12.55 7.86 18.46
CA VAL A 585 -13.40 8.01 19.64
C VAL A 585 -13.38 6.74 20.48
N ILE A 586 -13.53 5.58 19.83
CA ILE A 586 -13.49 4.31 20.53
C ILE A 586 -12.12 4.09 21.15
N TYR A 587 -11.06 4.45 20.42
CA TYR A 587 -9.70 4.29 20.95
C TYR A 587 -9.49 5.14 22.20
N LYS A 588 -9.96 6.39 22.17
CA LYS A 588 -9.81 7.27 23.33
C LYS A 588 -10.65 6.78 24.49
N PHE A 589 -11.83 6.24 24.21
CA PHE A 589 -12.69 5.73 25.27
C PHE A 589 -12.08 4.50 25.94
N LEU A 590 -11.44 3.64 25.14
CA LEU A 590 -10.85 2.42 25.69
C LEU A 590 -9.50 2.69 26.34
N SER A 591 -8.79 3.74 25.91
CA SER A 591 -7.47 4.04 26.45
C SER A 591 -7.53 4.78 27.77
N THR A 592 -8.64 5.42 28.09
CA THR A 592 -8.78 6.15 29.35
C THR A 592 -9.23 5.22 30.46
N GLN A 593 -8.80 5.53 31.68
CA GLN A 593 -9.09 4.72 32.86
C GLN A 593 -10.09 5.45 33.74
N GLY A 594 -11.16 4.74 34.14
CA GLY A 594 -12.17 5.32 34.98
C GLY A 594 -13.58 4.96 34.56
N SER A 595 -14.57 5.57 35.19
CA SER A 595 -15.96 5.30 34.84
C SER A 595 -16.29 5.87 33.46
N LEU A 596 -17.42 5.43 32.91
CA LEU A 596 -17.83 5.88 31.58
C LEU A 596 -18.04 7.38 31.55
N TRP A 597 -18.67 7.94 32.59
CA TRP A 597 -18.89 9.38 32.64
C TRP A 597 -17.56 10.12 32.79
N GLU A 598 -16.63 9.58 33.58
CA GLU A 598 -15.31 10.19 33.71
C GLU A 598 -14.55 10.13 32.40
N ARG A 599 -14.69 9.03 31.66
CA ARG A 599 -14.03 8.93 30.35
C ARG A 599 -14.61 9.93 29.37
N LEU A 600 -15.94 10.10 29.38
CA LEU A 600 -16.56 11.10 28.51
C LEU A 600 -16.09 12.50 28.88
N ALA A 601 -15.98 12.78 30.19
CA ALA A 601 -15.49 14.09 30.62
C ALA A 601 -14.06 14.32 30.18
N TYR A 602 -13.20 13.30 30.29
CA TYR A 602 -11.83 13.41 29.80
C TYR A 602 -11.81 13.63 28.29
N GLY A 603 -12.73 13.02 27.56
CA GLY A 603 -12.78 13.15 26.13
C GLY A 603 -13.40 14.42 25.60
N ILE A 604 -14.18 15.13 26.42
CA ILE A 604 -14.80 16.39 26.00
C ILE A 604 -14.14 17.61 26.61
N THR A 605 -13.29 17.46 27.66
CA THR A 605 -12.64 18.61 28.26
C THR A 605 -11.23 18.79 27.69
N PRO A 606 -10.72 20.02 27.68
CA PRO A 606 -9.36 20.23 27.18
C PRO A 606 -8.33 19.49 28.00
N GLU A 607 -7.24 19.08 27.34
CA GLU A 607 -6.18 18.35 28.03
C GLU A 607 -5.47 19.21 29.07
N ASN A 608 -5.48 20.54 28.90
CA ASN A 608 -4.87 21.44 29.87
C ASN A 608 -5.80 21.78 31.02
N GLU A 609 -7.03 21.29 31.02
CA GLU A 609 -7.99 21.54 32.09
C GLU A 609 -8.56 20.23 32.64
N HIS A 610 -7.84 19.12 32.44
CA HIS A 610 -8.30 17.83 32.93
C HIS A 610 -8.41 17.80 34.45
N HIS A 611 -7.70 18.68 35.16
CA HIS A 611 -7.87 18.78 36.61
C HIS A 611 -9.29 19.14 36.98
N LEU A 612 -9.99 19.89 36.11
CA LEU A 612 -11.40 20.18 36.35
C LEU A 612 -12.24 18.91 36.41
N VAL A 613 -11.84 17.88 35.67
CA VAL A 613 -12.53 16.59 35.75
C VAL A 613 -12.45 16.03 37.17
N ALA A 614 -11.36 16.33 37.87
CA ALA A 614 -11.26 15.92 39.27
C ALA A 614 -12.23 16.72 40.14
N GLN A 615 -12.47 17.98 39.79
CA GLN A 615 -13.39 18.82 40.54
C GLN A 615 -14.84 18.67 40.08
N ARG A 616 -15.09 17.90 39.02
CA ARG A 616 -16.41 17.61 38.49
C ARG A 616 -17.14 18.86 38.00
N ASP A 617 -16.42 19.96 37.77
CA ASP A 617 -17.03 21.18 37.26
C ASP A 617 -16.83 21.29 35.75
N ILE A 618 -17.40 20.30 35.04
CA ILE A 618 -17.32 20.26 33.58
C ILE A 618 -18.46 21.08 33.02
N ARG A 619 -18.11 22.12 32.24
CA ARG A 619 -19.14 22.98 31.68
C ARG A 619 -19.93 22.30 30.56
N GLN A 620 -19.32 21.34 29.88
CA GLN A 620 -20.02 20.62 28.81
C GLN A 620 -21.19 19.80 29.33
N PHE A 621 -21.21 19.45 30.61
CA PHE A 621 -22.33 18.75 31.22
C PHE A 621 -23.39 19.71 31.75
N GLN A 622 -23.40 20.96 31.28
CA GLN A 622 -24.34 21.97 31.71
C GLN A 622 -25.11 22.47 30.49
N LEU A 623 -26.40 22.73 30.67
CA LEU A 623 -27.23 23.19 29.57
C LEU A 623 -26.85 24.59 29.11
N GLN A 624 -26.21 25.39 29.97
CA GLN A 624 -25.84 26.75 29.59
C GLN A 624 -24.75 26.75 28.53
N HIS A 625 -23.91 25.73 28.51
CA HIS A 625 -22.84 25.67 27.51
C HIS A 625 -23.41 25.44 26.11
N TRP A 626 -24.36 24.52 25.98
CA TRP A 626 -24.94 24.22 24.69
C TRP A 626 -25.88 25.31 24.19
N LEU A 627 -26.43 26.12 25.11
CA LEU A 627 -27.33 27.21 24.75
C LEU A 627 -26.62 28.56 24.73
N ALA A 628 -25.30 28.58 24.60
CA ALA A 628 -24.53 29.80 24.56
C ALA A 628 -24.12 30.11 23.12
N ILE A 629 -24.42 31.32 22.68
CA ILE A 629 -24.07 31.74 21.32
C ILE A 629 -22.93 32.74 21.36
N ARG B 68 14.02 -9.32 30.01
CA ARG B 68 13.46 -10.05 28.87
C ARG B 68 12.95 -11.41 29.31
N GLU B 69 11.78 -11.79 28.82
CA GLU B 69 11.18 -13.07 29.19
C GLU B 69 11.84 -14.22 28.45
N THR B 70 11.75 -15.40 29.05
CA THR B 70 12.34 -16.62 28.50
C THR B 70 11.27 -17.70 28.45
N TRP B 71 11.10 -18.31 27.28
CA TRP B 71 10.10 -19.36 27.10
C TRP B 71 10.47 -20.60 27.89
N ASP B 76 10.89 -25.18 28.68
CA ASP B 76 9.46 -24.90 28.82
C ASP B 76 8.75 -24.98 27.47
N PHE B 77 7.79 -25.89 27.37
CA PHE B 77 7.02 -26.12 26.14
C PHE B 77 7.93 -26.45 24.96
N LEU B 78 9.07 -27.09 25.24
CA LEU B 78 10.04 -27.45 24.21
C LEU B 78 10.42 -28.92 24.29
N LEU B 79 9.87 -29.76 23.43
CA LEU B 79 10.19 -31.19 23.42
C LEU B 79 11.62 -31.36 22.86
N SER B 80 12.09 -32.61 22.78
CA SER B 80 13.42 -32.89 22.25
C SER B 80 13.64 -32.34 20.85
N VAL B 81 12.56 -32.15 20.09
CA VAL B 81 12.62 -31.57 18.75
C VAL B 81 11.71 -30.36 18.71
N VAL B 82 12.25 -29.23 18.23
CA VAL B 82 11.46 -28.00 18.17
C VAL B 82 10.38 -28.14 17.09
N GLY B 83 9.41 -27.23 17.15
CA GLY B 83 8.29 -27.25 16.21
C GLY B 83 8.66 -26.96 14.78
N PHE B 84 9.89 -26.54 14.51
CA PHE B 84 10.33 -26.23 13.15
C PHE B 84 10.45 -27.47 12.28
N ALA B 85 10.45 -28.67 12.87
CA ALA B 85 10.55 -29.89 12.07
C ALA B 85 9.29 -30.10 11.24
N VAL B 86 8.13 -30.09 11.89
CA VAL B 86 6.84 -30.24 11.23
C VAL B 86 6.19 -28.87 11.11
N ASP B 87 5.99 -28.41 9.87
CA ASP B 87 5.41 -27.10 9.62
C ASP B 87 4.63 -27.14 8.32
N LEU B 88 4.14 -25.97 7.92
CA LEU B 88 3.37 -25.88 6.68
C LEU B 88 4.25 -26.13 5.45
N ALA B 89 5.55 -25.84 5.57
CA ALA B 89 6.45 -26.02 4.44
C ALA B 89 6.60 -27.49 4.08
N ASN B 90 6.74 -28.35 5.09
CA ASN B 90 6.92 -29.78 4.82
C ASN B 90 5.62 -30.44 4.38
N VAL B 91 4.49 -29.97 4.89
CA VAL B 91 3.22 -30.63 4.61
C VAL B 91 2.54 -30.06 3.37
N TRP B 92 2.86 -28.83 2.98
CA TRP B 92 2.23 -28.19 1.84
C TRP B 92 3.21 -27.79 0.74
N ARG B 93 4.32 -27.14 1.10
CA ARG B 93 5.23 -26.62 0.08
C ARG B 93 6.12 -27.73 -0.50
N PHE B 94 6.73 -28.52 0.38
CA PHE B 94 7.60 -29.62 -0.06
C PHE B 94 6.90 -30.60 -1.01
N PRO B 95 5.65 -31.04 -0.76
CA PRO B 95 5.02 -31.98 -1.70
C PRO B 95 5.04 -31.52 -3.16
N TYR B 96 4.49 -30.34 -3.42
CA TYR B 96 4.42 -29.89 -4.82
C TYR B 96 5.78 -29.41 -5.32
N LEU B 97 6.63 -28.89 -4.44
CA LEU B 97 7.96 -28.48 -4.88
C LEU B 97 8.80 -29.69 -5.30
N CYS B 98 8.54 -30.84 -4.69
CA CYS B 98 9.23 -32.06 -5.10
C CYS B 98 8.56 -32.68 -6.33
N TYR B 99 7.23 -32.66 -6.38
CA TYR B 99 6.52 -33.21 -7.53
C TYR B 99 6.86 -32.44 -8.80
N LYS B 100 7.16 -31.14 -8.67
CA LYS B 100 7.57 -30.36 -9.83
C LYS B 100 8.92 -30.82 -10.35
N ASN B 101 9.88 -31.07 -9.45
CA ASN B 101 11.23 -31.46 -9.84
C ASN B 101 11.38 -32.98 -9.80
N GLY B 102 10.51 -33.64 -10.57
CA GLY B 102 10.61 -35.08 -10.72
C GLY B 102 10.41 -35.82 -9.40
N GLY B 103 11.33 -36.72 -9.10
CA GLY B 103 11.28 -37.50 -7.88
C GLY B 103 12.46 -37.25 -6.96
N GLY B 104 13.31 -38.26 -6.78
CA GLY B 104 14.51 -38.11 -5.98
C GLY B 104 15.48 -37.09 -6.52
N ALA B 105 15.28 -36.69 -7.78
CA ALA B 105 16.07 -35.62 -8.37
C ALA B 105 15.90 -34.31 -7.63
N PHE B 106 14.82 -34.19 -6.85
CA PHE B 106 14.67 -33.05 -5.94
C PHE B 106 15.17 -33.38 -4.54
N LEU B 107 15.15 -34.67 -4.17
CA LEU B 107 15.57 -35.05 -2.83
C LEU B 107 17.08 -34.91 -2.66
N ILE B 108 17.84 -35.25 -3.68
CA ILE B 108 19.31 -35.20 -3.61
C ILE B 108 19.79 -33.77 -3.34
N PRO B 109 19.38 -32.76 -4.11
CA PRO B 109 19.80 -31.39 -3.78
C PRO B 109 19.24 -30.91 -2.46
N TYR B 110 18.06 -31.39 -2.07
CA TYR B 110 17.48 -31.04 -0.77
C TYR B 110 18.42 -31.44 0.36
N THR B 111 18.78 -32.73 0.42
CA THR B 111 19.69 -33.19 1.47
C THR B 111 21.08 -32.57 1.32
N LEU B 112 21.51 -32.31 0.08
CA LEU B 112 22.81 -31.71 -0.14
C LEU B 112 22.88 -30.32 0.48
N PHE B 113 21.91 -29.46 0.17
CA PHE B 113 21.85 -28.14 0.77
C PHE B 113 21.47 -28.18 2.24
N LEU B 114 20.91 -29.29 2.72
CA LEU B 114 20.62 -29.43 4.14
C LEU B 114 21.87 -29.73 4.96
N ILE B 115 22.76 -30.59 4.45
CA ILE B 115 23.91 -31.00 5.24
C ILE B 115 25.00 -29.93 5.25
N ILE B 116 25.09 -29.10 4.21
CA ILE B 116 26.18 -28.13 4.11
C ILE B 116 25.71 -26.68 4.23
N ALA B 117 24.45 -26.38 3.92
CA ALA B 117 23.99 -25.00 3.96
C ALA B 117 22.86 -24.81 4.96
N GLY B 118 21.85 -25.68 4.93
CA GLY B 118 20.70 -25.54 5.80
C GLY B 118 21.02 -25.69 7.28
N MET B 119 21.62 -26.83 7.65
CA MET B 119 21.94 -27.07 9.05
C MET B 119 22.97 -26.09 9.60
N PRO B 120 24.06 -25.76 8.91
CA PRO B 120 24.99 -24.77 9.46
C PRO B 120 24.36 -23.40 9.68
N LEU B 121 23.58 -22.91 8.72
CA LEU B 121 22.94 -21.61 8.89
C LEU B 121 21.88 -21.66 9.99
N PHE B 122 21.18 -22.79 10.11
CA PHE B 122 20.24 -22.96 11.21
C PHE B 122 20.95 -22.84 12.55
N TYR B 123 22.06 -23.56 12.71
CA TYR B 123 22.83 -23.50 13.95
C TYR B 123 23.35 -22.08 14.20
N MET B 124 23.81 -21.40 13.13
CA MET B 124 24.36 -20.06 13.29
C MET B 124 23.27 -19.10 13.76
N GLU B 125 22.10 -19.14 13.14
CA GLU B 125 21.02 -18.24 13.54
C GLU B 125 20.55 -18.54 14.95
N LEU B 126 20.46 -19.82 15.32
CA LEU B 126 20.05 -20.17 16.67
C LEU B 126 21.05 -19.66 17.71
N ALA B 127 22.34 -19.88 17.46
CA ALA B 127 23.35 -19.42 18.40
C ALA B 127 23.38 -17.90 18.49
N LEU B 128 23.20 -17.21 17.36
CA LEU B 128 23.20 -15.75 17.39
C LEU B 128 22.00 -15.21 18.17
N GLY B 129 20.82 -15.79 17.94
CA GLY B 129 19.64 -15.36 18.68
C GLY B 129 19.74 -15.66 20.15
N GLN B 130 20.40 -16.77 20.51
CA GLN B 130 20.56 -17.11 21.92
C GLN B 130 21.62 -16.26 22.60
N TYR B 131 22.64 -15.81 21.88
CA TYR B 131 23.71 -15.02 22.47
C TYR B 131 23.39 -13.54 22.55
N ASN B 132 22.79 -12.96 21.50
CA ASN B 132 22.53 -11.53 21.49
C ASN B 132 21.27 -11.14 22.25
N ARG B 133 20.34 -12.07 22.48
CA ARG B 133 19.12 -11.81 23.23
C ARG B 133 18.33 -10.67 22.60
N GLU B 134 18.31 -10.63 21.27
CA GLU B 134 17.68 -9.56 20.53
C GLU B 134 16.88 -10.13 19.37
N GLY B 135 16.13 -9.25 18.69
CA GLY B 135 15.30 -9.64 17.58
C GLY B 135 16.10 -9.90 16.31
N ALA B 136 15.37 -10.10 15.22
CA ALA B 136 16.00 -10.43 13.95
C ALA B 136 16.86 -9.28 13.43
N ALA B 137 16.50 -8.05 13.77
CA ALA B 137 17.23 -6.89 13.28
C ALA B 137 18.32 -6.41 14.23
N THR B 138 18.04 -6.41 15.53
CA THR B 138 18.96 -5.88 16.52
C THR B 138 20.17 -6.77 16.78
N VAL B 139 20.10 -8.06 16.45
CA VAL B 139 21.24 -8.95 16.61
C VAL B 139 22.46 -8.49 15.82
N TRP B 140 22.28 -7.55 14.89
CA TRP B 140 23.38 -6.95 14.16
C TRP B 140 24.04 -5.80 14.92
N LYS B 141 23.85 -5.73 16.24
CA LYS B 141 24.58 -4.75 17.04
C LYS B 141 26.09 -5.00 17.01
N ILE B 142 26.51 -6.20 16.60
CA ILE B 142 27.93 -6.50 16.48
C ILE B 142 28.48 -6.01 15.15
N CYS B 143 27.60 -5.78 14.17
CA CYS B 143 27.99 -5.26 12.85
C CYS B 143 26.81 -4.50 12.28
N PRO B 144 26.77 -3.18 12.49
CA PRO B 144 25.59 -2.40 12.05
C PRO B 144 25.40 -2.34 10.55
N PHE B 145 26.48 -2.48 9.77
CA PHE B 145 26.38 -2.39 8.31
C PHE B 145 25.50 -3.47 7.71
N PHE B 146 25.22 -4.55 8.44
CA PHE B 146 24.33 -5.60 7.97
C PHE B 146 23.00 -5.59 8.69
N LYS B 147 22.73 -4.57 9.52
CA LYS B 147 21.45 -4.50 10.22
C LYS B 147 20.27 -4.42 9.26
N GLY B 148 20.44 -3.80 8.10
CA GLY B 148 19.40 -3.81 7.09
C GLY B 148 18.99 -5.21 6.70
N VAL B 149 19.93 -6.15 6.70
CA VAL B 149 19.58 -7.55 6.45
C VAL B 149 18.54 -8.02 7.46
N GLY B 150 18.74 -7.68 8.74
CA GLY B 150 17.75 -8.04 9.75
C GLY B 150 16.38 -7.46 9.45
N TYR B 151 16.34 -6.32 8.76
CA TYR B 151 15.06 -5.81 8.29
C TYR B 151 14.52 -6.66 7.14
N ALA B 152 15.37 -6.94 6.15
CA ALA B 152 14.91 -7.59 4.92
C ALA B 152 14.18 -8.89 5.21
N VAL B 153 14.83 -9.81 5.94
CA VAL B 153 14.20 -11.07 6.28
C VAL B 153 12.86 -10.84 6.95
N ILE B 154 12.79 -9.87 7.87
CA ILE B 154 11.51 -9.54 8.51
C ILE B 154 10.48 -9.20 7.46
N LEU B 155 10.81 -8.28 6.55
CA LEU B 155 9.91 -7.98 5.44
C LEU B 155 9.56 -9.24 4.67
N ILE B 156 10.57 -10.07 4.38
CA ILE B 156 10.32 -11.34 3.71
C ILE B 156 9.29 -12.16 4.48
N ALA B 157 9.45 -12.22 5.81
CA ALA B 157 8.43 -12.87 6.63
C ALA B 157 7.07 -12.27 6.37
N LEU B 158 6.95 -10.93 6.47
CA LEU B 158 5.70 -10.27 6.15
C LEU B 158 5.20 -10.67 4.77
N TYR B 159 6.13 -10.80 3.80
CA TYR B 159 5.75 -11.21 2.47
C TYR B 159 5.00 -12.54 2.49
N VAL B 160 5.55 -13.54 3.19
CA VAL B 160 4.85 -14.82 3.22
C VAL B 160 3.57 -14.71 4.01
N GLY B 161 3.51 -13.78 4.98
CA GLY B 161 2.27 -13.54 5.69
C GLY B 161 1.17 -13.05 4.79
N PHE B 162 1.52 -12.60 3.58
CA PHE B 162 0.50 -12.17 2.63
C PHE B 162 -0.28 -13.35 2.08
N TYR B 163 0.34 -14.53 2.07
CA TYR B 163 -0.32 -15.71 1.46
C TYR B 163 -0.35 -16.92 2.42
N TYR B 164 0.43 -16.88 3.50
CA TYR B 164 0.41 -18.00 4.49
C TYR B 164 -0.96 -18.06 5.18
N ASN B 165 -1.51 -16.90 5.55
CA ASN B 165 -2.82 -16.84 6.26
C ASN B 165 -3.93 -17.29 5.32
N VAL B 166 -3.84 -16.93 4.04
CA VAL B 166 -4.80 -17.35 3.04
C VAL B 166 -4.87 -18.87 2.97
N ILE B 167 -3.71 -19.54 2.95
CA ILE B 167 -3.68 -20.99 2.98
C ILE B 167 -4.47 -21.51 4.17
N ILE B 168 -4.23 -20.94 5.36
CA ILE B 168 -5.01 -21.31 6.54
C ILE B 168 -6.50 -21.18 6.23
N ALA B 169 -6.91 -20.03 5.69
CA ALA B 169 -8.31 -19.82 5.33
C ALA B 169 -8.82 -20.97 4.46
N TRP B 170 -8.03 -21.38 3.47
CA TRP B 170 -8.42 -22.52 2.65
C TRP B 170 -8.75 -23.72 3.51
N SER B 171 -7.83 -24.13 4.39
CA SER B 171 -8.10 -25.25 5.28
C SER B 171 -9.35 -25.00 6.09
N LEU B 172 -9.54 -23.77 6.59
CA LEU B 172 -10.74 -23.45 7.34
C LEU B 172 -11.99 -23.72 6.51
N TYR B 173 -11.99 -23.28 5.24
CA TYR B 173 -13.09 -23.60 4.37
C TYR B 173 -13.27 -25.11 4.24
N TYR B 174 -12.17 -25.84 4.06
CA TYR B 174 -12.24 -27.29 4.01
C TYR B 174 -12.81 -27.85 5.30
N LEU B 175 -12.52 -27.20 6.44
CA LEU B 175 -13.11 -27.61 7.69
C LEU B 175 -14.63 -27.51 7.62
N PHE B 176 -15.14 -26.40 7.06
CA PHE B 176 -16.58 -26.25 6.90
C PHE B 176 -17.13 -27.28 5.92
N SER B 177 -16.27 -27.81 5.04
CA SER B 177 -16.68 -28.87 4.14
C SER B 177 -16.48 -30.27 4.72
N SER B 178 -15.93 -30.36 5.93
CA SER B 178 -15.62 -31.66 6.52
C SER B 178 -16.72 -32.19 7.44
N PHE B 179 -17.60 -31.32 7.95
CA PHE B 179 -18.65 -31.76 8.85
C PHE B 179 -19.81 -32.44 8.14
N THR B 180 -19.90 -32.32 6.82
CA THR B 180 -20.97 -32.97 6.08
C THR B 180 -20.71 -34.47 5.99
N LEU B 181 -21.81 -35.24 5.91
CA LEU B 181 -21.69 -36.68 5.79
C LEU B 181 -21.13 -37.09 4.44
N ASN B 182 -21.42 -36.32 3.39
CA ASN B 182 -20.92 -36.58 2.04
C ASN B 182 -19.92 -35.50 1.68
N LEU B 183 -18.67 -35.90 1.49
CA LEU B 183 -17.63 -34.94 1.15
C LEU B 183 -17.88 -34.37 -0.25
N PRO B 184 -17.69 -33.06 -0.44
CA PRO B 184 -17.95 -32.48 -1.77
C PRO B 184 -16.99 -32.97 -2.85
N TRP B 185 -15.75 -33.27 -2.48
CA TRP B 185 -14.73 -33.72 -3.42
C TRP B 185 -14.83 -35.21 -3.74
N THR B 186 -15.95 -35.86 -3.44
CA THR B 186 -16.07 -37.30 -3.67
C THR B 186 -16.57 -37.62 -5.07
N ASP B 187 -17.51 -36.84 -5.59
CA ASP B 187 -18.11 -37.13 -6.89
C ASP B 187 -18.48 -35.80 -7.55
N CYS B 188 -19.30 -35.87 -8.60
CA CYS B 188 -19.72 -34.68 -9.34
C CYS B 188 -21.19 -34.39 -9.10
N GLY B 189 -21.73 -33.39 -9.78
CA GLY B 189 -23.14 -33.07 -9.66
C GLY B 189 -23.45 -31.89 -8.76
N HIS B 190 -22.48 -31.02 -8.49
CA HIS B 190 -22.69 -29.85 -7.64
C HIS B 190 -22.76 -28.59 -8.49
N THR B 191 -23.01 -27.47 -7.80
CA THR B 191 -23.14 -26.19 -8.50
C THR B 191 -21.80 -25.71 -9.04
N TRP B 192 -20.74 -25.81 -8.23
CA TRP B 192 -19.44 -25.33 -8.66
C TRP B 192 -18.80 -26.25 -9.69
N ASN B 193 -19.23 -27.51 -9.75
CA ASN B 193 -18.66 -28.44 -10.71
C ASN B 193 -19.02 -28.04 -12.13
N SER B 194 -18.09 -28.24 -13.04
CA SER B 194 -18.28 -27.95 -14.46
C SER B 194 -18.85 -29.16 -15.18
N PRO B 195 -19.40 -28.97 -16.37
CA PRO B 195 -19.86 -30.15 -17.14
C PRO B 195 -18.78 -31.16 -17.41
N ASN B 196 -17.52 -30.73 -17.50
CA ASN B 196 -16.39 -31.62 -17.67
C ASN B 196 -15.90 -32.07 -16.30
N CYS B 197 -16.68 -32.96 -15.69
CA CYS B 197 -16.37 -33.52 -14.37
C CYS B 197 -16.39 -35.04 -14.48
N THR B 198 -15.22 -35.66 -14.37
CA THR B 198 -15.07 -37.10 -14.55
C THR B 198 -14.92 -37.76 -13.18
N ASP B 199 -15.96 -38.48 -12.75
CA ASP B 199 -15.91 -39.22 -11.51
C ASP B 199 -15.32 -40.61 -11.75
N PRO B 200 -14.16 -40.91 -11.17
CA PRO B 200 -13.55 -42.23 -11.43
C PRO B 200 -14.29 -43.38 -10.78
N LYS B 201 -15.05 -43.11 -9.71
CA LYS B 201 -15.76 -44.18 -9.01
C LYS B 201 -16.80 -44.83 -9.91
N LEU B 202 -17.81 -44.05 -10.33
CA LEU B 202 -18.88 -44.57 -11.17
C LEU B 202 -19.28 -43.49 -12.16
N LEU B 203 -19.04 -43.74 -13.45
CA LEU B 203 -19.44 -42.81 -14.49
C LEU B 203 -19.59 -43.54 -15.82
N ASN B 204 -20.83 -43.67 -16.31
CA ASN B 204 -21.06 -44.33 -17.59
C ASN B 204 -20.58 -43.46 -18.74
N GLY B 205 -20.69 -42.14 -18.60
CA GLY B 205 -20.24 -41.25 -19.66
C GLY B 205 -18.73 -41.08 -19.68
N SER B 206 -18.02 -41.74 -18.77
CA SER B 206 -16.57 -41.62 -18.71
C SER B 206 -15.92 -42.26 -19.93
N VAL B 207 -15.26 -41.45 -20.75
CA VAL B 207 -14.51 -41.99 -21.92
C VAL B 207 -13.03 -41.70 -21.67
N LEU B 208 -12.54 -42.11 -20.50
CA LEU B 208 -11.12 -41.87 -20.11
C LEU B 208 -10.22 -42.43 -21.23
N GLY B 209 -10.63 -43.54 -21.83
CA GLY B 209 -9.85 -44.15 -22.92
C GLY B 209 -9.66 -43.18 -24.07
N ASN B 210 -10.33 -42.03 -24.07
CA ASN B 210 -10.21 -41.15 -25.23
C ASN B 210 -10.21 -39.69 -24.79
N HIS B 211 -9.87 -38.81 -25.73
CA HIS B 211 -9.86 -37.35 -25.53
C HIS B 211 -9.19 -36.96 -24.21
N THR B 212 -8.05 -37.57 -23.94
CA THR B 212 -7.27 -37.32 -22.72
C THR B 212 -6.11 -36.40 -23.10
N LYS B 213 -6.32 -35.09 -22.94
CA LYS B 213 -5.31 -34.10 -23.28
C LYS B 213 -4.08 -34.27 -22.40
N TYR B 214 -2.89 -34.22 -23.01
CA TYR B 214 -1.63 -34.39 -22.28
C TYR B 214 -1.31 -33.09 -21.55
N SER B 215 -2.02 -32.88 -20.43
CA SER B 215 -1.84 -31.70 -19.61
C SER B 215 -2.34 -32.00 -18.20
N LYS B 216 -2.28 -30.99 -17.34
CA LYS B 216 -2.74 -31.16 -15.94
C LYS B 216 -4.23 -31.52 -15.94
N TYR B 217 -4.58 -32.67 -15.35
CA TYR B 217 -5.99 -33.10 -15.29
C TYR B 217 -6.71 -32.29 -14.22
N LYS B 218 -7.62 -31.40 -14.63
CA LYS B 218 -8.36 -30.55 -13.66
C LYS B 218 -9.80 -31.05 -13.57
N PHE B 219 -10.16 -32.06 -14.36
CA PHE B 219 -11.57 -32.55 -14.39
C PHE B 219 -11.79 -33.60 -13.31
N THR B 220 -10.99 -33.54 -12.23
CA THR B 220 -11.21 -34.46 -11.13
C THR B 220 -12.03 -33.79 -10.03
N PRO B 221 -12.86 -34.54 -9.31
CA PRO B 221 -13.73 -33.92 -8.29
C PRO B 221 -12.99 -33.07 -7.28
N ALA B 222 -11.84 -33.54 -6.78
CA ALA B 222 -11.08 -32.74 -5.83
C ALA B 222 -10.55 -31.46 -6.44
N ALA B 223 -9.97 -31.54 -7.64
CA ALA B 223 -9.46 -30.34 -8.30
C ALA B 223 -10.59 -29.38 -8.66
N GLU B 224 -11.74 -29.92 -9.08
CA GLU B 224 -12.87 -29.07 -9.40
C GLU B 224 -13.40 -28.36 -8.16
N PHE B 225 -13.44 -29.07 -7.03
CA PHE B 225 -13.88 -28.44 -5.78
C PHE B 225 -12.86 -27.41 -5.30
N TYR B 226 -11.57 -27.64 -5.58
CA TYR B 226 -10.55 -26.70 -5.13
C TYR B 226 -10.56 -25.43 -5.96
N GLU B 227 -10.56 -25.54 -7.29
CA GLU B 227 -10.39 -24.37 -8.13
C GLU B 227 -11.70 -23.63 -8.38
N ARG B 228 -12.83 -24.35 -8.36
CA ARG B 228 -14.12 -23.74 -8.63
C ARG B 228 -14.98 -23.56 -7.39
N GLY B 229 -14.82 -24.42 -6.38
CA GLY B 229 -15.62 -24.33 -5.18
C GLY B 229 -15.00 -23.51 -4.08
N VAL B 230 -13.67 -23.52 -4.00
CA VAL B 230 -12.95 -22.81 -2.96
C VAL B 230 -12.35 -21.51 -3.48
N LEU B 231 -11.69 -21.54 -4.65
CA LEU B 231 -11.03 -20.36 -5.19
C LEU B 231 -11.83 -19.66 -6.27
N HIS B 232 -12.75 -20.37 -6.93
CA HIS B 232 -13.53 -19.81 -8.04
C HIS B 232 -12.61 -19.26 -9.14
N LEU B 233 -11.59 -20.04 -9.50
CA LEU B 233 -10.63 -19.62 -10.50
C LEU B 233 -11.25 -19.50 -11.88
N HIS B 234 -12.34 -20.22 -12.15
CA HIS B 234 -12.99 -20.17 -13.46
C HIS B 234 -13.58 -18.80 -13.78
N GLU B 235 -13.75 -17.94 -12.78
CA GLU B 235 -14.30 -16.61 -12.99
C GLU B 235 -13.22 -15.56 -13.26
N SER B 236 -11.96 -15.97 -13.35
CA SER B 236 -10.85 -15.07 -13.61
C SER B 236 -10.02 -15.63 -14.75
N SER B 237 -9.77 -14.80 -15.77
CA SER B 237 -8.99 -15.26 -16.92
C SER B 237 -7.50 -15.25 -16.64
N GLY B 238 -7.03 -14.40 -15.73
CA GLY B 238 -5.62 -14.34 -15.43
C GLY B 238 -5.35 -13.37 -14.31
N ILE B 239 -4.07 -13.04 -14.15
CA ILE B 239 -3.65 -12.11 -13.10
C ILE B 239 -4.08 -10.68 -13.42
N HIS B 240 -4.33 -10.36 -14.69
CA HIS B 240 -4.73 -9.01 -15.05
C HIS B 240 -6.15 -8.71 -14.57
N ASP B 241 -7.00 -9.73 -14.42
CA ASP B 241 -8.37 -9.55 -13.94
C ASP B 241 -8.60 -10.49 -12.75
N ILE B 242 -8.28 -10.01 -11.56
CA ILE B 242 -8.47 -10.82 -10.36
C ILE B 242 -9.93 -10.85 -9.95
N GLY B 243 -10.63 -9.74 -10.13
CA GLY B 243 -12.04 -9.66 -9.78
C GLY B 243 -12.27 -9.19 -8.36
N LEU B 244 -13.37 -9.68 -7.77
CA LEU B 244 -13.76 -9.33 -6.41
C LEU B 244 -13.45 -10.49 -5.47
N PRO B 245 -13.01 -10.20 -4.24
CA PRO B 245 -12.67 -11.28 -3.31
C PRO B 245 -13.90 -12.10 -2.93
N GLN B 246 -13.72 -13.41 -2.85
CA GLN B 246 -14.80 -14.30 -2.45
C GLN B 246 -15.15 -14.07 -0.99
N TRP B 247 -16.46 -14.05 -0.70
CA TRP B 247 -16.89 -13.73 0.66
C TRP B 247 -16.66 -14.88 1.64
N GLN B 248 -16.71 -16.13 1.16
CA GLN B 248 -16.37 -17.25 2.03
C GLN B 248 -14.91 -17.16 2.46
N LEU B 249 -14.00 -17.00 1.51
CA LEU B 249 -12.59 -16.82 1.84
C LEU B 249 -12.37 -15.53 2.64
N LEU B 250 -13.20 -14.51 2.39
CA LEU B 250 -13.11 -13.28 3.18
C LEU B 250 -13.38 -13.56 4.66
N LEU B 251 -14.49 -14.23 4.95
CA LEU B 251 -14.82 -14.55 6.34
C LEU B 251 -13.79 -15.49 6.95
N CYS B 252 -13.28 -16.43 6.16
CA CYS B 252 -12.26 -17.35 6.67
C CYS B 252 -10.99 -16.60 7.05
N LEU B 253 -10.54 -15.68 6.19
CA LEU B 253 -9.34 -14.90 6.49
C LEU B 253 -9.59 -13.98 7.68
N MET B 254 -10.80 -13.44 7.80
CA MET B 254 -11.13 -12.62 8.97
C MET B 254 -11.02 -13.44 10.26
N VAL B 255 -11.58 -14.65 10.25
CA VAL B 255 -11.49 -15.51 11.43
C VAL B 255 -10.02 -15.83 11.73
N VAL B 256 -9.23 -16.10 10.68
CA VAL B 256 -7.83 -16.45 10.87
C VAL B 256 -7.06 -15.30 11.51
N VAL B 257 -7.25 -14.08 10.98
CA VAL B 257 -6.52 -12.94 11.52
C VAL B 257 -7.01 -12.59 12.92
N ILE B 258 -8.29 -12.82 13.21
CA ILE B 258 -8.80 -12.60 14.56
C ILE B 258 -8.14 -13.56 15.54
N VAL B 259 -8.06 -14.84 15.16
CA VAL B 259 -7.42 -15.83 16.03
C VAL B 259 -5.94 -15.49 16.22
N LEU B 260 -5.28 -15.02 15.17
CA LEU B 260 -3.88 -14.66 15.27
C LEU B 260 -3.68 -13.45 16.18
N TYR B 261 -4.59 -12.47 16.10
CA TYR B 261 -4.48 -11.29 16.95
C TYR B 261 -4.73 -11.63 18.41
N PHE B 262 -5.74 -12.47 18.67
CA PHE B 262 -6.05 -12.86 20.04
C PHE B 262 -5.02 -13.81 20.65
N SER B 263 -4.03 -14.25 19.86
CA SER B 263 -2.98 -15.13 20.37
C SER B 263 -1.64 -14.41 20.51
N LEU B 264 -1.53 -13.18 20.01
CA LEU B 264 -0.22 -12.49 20.01
C LEU B 264 -0.29 -11.19 20.81
N TRP B 265 -1.48 -10.59 20.92
CA TRP B 265 -1.61 -9.26 21.58
C TRP B 265 -1.07 -9.31 23.02
N LYS B 266 -1.56 -10.23 23.85
CA LYS B 266 -1.16 -10.27 25.28
C LYS B 266 0.20 -10.96 25.36
N GLY B 267 1.20 -10.39 24.70
CA GLY B 267 2.49 -11.04 24.64
C GLY B 267 2.42 -12.37 23.91
N VAL B 268 3.54 -13.07 23.92
CA VAL B 268 3.66 -14.38 23.28
C VAL B 268 3.62 -15.43 24.39
N LYS B 269 2.47 -16.08 24.53
CA LYS B 269 2.30 -17.13 25.52
C LYS B 269 2.71 -18.48 24.93
N THR B 270 2.60 -19.54 25.74
CA THR B 270 2.94 -20.87 25.26
C THR B 270 2.05 -21.31 24.12
N SER B 271 0.81 -20.80 24.07
CA SER B 271 -0.15 -21.10 23.01
C SER B 271 -0.35 -22.61 22.87
N GLY B 272 -0.86 -23.22 23.94
CA GLY B 272 -1.07 -24.66 23.94
C GLY B 272 -2.01 -25.13 22.86
N LYS B 273 -2.99 -24.29 22.48
CA LYS B 273 -4.00 -24.64 21.49
C LYS B 273 -3.39 -25.22 20.21
N VAL B 274 -2.38 -24.55 19.67
CA VAL B 274 -1.77 -25.00 18.43
C VAL B 274 -0.53 -25.86 18.68
N VAL B 275 0.21 -25.60 19.76
CA VAL B 275 1.45 -26.31 20.02
C VAL B 275 1.17 -27.76 20.41
N TRP B 276 0.22 -27.96 21.31
CA TRP B 276 -0.13 -29.31 21.75
C TRP B 276 -0.59 -30.16 20.58
N ILE B 277 -1.28 -29.55 19.61
CA ILE B 277 -1.67 -30.28 18.41
C ILE B 277 -0.47 -30.57 17.54
N THR B 278 0.21 -29.52 17.07
CA THR B 278 1.32 -29.68 16.14
C THR B 278 2.45 -30.56 16.69
N ALA B 279 2.47 -30.80 18.00
CA ALA B 279 3.51 -31.67 18.56
C ALA B 279 3.27 -33.13 18.22
N THR B 280 2.02 -33.59 18.25
CA THR B 280 1.74 -35.01 18.13
C THR B 280 0.84 -35.35 16.94
N LEU B 281 -0.21 -34.56 16.72
CA LEU B 281 -1.22 -34.90 15.72
C LEU B 281 -0.68 -34.98 14.29
N PRO B 282 0.16 -34.05 13.81
CA PRO B 282 0.66 -34.17 12.43
C PRO B 282 1.40 -35.47 12.17
N TYR B 283 2.23 -35.93 13.12
CA TYR B 283 2.95 -37.18 12.93
C TYR B 283 1.99 -38.35 12.79
N PHE B 284 0.97 -38.41 13.65
CA PHE B 284 0.00 -39.49 13.59
C PHE B 284 -0.78 -39.46 12.28
N VAL B 285 -1.18 -38.25 11.84
CA VAL B 285 -1.95 -38.14 10.60
C VAL B 285 -1.10 -38.56 9.41
N LEU B 286 0.17 -38.12 9.37
CA LEU B 286 1.04 -38.52 8.27
C LEU B 286 1.29 -40.03 8.29
N PHE B 287 1.44 -40.61 9.47
CA PHE B 287 1.63 -42.06 9.56
C PHE B 287 0.42 -42.81 9.04
N VAL B 288 -0.78 -42.39 9.44
CA VAL B 288 -2.00 -43.06 8.98
C VAL B 288 -2.14 -42.90 7.46
N LEU B 289 -1.87 -41.71 6.95
CA LEU B 289 -1.98 -41.47 5.52
C LEU B 289 -1.00 -42.34 4.74
N LEU B 290 0.24 -42.45 5.22
CA LEU B 290 1.23 -43.28 4.54
C LEU B 290 0.85 -44.75 4.59
N VAL B 291 0.34 -45.21 5.74
CA VAL B 291 -0.04 -46.61 5.88
C VAL B 291 -1.21 -46.94 4.95
N HIS B 292 -2.16 -46.02 4.81
CA HIS B 292 -3.29 -46.27 3.92
C HIS B 292 -2.88 -46.11 2.45
N GLY B 293 -1.88 -45.28 2.18
CA GLY B 293 -1.47 -45.07 0.80
C GLY B 293 -0.63 -46.20 0.25
N VAL B 294 0.24 -46.79 1.08
CA VAL B 294 1.08 -47.89 0.60
C VAL B 294 0.24 -49.11 0.28
N THR B 295 -0.97 -49.20 0.83
CA THR B 295 -1.88 -50.31 0.53
C THR B 295 -2.74 -50.06 -0.69
N LEU B 296 -2.69 -48.86 -1.28
CA LEU B 296 -3.49 -48.56 -2.45
C LEU B 296 -2.97 -49.33 -3.66
N PRO B 297 -3.84 -49.64 -4.63
CA PRO B 297 -3.40 -50.41 -5.80
C PRO B 297 -2.32 -49.70 -6.62
N GLY B 298 -2.42 -48.39 -6.78
CA GLY B 298 -1.44 -47.63 -7.53
C GLY B 298 -0.26 -47.11 -6.74
N ALA B 299 0.04 -47.72 -5.59
CA ALA B 299 1.13 -47.22 -4.76
C ALA B 299 2.49 -47.54 -5.38
N SER B 300 2.59 -48.67 -6.08
CA SER B 300 3.86 -49.12 -6.62
C SER B 300 4.44 -48.13 -7.63
N ASN B 301 3.60 -47.64 -8.55
CA ASN B 301 4.07 -46.70 -9.55
C ASN B 301 4.56 -45.40 -8.90
N GLY B 302 3.80 -44.90 -7.92
CA GLY B 302 4.22 -43.69 -7.24
C GLY B 302 5.51 -43.87 -6.47
N ILE B 303 5.67 -45.01 -5.82
CA ILE B 303 6.91 -45.30 -5.09
C ILE B 303 8.09 -45.36 -6.05
N ASN B 304 7.90 -46.02 -7.19
CA ASN B 304 8.96 -46.12 -8.18
C ASN B 304 9.33 -44.75 -8.75
N ALA B 305 8.32 -43.89 -8.94
CA ALA B 305 8.60 -42.55 -9.44
C ALA B 305 9.30 -41.70 -8.39
N TYR B 306 8.95 -41.88 -7.11
CA TYR B 306 9.57 -41.10 -6.05
C TYR B 306 11.01 -41.54 -5.82
N LEU B 307 11.28 -42.83 -5.93
CA LEU B 307 12.63 -43.35 -5.72
C LEU B 307 13.51 -43.30 -6.95
N HIS B 308 12.98 -42.86 -8.10
CA HIS B 308 13.76 -42.78 -9.32
C HIS B 308 14.58 -41.50 -9.34
N ILE B 309 15.84 -41.61 -9.73
CA ILE B 309 16.77 -40.49 -9.76
C ILE B 309 16.92 -40.03 -11.19
N ASP B 310 16.46 -38.81 -11.49
CA ASP B 310 16.58 -38.22 -12.82
C ASP B 310 17.77 -37.28 -12.81
N PHE B 311 18.91 -37.76 -13.35
CA PHE B 311 20.13 -36.96 -13.33
C PHE B 311 20.05 -35.76 -14.26
N TYR B 312 19.22 -35.82 -15.30
CA TYR B 312 19.09 -34.67 -16.20
C TYR B 312 18.45 -33.48 -15.49
N ARG B 313 17.66 -33.75 -14.44
CA ARG B 313 17.12 -32.66 -13.64
C ARG B 313 18.19 -32.06 -12.74
N LEU B 314 19.10 -32.89 -12.23
CA LEU B 314 20.25 -32.38 -11.50
C LEU B 314 21.17 -31.56 -12.40
N LYS B 315 21.24 -31.91 -13.70
CA LYS B 315 22.03 -31.11 -14.63
C LYS B 315 21.44 -29.73 -14.83
N GLU B 316 20.15 -29.56 -14.54
CA GLU B 316 19.51 -28.27 -14.67
C GLU B 316 19.84 -27.38 -13.48
N ALA B 317 19.16 -26.24 -13.38
CA ALA B 317 19.42 -25.26 -12.33
C ALA B 317 18.21 -24.96 -11.45
N THR B 318 16.99 -25.11 -11.97
CA THR B 318 15.80 -24.76 -11.19
C THR B 318 15.62 -25.70 -10.01
N VAL B 319 16.05 -26.95 -10.15
CA VAL B 319 15.87 -27.93 -9.08
C VAL B 319 16.66 -27.52 -7.84
N TRP B 320 17.90 -27.06 -8.03
CA TRP B 320 18.73 -26.63 -6.90
C TRP B 320 18.12 -25.41 -6.21
N ILE B 321 17.60 -24.46 -6.99
CA ILE B 321 16.98 -23.28 -6.41
C ILE B 321 15.76 -23.66 -5.59
N ASP B 322 14.93 -24.56 -6.14
CA ASP B 322 13.74 -25.00 -5.42
C ASP B 322 14.12 -25.75 -4.14
N ALA B 323 15.16 -26.58 -4.21
CA ALA B 323 15.61 -27.30 -3.03
C ALA B 323 16.11 -26.35 -1.95
N ALA B 324 16.87 -25.33 -2.34
CA ALA B 324 17.37 -24.35 -1.38
C ALA B 324 16.22 -23.57 -0.74
N THR B 325 15.25 -23.15 -1.56
CA THR B 325 14.11 -22.42 -1.03
C THR B 325 13.31 -23.29 -0.07
N GLN B 326 13.12 -24.58 -0.40
CA GLN B 326 12.38 -25.46 0.49
C GLN B 326 13.15 -25.72 1.78
N ILE B 327 14.48 -25.80 1.71
CA ILE B 327 15.28 -25.95 2.92
C ILE B 327 15.10 -24.74 3.82
N PHE B 328 15.23 -23.53 3.26
CA PHE B 328 15.10 -22.32 4.07
C PHE B 328 13.67 -22.11 4.55
N PHE B 329 12.68 -22.68 3.87
CA PHE B 329 11.31 -22.61 4.35
C PHE B 329 11.08 -23.57 5.51
N SER B 330 11.53 -24.82 5.36
CA SER B 330 11.30 -25.82 6.40
C SER B 330 12.10 -25.52 7.66
N LEU B 331 13.32 -25.01 7.52
CA LEU B 331 14.15 -24.71 8.66
C LEU B 331 13.89 -23.32 9.26
N GLY B 332 13.08 -22.50 8.60
CA GLY B 332 12.77 -21.19 9.12
C GLY B 332 13.89 -20.18 9.02
N ALA B 333 14.97 -20.51 8.30
CA ALA B 333 16.09 -19.60 8.13
C ALA B 333 15.81 -18.63 6.99
N GLY B 334 16.05 -17.34 7.24
CA GLY B 334 15.78 -16.32 6.25
C GLY B 334 14.49 -15.55 6.46
N PHE B 335 13.82 -15.75 7.59
CA PHE B 335 12.60 -15.02 7.91
C PHE B 335 12.63 -14.34 9.26
N GLY B 336 13.67 -14.56 10.07
CA GLY B 336 13.74 -13.99 11.40
C GLY B 336 13.06 -14.80 12.48
N VAL B 337 12.40 -15.90 12.12
CA VAL B 337 11.69 -16.70 13.12
C VAL B 337 12.68 -17.40 14.04
N LEU B 338 13.80 -17.88 13.48
CA LEU B 338 14.80 -18.57 14.29
C LEU B 338 15.43 -17.63 15.31
N ILE B 339 15.74 -16.40 14.90
CA ILE B 339 16.36 -15.45 15.82
C ILE B 339 15.41 -15.10 16.95
N ALA B 340 14.14 -14.85 16.62
CA ALA B 340 13.15 -14.53 17.65
C ALA B 340 12.92 -15.71 18.57
N PHE B 341 12.92 -16.92 18.02
CA PHE B 341 12.76 -18.12 18.85
C PHE B 341 13.93 -18.27 19.83
N ALA B 342 15.15 -18.10 19.33
CA ALA B 342 16.33 -18.26 20.19
C ALA B 342 16.48 -17.11 21.18
N SER B 343 15.91 -15.94 20.88
CA SER B 343 16.03 -14.81 21.80
C SER B 343 15.27 -15.05 23.10
N TYR B 344 14.22 -15.88 23.06
CA TYR B 344 13.42 -16.18 24.23
C TYR B 344 13.74 -17.55 24.82
N ASN B 345 14.94 -18.07 24.56
CA ASN B 345 15.38 -19.34 25.12
C ASN B 345 16.44 -19.10 26.19
N LYS B 346 16.75 -20.14 26.94
CA LYS B 346 17.75 -20.04 27.99
C LYS B 346 19.14 -19.82 27.39
N PHE B 347 19.98 -19.12 28.14
CA PHE B 347 21.32 -18.81 27.65
C PHE B 347 22.19 -20.06 27.58
N ASP B 348 21.94 -21.03 28.44
CA ASP B 348 22.71 -22.28 28.44
C ASP B 348 22.09 -23.36 27.56
N ASN B 349 21.08 -23.01 26.76
CA ASN B 349 20.47 -23.99 25.87
C ASN B 349 21.44 -24.40 24.78
N ASN B 350 21.53 -25.71 24.53
CA ASN B 350 22.45 -26.26 23.53
C ASN B 350 21.76 -26.26 22.18
N CYS B 351 22.15 -25.31 21.32
CA CYS B 351 21.57 -25.25 19.98
C CYS B 351 22.16 -26.31 19.05
N TYR B 352 23.25 -26.96 19.46
CA TYR B 352 23.89 -27.97 18.62
C TYR B 352 22.99 -29.19 18.46
N ARG B 353 22.66 -29.84 19.58
CA ARG B 353 21.79 -31.01 19.54
C ARG B 353 20.41 -30.64 19.00
N ASP B 354 19.90 -29.48 19.38
CA ASP B 354 18.61 -29.02 18.88
C ASP B 354 18.62 -28.92 17.35
N ALA B 355 19.66 -28.30 16.80
CA ALA B 355 19.76 -28.15 15.36
C ALA B 355 19.91 -29.50 14.67
N LEU B 356 20.73 -30.39 15.24
CA LEU B 356 20.90 -31.72 14.66
C LEU B 356 19.57 -32.46 14.59
N LEU B 357 18.87 -32.54 15.72
CA LEU B 357 17.60 -33.27 15.76
C LEU B 357 16.57 -32.60 14.86
N THR B 358 16.52 -31.27 14.85
CA THR B 358 15.57 -30.56 14.01
C THR B 358 15.80 -30.88 12.54
N SER B 359 17.06 -30.79 12.08
CA SER B 359 17.36 -31.09 10.68
C SER B 359 17.04 -32.53 10.34
N SER B 360 17.42 -33.47 11.21
CA SER B 360 17.18 -34.88 10.92
C SER B 360 15.69 -35.19 10.84
N ILE B 361 14.92 -34.71 11.82
CA ILE B 361 13.49 -35.01 11.84
C ILE B 361 12.76 -34.29 10.72
N ASN B 362 13.23 -33.08 10.35
CA ASN B 362 12.63 -32.36 9.23
C ASN B 362 12.89 -33.10 7.93
N CYS B 363 14.10 -33.63 7.75
CA CYS B 363 14.40 -34.41 6.56
C CYS B 363 13.55 -35.67 6.49
N ILE B 364 13.41 -36.37 7.62
CA ILE B 364 12.60 -37.59 7.64
C ILE B 364 11.15 -37.28 7.35
N THR B 365 10.64 -36.17 7.91
CA THR B 365 9.25 -35.79 7.70
C THR B 365 9.01 -35.41 6.24
N SER B 366 9.94 -34.66 5.65
CA SER B 366 9.81 -34.33 4.22
C SER B 366 9.85 -35.58 3.37
N PHE B 367 10.73 -36.53 3.71
CA PHE B 367 10.84 -37.76 2.93
C PHE B 367 9.53 -38.55 2.98
N VAL B 368 8.97 -38.73 4.19
CA VAL B 368 7.74 -39.52 4.30
C VAL B 368 6.56 -38.77 3.69
N SER B 369 6.57 -37.43 3.75
CA SER B 369 5.50 -36.66 3.13
C SER B 369 5.52 -36.79 1.62
N GLY B 370 6.72 -36.68 1.03
CA GLY B 370 6.85 -36.90 -0.40
C GLY B 370 6.50 -38.33 -0.80
N PHE B 371 6.85 -39.29 0.05
CA PHE B 371 6.49 -40.68 -0.22
C PHE B 371 4.98 -40.86 -0.28
N ALA B 372 4.26 -40.33 0.73
CA ALA B 372 2.81 -40.44 0.73
C ALA B 372 2.19 -39.67 -0.43
N ILE B 373 2.76 -38.51 -0.77
CA ILE B 373 2.25 -37.71 -1.87
C ILE B 373 2.37 -38.46 -3.19
N PHE B 374 3.53 -39.07 -3.43
CA PHE B 374 3.72 -39.83 -4.66
C PHE B 374 2.86 -41.09 -4.66
N SER B 375 2.60 -41.67 -3.49
CA SER B 375 1.68 -42.80 -3.42
C SER B 375 0.28 -42.38 -3.83
N ILE B 376 -0.20 -41.24 -3.33
CA ILE B 376 -1.52 -40.75 -3.72
C ILE B 376 -1.54 -40.40 -5.20
N LEU B 377 -0.45 -39.85 -5.72
CA LEU B 377 -0.36 -39.53 -7.14
C LEU B 377 -0.46 -40.79 -7.99
N GLY B 378 0.24 -41.85 -7.60
CA GLY B 378 0.15 -43.11 -8.33
C GLY B 378 -1.23 -43.72 -8.24
N TYR B 379 -1.87 -43.59 -7.08
CA TYR B 379 -3.25 -44.07 -6.94
C TYR B 379 -4.19 -43.35 -7.88
N MET B 380 -4.10 -42.02 -7.94
CA MET B 380 -4.96 -41.24 -8.82
C MET B 380 -4.64 -41.51 -10.28
N ALA B 381 -3.37 -41.80 -10.58
CA ALA B 381 -2.99 -42.16 -11.94
C ALA B 381 -3.58 -43.51 -12.35
N HIS B 382 -3.60 -44.46 -11.41
CA HIS B 382 -4.21 -45.76 -11.70
C HIS B 382 -5.72 -45.64 -11.84
N GLU B 383 -6.35 -44.78 -11.03
CA GLU B 383 -7.79 -44.63 -11.10
C GLU B 383 -8.23 -43.87 -12.35
N HIS B 384 -7.58 -42.75 -12.63
CA HIS B 384 -7.97 -41.89 -13.76
C HIS B 384 -7.32 -42.29 -15.08
N LYS B 385 -6.38 -43.24 -15.05
CA LYS B 385 -5.69 -43.72 -16.25
C LYS B 385 -4.98 -42.57 -16.97
N VAL B 386 -4.27 -41.76 -16.18
CA VAL B 386 -3.47 -40.65 -16.70
C VAL B 386 -2.04 -40.83 -16.19
N ASN B 387 -1.10 -40.23 -16.92
CA ASN B 387 0.29 -40.30 -16.52
C ASN B 387 0.53 -39.53 -15.21
N ILE B 388 1.49 -40.02 -14.43
CA ILE B 388 1.77 -39.42 -13.13
C ILE B 388 2.24 -37.98 -13.27
N GLU B 389 2.95 -37.68 -14.37
CA GLU B 389 3.44 -36.31 -14.58
C GLU B 389 2.28 -35.34 -14.79
N ASP B 390 1.20 -35.78 -15.44
CA ASP B 390 0.07 -34.92 -15.74
C ASP B 390 -1.21 -35.33 -15.02
N VAL B 391 -1.10 -36.11 -13.93
CA VAL B 391 -2.29 -36.52 -13.21
C VAL B 391 -2.82 -35.42 -12.28
N ALA B 392 -1.96 -34.52 -11.83
CA ALA B 392 -2.37 -33.45 -10.92
C ALA B 392 -1.57 -32.20 -11.23
N THR B 393 -1.84 -31.15 -10.45
CA THR B 393 -1.18 -29.86 -10.65
C THR B 393 0.16 -29.82 -9.92
N GLU B 394 0.97 -28.81 -10.28
CA GLU B 394 2.24 -28.56 -9.62
C GLU B 394 2.24 -27.23 -8.87
N GLY B 395 1.05 -26.74 -8.48
CA GLY B 395 0.94 -25.48 -7.79
C GLY B 395 0.81 -25.67 -6.28
N ALA B 396 0.47 -24.57 -5.62
CA ALA B 396 0.35 -24.56 -4.16
C ALA B 396 -0.89 -25.27 -3.65
N GLY B 397 -1.76 -25.75 -4.54
CA GLY B 397 -2.95 -26.46 -4.11
C GLY B 397 -2.91 -27.94 -4.41
N LEU B 398 -1.71 -28.52 -4.45
CA LEU B 398 -1.58 -29.93 -4.76
C LEU B 398 -2.06 -30.80 -3.60
N VAL B 399 -1.72 -30.43 -2.36
CA VAL B 399 -2.11 -31.23 -1.21
C VAL B 399 -3.61 -31.26 -0.99
N PHE B 400 -4.30 -30.14 -1.23
CA PHE B 400 -5.74 -30.05 -1.09
C PHE B 400 -6.49 -30.81 -2.17
N ILE B 401 -5.78 -31.50 -3.07
CA ILE B 401 -6.40 -32.32 -4.09
C ILE B 401 -6.03 -33.77 -3.84
N LEU B 402 -4.78 -34.01 -3.43
CA LEU B 402 -4.31 -35.37 -3.18
C LEU B 402 -4.83 -35.91 -1.85
N TYR B 403 -4.59 -35.18 -0.76
CA TYR B 403 -4.97 -35.69 0.56
C TYR B 403 -6.46 -35.91 0.72
N PRO B 404 -7.35 -35.02 0.26
CA PRO B 404 -8.79 -35.34 0.36
C PRO B 404 -9.19 -36.62 -0.37
N GLU B 405 -8.57 -36.89 -1.53
CA GLU B 405 -8.86 -38.12 -2.24
C GLU B 405 -8.46 -39.35 -1.43
N ALA B 406 -7.32 -39.28 -0.73
CA ALA B 406 -6.90 -40.39 0.11
C ALA B 406 -7.80 -40.53 1.33
N ILE B 407 -8.27 -39.40 1.87
CA ILE B 407 -9.17 -39.46 3.02
C ILE B 407 -10.51 -40.08 2.62
N SER B 408 -10.99 -39.76 1.41
CA SER B 408 -12.26 -40.33 0.95
C SER B 408 -12.18 -41.84 0.86
N THR B 409 -11.00 -42.39 0.58
CA THR B 409 -10.82 -43.83 0.54
C THR B 409 -10.77 -44.44 1.94
N LEU B 410 -10.37 -43.65 2.94
CA LEU B 410 -10.32 -44.14 4.31
C LEU B 410 -11.72 -44.43 4.83
N SER B 411 -11.80 -45.41 5.73
CA SER B 411 -13.06 -45.70 6.39
C SER B 411 -13.40 -44.58 7.37
N GLY B 412 -14.65 -44.13 7.32
CA GLY B 412 -15.05 -42.97 8.08
C GLY B 412 -14.33 -41.72 7.62
N SER B 413 -14.59 -41.32 6.38
CA SER B 413 -13.84 -40.22 5.77
C SER B 413 -14.08 -38.91 6.51
N THR B 414 -15.25 -38.77 7.16
CA THR B 414 -15.58 -37.52 7.83
C THR B 414 -14.60 -37.22 8.96
N PHE B 415 -14.40 -38.20 9.86
CA PHE B 415 -13.52 -37.98 11.01
C PHE B 415 -12.08 -37.71 10.57
N TRP B 416 -11.58 -38.49 9.62
CA TRP B 416 -10.21 -38.31 9.15
C TRP B 416 -10.05 -36.96 8.47
N ALA B 417 -11.04 -36.54 7.68
CA ALA B 417 -10.99 -35.24 7.04
C ALA B 417 -10.98 -34.11 8.07
N VAL B 418 -11.81 -34.25 9.11
CA VAL B 418 -11.85 -33.25 10.17
C VAL B 418 -10.50 -33.16 10.86
N VAL B 419 -9.91 -34.31 11.19
CA VAL B 419 -8.62 -34.31 11.90
C VAL B 419 -7.53 -33.72 11.01
N PHE B 420 -7.56 -34.05 9.72
CA PHE B 420 -6.53 -33.55 8.78
C PHE B 420 -6.59 -32.03 8.66
N PHE B 421 -7.79 -31.49 8.40
CA PHE B 421 -7.90 -30.02 8.18
C PHE B 421 -7.70 -29.30 9.51
N VAL B 422 -7.94 -29.99 10.63
CA VAL B 422 -7.65 -29.38 11.96
C VAL B 422 -6.13 -29.31 12.17
N MET B 423 -5.44 -30.41 11.85
CA MET B 423 -3.95 -30.42 11.79
C MET B 423 -3.44 -29.31 10.86
N LEU B 424 -3.95 -29.25 9.63
CA LEU B 424 -3.48 -28.23 8.66
C LEU B 424 -3.68 -26.82 9.25
N LEU B 425 -4.82 -26.58 9.89
CA LEU B 425 -5.06 -25.28 10.50
C LEU B 425 -4.06 -24.99 11.62
N ALA B 426 -3.76 -26.01 12.42
CA ALA B 426 -2.80 -25.84 13.52
C ALA B 426 -1.42 -25.50 12.98
N LEU B 427 -0.94 -26.23 11.97
CA LEU B 427 0.37 -25.96 11.41
C LEU B 427 0.42 -24.58 10.78
N GLY B 428 -0.62 -24.21 10.03
CA GLY B 428 -0.64 -22.89 9.41
C GLY B 428 -0.65 -21.76 10.42
N LEU B 429 -1.48 -21.89 11.45
CA LEU B 429 -1.54 -20.87 12.49
C LEU B 429 -0.22 -20.80 13.26
N ASP B 430 0.43 -21.95 13.48
CA ASP B 430 1.71 -21.95 14.16
C ASP B 430 2.77 -21.22 13.34
N SER B 431 2.83 -21.50 12.03
CA SER B 431 3.81 -20.84 11.18
C SER B 431 3.55 -19.34 11.11
N SER B 432 2.28 -18.95 10.93
CA SER B 432 1.95 -17.53 10.87
C SER B 432 2.22 -16.83 12.20
N MET B 433 1.95 -17.50 13.32
CA MET B 433 2.23 -16.91 14.63
C MET B 433 3.73 -16.74 14.83
N GLY B 434 4.52 -17.73 14.42
CA GLY B 434 5.97 -17.58 14.51
C GLY B 434 6.48 -16.42 13.66
N GLY B 435 5.99 -16.30 12.43
CA GLY B 435 6.42 -15.21 11.58
C GLY B 435 6.03 -13.84 12.12
N MET B 436 4.77 -13.70 12.55
CA MET B 436 4.33 -12.42 13.12
C MET B 436 5.05 -12.11 14.41
N GLU B 437 5.35 -13.11 15.23
CA GLU B 437 6.12 -12.88 16.45
C GLU B 437 7.53 -12.43 16.13
N ALA B 438 8.14 -13.02 15.10
CA ALA B 438 9.47 -12.58 14.68
C ALA B 438 9.45 -11.13 14.22
N VAL B 439 8.45 -10.77 13.40
CA VAL B 439 8.35 -9.40 12.90
C VAL B 439 8.16 -8.42 14.05
N ILE B 440 7.25 -8.75 14.97
CA ILE B 440 6.95 -7.86 16.09
C ILE B 440 8.15 -7.72 17.01
N THR B 441 8.86 -8.84 17.27
CA THR B 441 10.03 -8.78 18.11
C THR B 441 11.13 -7.94 17.48
N GLY B 442 11.36 -8.09 16.18
CA GLY B 442 12.35 -7.27 15.51
C GLY B 442 12.01 -5.79 15.56
N LEU B 443 10.76 -5.45 15.22
CA LEU B 443 10.37 -4.05 15.19
C LEU B 443 10.22 -3.44 16.58
N ALA B 444 10.09 -4.27 17.62
CA ALA B 444 10.03 -3.75 18.98
C ALA B 444 11.41 -3.64 19.60
N ASP B 445 12.36 -4.49 19.19
CA ASP B 445 13.74 -4.31 19.63
C ASP B 445 14.40 -3.16 18.89
N ASP B 446 13.99 -2.89 17.65
CA ASP B 446 14.48 -1.72 16.94
C ASP B 446 13.89 -0.45 17.54
N PHE B 447 12.59 -0.46 17.83
CA PHE B 447 11.90 0.67 18.45
C PHE B 447 11.25 0.17 19.73
N GLN B 448 11.87 0.49 20.87
CA GLN B 448 11.41 -0.03 22.15
C GLN B 448 10.02 0.49 22.54
N VAL B 449 9.57 1.58 21.93
CA VAL B 449 8.25 2.13 22.26
C VAL B 449 7.16 1.11 21.93
N LEU B 450 7.36 0.34 20.86
CA LEU B 450 6.38 -0.68 20.49
C LEU B 450 6.27 -1.78 21.54
N LYS B 451 7.23 -1.86 22.46
CA LYS B 451 7.11 -2.81 23.57
C LYS B 451 6.03 -2.39 24.57
N ARG B 452 5.65 -1.12 24.58
CA ARG B 452 4.61 -0.64 25.48
C ARG B 452 3.25 -0.55 24.80
N HIS B 453 3.18 -0.80 23.49
CA HIS B 453 1.94 -0.77 22.73
C HIS B 453 1.84 -2.00 21.84
N ARG B 454 2.09 -3.18 22.43
CA ARG B 454 2.12 -4.41 21.66
C ARG B 454 0.74 -4.75 21.11
N LYS B 455 -0.32 -4.40 21.84
CA LYS B 455 -1.67 -4.70 21.36
C LYS B 455 -1.99 -3.92 20.10
N LEU B 456 -1.80 -2.61 20.15
CA LEU B 456 -2.08 -1.75 18.98
C LEU B 456 -1.13 -2.16 17.84
N PHE B 457 0.13 -2.45 18.16
CA PHE B 457 1.12 -2.85 17.13
C PHE B 457 0.70 -4.18 16.49
N THR B 458 0.33 -5.16 17.32
CA THR B 458 -0.12 -6.47 16.79
C THR B 458 -1.28 -6.24 15.86
N PHE B 459 -2.22 -5.36 16.23
CA PHE B 459 -3.38 -5.05 15.36
C PHE B 459 -2.88 -4.51 14.02
N GLY B 460 -1.92 -3.58 14.06
CA GLY B 460 -1.41 -2.97 12.82
C GLY B 460 -0.86 -4.03 11.88
N VAL B 461 -0.03 -4.94 12.41
CA VAL B 461 0.57 -6.02 11.57
C VAL B 461 -0.54 -6.90 11.01
N THR B 462 -1.43 -7.42 11.86
CA THR B 462 -2.48 -8.35 11.41
C THR B 462 -3.40 -7.66 10.42
N PHE B 463 -3.73 -6.39 10.64
CA PHE B 463 -4.71 -5.68 9.77
C PHE B 463 -4.06 -5.39 8.41
N SER B 464 -2.87 -4.77 8.42
CA SER B 464 -2.15 -4.50 7.15
C SER B 464 -2.04 -5.82 6.39
N THR B 465 -1.80 -6.90 7.12
CA THR B 465 -1.68 -8.23 6.51
C THR B 465 -2.98 -8.66 5.85
N PHE B 466 -4.11 -8.38 6.50
CA PHE B 466 -5.41 -8.69 5.91
C PHE B 466 -5.66 -7.87 4.65
N LEU B 467 -5.33 -6.57 4.69
CA LEU B 467 -5.54 -5.72 3.53
C LEU B 467 -4.70 -6.18 2.35
N LEU B 468 -3.52 -6.73 2.63
CA LEU B 468 -2.62 -7.19 1.53
C LEU B 468 -2.91 -8.66 1.17
N ALA B 469 -3.54 -9.43 2.07
CA ALA B 469 -3.90 -10.84 1.78
C ALA B 469 -5.21 -10.90 0.98
N LEU B 470 -5.90 -9.76 0.84
CA LEU B 470 -7.17 -9.71 0.07
C LEU B 470 -6.88 -10.05 -1.40
N PHE B 471 -5.72 -9.64 -1.91
CA PHE B 471 -5.35 -9.92 -3.32
C PHE B 471 -5.32 -11.43 -3.53
N CYS B 472 -4.88 -12.17 -2.52
CA CYS B 472 -4.73 -13.63 -2.65
C CYS B 472 -6.07 -14.35 -2.42
N ILE B 473 -7.03 -13.72 -1.74
CA ILE B 473 -8.29 -14.44 -1.60
C ILE B 473 -9.28 -14.10 -2.72
N THR B 474 -8.83 -13.42 -3.77
CA THR B 474 -9.69 -13.04 -4.87
C THR B 474 -10.01 -14.27 -5.73
N LYS B 475 -10.87 -14.07 -6.72
CA LYS B 475 -11.20 -15.13 -7.67
C LYS B 475 -9.99 -15.62 -8.45
N GLY B 476 -8.97 -14.77 -8.62
CA GLY B 476 -7.74 -15.18 -9.24
C GLY B 476 -6.54 -14.94 -8.34
N GLY B 477 -6.78 -15.02 -7.03
CA GLY B 477 -5.73 -14.76 -6.06
C GLY B 477 -4.66 -15.83 -6.00
N ILE B 478 -4.91 -17.01 -6.59
CA ILE B 478 -3.90 -18.06 -6.60
C ILE B 478 -2.70 -17.64 -7.43
N TYR B 479 -2.93 -16.84 -8.48
CA TYR B 479 -1.81 -16.34 -9.28
C TYR B 479 -0.93 -15.40 -8.48
N VAL B 480 -1.55 -14.50 -7.71
CA VAL B 480 -0.77 -13.59 -6.86
C VAL B 480 -0.06 -14.38 -5.76
N LEU B 481 -0.71 -15.43 -5.24
CA LEU B 481 -0.07 -16.28 -4.24
C LEU B 481 1.16 -16.96 -4.80
N THR B 482 1.06 -17.49 -6.01
CA THR B 482 2.22 -18.11 -6.65
C THR B 482 3.31 -17.08 -6.93
N LEU B 483 2.92 -15.88 -7.36
CA LEU B 483 3.88 -14.81 -7.60
C LEU B 483 4.65 -14.48 -6.33
N LEU B 484 3.95 -14.40 -5.20
CA LEU B 484 4.60 -14.11 -3.93
C LEU B 484 5.50 -15.27 -3.50
N ASP B 485 5.00 -16.50 -3.59
CA ASP B 485 5.80 -17.66 -3.21
C ASP B 485 7.01 -17.87 -4.10
N THR B 486 7.02 -17.30 -5.31
CA THR B 486 8.15 -17.46 -6.22
C THR B 486 9.11 -16.28 -6.25
N PHE B 487 8.63 -15.06 -5.97
CA PHE B 487 9.49 -13.88 -6.08
C PHE B 487 9.72 -13.23 -4.72
N ALA B 488 8.65 -13.04 -3.94
CA ALA B 488 8.81 -12.45 -2.61
C ALA B 488 9.63 -13.37 -1.71
N ALA B 489 9.47 -14.68 -1.88
CA ALA B 489 10.27 -15.68 -1.20
C ALA B 489 11.02 -16.49 -2.25
N GLY B 490 12.32 -16.21 -2.39
CA GLY B 490 13.12 -16.83 -3.43
C GLY B 490 13.95 -15.80 -4.17
N THR B 491 15.26 -16.07 -4.29
CA THR B 491 16.23 -15.18 -4.93
C THR B 491 16.43 -13.91 -4.11
N SER B 492 15.68 -13.78 -3.01
CA SER B 492 15.89 -12.66 -2.10
C SER B 492 16.27 -13.16 -0.71
N ILE B 493 15.61 -14.22 -0.24
CA ILE B 493 15.98 -14.84 1.03
C ILE B 493 17.37 -15.45 0.94
N LEU B 494 17.73 -16.00 -0.23
CA LEU B 494 19.08 -16.52 -0.41
C LEU B 494 20.12 -15.41 -0.31
N PHE B 495 19.86 -14.26 -0.94
CA PHE B 495 20.77 -13.13 -0.81
C PHE B 495 20.84 -12.64 0.64
N ALA B 496 19.71 -12.65 1.35
CA ALA B 496 19.69 -12.20 2.73
C ALA B 496 20.54 -13.11 3.61
N VAL B 497 20.37 -14.42 3.48
CA VAL B 497 21.14 -15.34 4.31
C VAL B 497 22.60 -15.35 3.90
N LEU B 498 22.88 -15.07 2.62
CA LEU B 498 24.26 -14.95 2.17
C LEU B 498 24.94 -13.74 2.83
N MET B 499 24.26 -12.59 2.82
CA MET B 499 24.80 -11.41 3.48
C MET B 499 24.96 -11.64 4.98
N GLU B 500 24.00 -12.36 5.59
CA GLU B 500 24.12 -12.67 7.01
C GLU B 500 25.35 -13.52 7.29
N ALA B 501 25.56 -14.58 6.50
CA ALA B 501 26.72 -15.44 6.71
C ALA B 501 28.02 -14.68 6.48
N ILE B 502 28.04 -13.81 5.48
CA ILE B 502 29.24 -13.01 5.21
C ILE B 502 29.52 -12.07 6.36
N GLY B 503 28.48 -11.43 6.91
CA GLY B 503 28.68 -10.50 8.01
C GLY B 503 29.10 -11.19 9.29
N VAL B 504 28.60 -12.40 9.50
CA VAL B 504 28.90 -13.13 10.75
C VAL B 504 30.28 -13.80 10.68
N SER B 505 30.60 -14.47 9.59
CA SER B 505 31.84 -15.23 9.52
C SER B 505 33.04 -14.36 9.14
N TRP B 506 32.85 -13.43 8.20
CA TRP B 506 33.94 -12.62 7.69
C TRP B 506 34.05 -11.27 8.40
N PHE B 507 32.96 -10.50 8.46
CA PHE B 507 33.01 -9.18 9.08
C PHE B 507 33.09 -9.29 10.59
N TYR B 508 32.11 -9.95 11.21
CA TYR B 508 32.14 -10.10 12.66
C TYR B 508 33.24 -11.08 13.09
N GLY B 509 33.37 -12.19 12.39
CA GLY B 509 34.42 -13.15 12.70
C GLY B 509 33.88 -14.50 13.15
N VAL B 510 34.29 -15.56 12.46
CA VAL B 510 33.86 -16.90 12.84
C VAL B 510 34.49 -17.29 14.18
N ASP B 511 35.67 -16.75 14.48
CA ASP B 511 36.33 -17.04 15.75
C ASP B 511 35.54 -16.46 16.91
N ARG B 512 35.05 -15.23 16.76
CA ARG B 512 34.23 -14.63 17.81
C ARG B 512 32.92 -15.38 17.99
N PHE B 513 32.34 -15.87 16.89
CA PHE B 513 31.11 -16.65 16.98
C PHE B 513 31.36 -17.97 17.70
N SER B 514 32.49 -18.63 17.41
CA SER B 514 32.83 -19.85 18.12
C SER B 514 33.08 -19.59 19.60
N ASN B 515 33.70 -18.45 19.92
CA ASN B 515 33.92 -18.10 21.32
C ASN B 515 32.59 -17.85 22.03
N ASP B 516 31.64 -17.22 21.34
CA ASP B 516 30.31 -17.00 21.92
C ASP B 516 29.60 -18.33 22.15
N ILE B 517 29.70 -19.25 21.19
CA ILE B 517 29.08 -20.56 21.35
C ILE B 517 29.72 -21.32 22.51
N GLN B 518 31.03 -21.17 22.68
CA GLN B 518 31.71 -21.81 23.80
C GLN B 518 31.28 -21.21 25.12
N GLN B 519 31.11 -19.88 25.17
CA GLN B 519 30.62 -19.24 26.39
C GLN B 519 29.20 -19.67 26.72
N MET B 520 28.38 -19.92 25.69
CA MET B 520 26.99 -20.34 25.91
C MET B 520 26.88 -21.79 26.36
N MET B 521 27.50 -22.71 25.61
CA MET B 521 27.30 -24.14 25.82
C MET B 521 28.46 -24.82 26.53
N GLY B 522 29.65 -24.23 26.54
CA GLY B 522 30.80 -24.83 27.18
C GLY B 522 31.78 -25.51 26.23
N PHE B 523 31.52 -25.49 24.93
CA PHE B 523 32.43 -26.11 23.96
C PHE B 523 32.34 -25.36 22.64
N ARG B 524 33.45 -25.41 21.88
CA ARG B 524 33.57 -24.78 20.58
C ARG B 524 33.08 -25.73 19.48
N PRO B 525 32.45 -25.20 18.44
CA PRO B 525 32.03 -26.05 17.32
C PRO B 525 33.24 -26.64 16.60
N GLY B 526 33.01 -27.74 15.89
CA GLY B 526 34.06 -28.40 15.15
C GLY B 526 34.53 -27.58 13.95
N LEU B 527 35.63 -28.04 13.36
CA LEU B 527 36.17 -27.37 12.17
C LEU B 527 35.21 -27.45 11.00
N TYR B 528 34.39 -28.51 10.96
CA TYR B 528 33.37 -28.63 9.91
C TYR B 528 32.41 -27.47 9.93
N TRP B 529 31.90 -27.11 11.12
CA TRP B 529 30.96 -26.01 11.24
C TRP B 529 31.61 -24.69 10.86
N ARG B 530 32.88 -24.50 11.23
CA ARG B 530 33.59 -23.27 10.86
C ARG B 530 33.75 -23.15 9.36
N LEU B 531 34.18 -24.24 8.71
CA LEU B 531 34.36 -24.23 7.26
C LEU B 531 33.04 -24.03 6.55
N CYS B 532 31.96 -24.56 7.11
CA CYS B 532 30.65 -24.35 6.50
C CYS B 532 30.20 -22.90 6.65
N TRP B 533 30.33 -22.34 7.84
CA TRP B 533 29.87 -20.96 8.07
C TRP B 533 30.71 -19.96 7.29
N LYS B 534 31.98 -20.27 7.06
CA LYS B 534 32.89 -19.31 6.42
C LYS B 534 33.09 -19.56 4.94
N PHE B 535 33.20 -20.82 4.51
CA PHE B 535 33.55 -21.10 3.13
C PHE B 535 32.43 -21.79 2.36
N VAL B 536 31.93 -22.91 2.89
CA VAL B 536 31.03 -23.77 2.12
C VAL B 536 29.70 -23.08 1.87
N SER B 537 29.00 -22.73 2.95
CA SER B 537 27.67 -22.15 2.82
C SER B 537 27.67 -20.81 2.09
N PRO B 538 28.57 -19.86 2.38
CA PRO B 538 28.57 -18.61 1.58
C PRO B 538 28.83 -18.85 0.10
N ALA B 539 29.76 -19.74 -0.24
CA ALA B 539 30.04 -20.03 -1.64
C ALA B 539 28.82 -20.64 -2.33
N PHE B 540 28.17 -21.60 -1.67
CA PHE B 540 27.00 -22.23 -2.28
C PHE B 540 25.84 -21.25 -2.41
N LEU B 541 25.69 -20.35 -1.43
CA LEU B 541 24.63 -19.35 -1.52
C LEU B 541 24.89 -18.37 -2.66
N LEU B 542 26.13 -17.91 -2.81
CA LEU B 542 26.48 -17.06 -3.94
C LEU B 542 26.23 -17.78 -5.26
N PHE B 543 26.58 -19.07 -5.32
CA PHE B 543 26.40 -19.83 -6.55
C PHE B 543 24.92 -19.94 -6.91
N VAL B 544 24.07 -20.26 -5.92
CA VAL B 544 22.65 -20.43 -6.22
C VAL B 544 22.01 -19.08 -6.55
N VAL B 545 22.49 -18.00 -5.93
CA VAL B 545 21.98 -16.68 -6.26
C VAL B 545 22.33 -16.32 -7.70
N VAL B 546 23.58 -16.57 -8.09
CA VAL B 546 24.00 -16.26 -9.46
C VAL B 546 23.22 -17.10 -10.47
N VAL B 547 23.02 -18.38 -10.16
CA VAL B 547 22.34 -19.27 -11.09
C VAL B 547 20.85 -18.96 -11.14
N SER B 548 20.31 -18.34 -10.08
CA SER B 548 18.91 -17.89 -10.13
C SER B 548 18.79 -16.60 -10.93
N ILE B 549 19.79 -15.73 -10.85
CA ILE B 549 19.74 -14.47 -11.56
C ILE B 549 19.92 -14.67 -13.06
N ILE B 550 20.91 -15.49 -13.44
CA ILE B 550 21.24 -15.62 -14.85
C ILE B 550 20.29 -16.58 -15.55
N ASN B 551 19.77 -17.57 -14.83
CA ASN B 551 18.90 -18.59 -15.40
C ASN B 551 17.45 -18.47 -14.91
N PHE B 552 16.94 -17.24 -14.80
CA PHE B 552 15.56 -17.04 -14.38
C PHE B 552 14.60 -17.62 -15.41
N LYS B 553 13.56 -18.31 -14.93
CA LYS B 553 12.55 -18.92 -15.78
C LYS B 553 11.20 -18.24 -15.58
N PRO B 554 10.38 -18.15 -16.62
CA PRO B 554 9.07 -17.51 -16.47
C PRO B 554 8.14 -18.34 -15.60
N LEU B 555 7.33 -17.64 -14.80
CA LEU B 555 6.41 -18.30 -13.90
C LEU B 555 5.16 -18.76 -14.65
N THR B 556 4.60 -19.88 -14.19
CA THR B 556 3.41 -20.43 -14.81
C THR B 556 2.66 -21.27 -13.78
N TYR B 557 1.36 -21.43 -14.01
CA TYR B 557 0.50 -22.26 -13.16
C TYR B 557 0.30 -23.59 -13.89
N ASP B 558 1.30 -23.98 -14.68
CA ASP B 558 1.39 -25.27 -15.38
C ASP B 558 0.38 -25.26 -16.53
N ASP B 559 -0.47 -24.24 -16.67
CA ASP B 559 -1.35 -24.10 -17.82
C ASP B 559 -1.40 -22.68 -18.35
N TYR B 560 -1.06 -21.69 -17.51
CA TYR B 560 -1.13 -20.29 -17.90
C TYR B 560 0.22 -19.62 -17.66
N ILE B 561 0.78 -19.02 -18.70
CA ILE B 561 2.07 -18.35 -18.63
C ILE B 561 1.84 -16.92 -18.15
N PHE B 562 2.54 -16.53 -17.10
CA PHE B 562 2.40 -15.18 -16.57
C PHE B 562 2.97 -14.18 -17.55
N PRO B 563 2.37 -12.99 -17.65
CA PRO B 563 2.87 -11.99 -18.59
C PRO B 563 4.20 -11.44 -18.14
N PRO B 564 4.97 -10.83 -19.05
CA PRO B 564 6.28 -10.27 -18.65
C PRO B 564 6.19 -9.21 -17.56
N TRP B 565 5.14 -8.38 -17.58
CA TRP B 565 5.03 -7.35 -16.54
C TRP B 565 4.78 -7.97 -15.17
N ALA B 566 4.14 -9.15 -15.12
CA ALA B 566 4.01 -9.86 -13.86
C ALA B 566 5.37 -10.28 -13.32
N ASN B 567 6.24 -10.78 -14.19
CA ASN B 567 7.59 -11.13 -13.77
C ASN B 567 8.37 -9.89 -13.33
N TRP B 568 8.15 -8.76 -14.02
CA TRP B 568 8.82 -7.52 -13.62
C TRP B 568 8.34 -7.06 -12.25
N VAL B 569 7.05 -7.18 -11.97
CA VAL B 569 6.52 -6.81 -10.66
C VAL B 569 7.07 -7.74 -9.59
N GLY B 570 7.19 -9.03 -9.90
CA GLY B 570 7.77 -9.96 -8.95
C GLY B 570 9.22 -9.65 -8.64
N TRP B 571 10.01 -9.36 -9.68
CA TRP B 571 11.40 -8.97 -9.48
C TRP B 571 11.50 -7.67 -8.70
N GLY B 572 10.57 -6.73 -8.93
CA GLY B 572 10.57 -5.50 -8.14
C GLY B 572 10.25 -5.73 -6.69
N ILE B 573 9.30 -6.64 -6.41
CA ILE B 573 8.98 -6.99 -5.03
C ILE B 573 10.19 -7.65 -4.37
N ALA B 574 10.90 -8.50 -5.09
CA ALA B 574 12.10 -9.12 -4.54
C ALA B 574 13.18 -8.08 -4.27
N LEU B 575 13.38 -7.15 -5.21
CA LEU B 575 14.38 -6.11 -5.03
C LEU B 575 14.01 -5.18 -3.87
N SER B 576 12.71 -5.00 -3.60
CA SER B 576 12.29 -4.16 -2.48
C SER B 576 12.88 -4.65 -1.17
N SER B 577 13.13 -5.95 -1.05
CA SER B 577 13.77 -6.51 0.13
C SER B 577 15.27 -6.69 -0.06
N MET B 578 15.71 -6.93 -1.31
CA MET B 578 17.13 -7.13 -1.55
C MET B 578 17.94 -5.85 -1.34
N VAL B 579 17.45 -4.73 -1.87
CA VAL B 579 18.21 -3.48 -1.83
C VAL B 579 18.18 -2.84 -0.44
N LEU B 580 17.53 -3.46 0.53
CA LEU B 580 17.50 -2.90 1.87
C LEU B 580 18.88 -2.90 2.52
N VAL B 581 19.79 -3.73 2.04
CA VAL B 581 21.14 -3.81 2.60
C VAL B 581 21.98 -2.64 2.11
N PRO B 582 22.10 -2.38 0.80
CA PRO B 582 22.90 -1.21 0.38
C PRO B 582 22.28 0.12 0.81
N ILE B 583 20.96 0.21 0.82
CA ILE B 583 20.30 1.43 1.28
C ILE B 583 20.64 1.69 2.75
N TYR B 584 20.59 0.66 3.59
CA TYR B 584 20.92 0.84 4.99
C TYR B 584 22.41 1.12 5.17
N VAL B 585 23.26 0.55 4.32
CA VAL B 585 24.69 0.85 4.37
C VAL B 585 24.93 2.33 4.10
N ILE B 586 24.28 2.85 3.06
CA ILE B 586 24.42 4.27 2.73
C ILE B 586 23.87 5.14 3.85
N TYR B 587 22.74 4.72 4.43
CA TYR B 587 22.16 5.47 5.54
C TYR B 587 23.08 5.53 6.75
N LYS B 588 23.71 4.40 7.08
CA LYS B 588 24.63 4.36 8.21
C LYS B 588 25.88 5.17 7.92
N PHE B 589 26.34 5.15 6.66
CA PHE B 589 27.53 5.92 6.30
C PHE B 589 27.26 7.41 6.37
N LEU B 590 26.05 7.83 5.97
CA LEU B 590 25.74 9.25 5.98
C LEU B 590 25.34 9.75 7.37
N SER B 591 24.83 8.85 8.21
CA SER B 591 24.39 9.24 9.55
C SER B 591 25.53 9.34 10.55
N THR B 592 26.68 8.73 10.27
CA THR B 592 27.82 8.79 11.17
C THR B 592 28.66 10.03 10.88
N GLN B 593 29.29 10.55 11.93
CA GLN B 593 30.10 11.76 11.84
C GLN B 593 31.57 11.40 11.96
N GLY B 594 32.38 11.91 11.04
CA GLY B 594 33.80 11.66 11.04
C GLY B 594 34.36 11.35 9.67
N SER B 595 35.62 10.95 9.61
CA SER B 595 36.25 10.62 8.34
C SER B 595 35.66 9.33 7.78
N LEU B 596 35.93 9.10 6.49
CA LEU B 596 35.40 7.91 5.81
C LEU B 596 35.90 6.64 6.48
N TRP B 597 37.19 6.60 6.82
CA TRP B 597 37.73 5.42 7.49
C TRP B 597 37.14 5.24 8.88
N GLU B 598 36.92 6.35 9.60
CA GLU B 598 36.28 6.26 10.91
C GLU B 598 34.83 5.79 10.78
N ARG B 599 34.13 6.23 9.74
CA ARG B 599 32.77 5.77 9.51
C ARG B 599 32.74 4.29 9.19
N LEU B 600 33.67 3.82 8.38
CA LEU B 600 33.75 2.39 8.07
C LEU B 600 34.06 1.59 9.34
N ALA B 601 34.95 2.11 10.19
CA ALA B 601 35.26 1.42 11.44
C ALA B 601 34.04 1.36 12.35
N TYR B 602 33.28 2.46 12.44
CA TYR B 602 32.05 2.45 13.22
C TYR B 602 31.03 1.47 12.65
N GLY B 603 31.00 1.32 11.32
CA GLY B 603 30.07 0.42 10.68
C GLY B 603 30.45 -1.04 10.69
N ILE B 604 31.73 -1.36 10.93
CA ILE B 604 32.18 -2.75 10.99
C ILE B 604 32.47 -3.22 12.40
N THR B 605 32.58 -2.32 13.39
CA THR B 605 32.85 -2.75 14.75
C THR B 605 31.55 -2.83 15.55
N PRO B 606 31.51 -3.70 16.56
CA PRO B 606 30.30 -3.80 17.40
C PRO B 606 29.99 -2.49 18.10
N GLU B 607 28.70 -2.24 18.31
CA GLU B 607 28.26 -1.02 18.98
C GLU B 607 28.72 -0.96 20.43
N ASN B 608 28.96 -2.11 21.06
CA ASN B 608 29.43 -2.15 22.43
C ASN B 608 30.95 -2.04 22.53
N GLU B 609 31.66 -1.96 21.40
CA GLU B 609 33.11 -1.82 21.38
C GLU B 609 33.54 -0.62 20.54
N HIS B 610 32.64 0.34 20.33
CA HIS B 610 32.96 1.53 19.56
C HIS B 610 34.08 2.35 20.17
N HIS B 611 34.32 2.20 21.48
CA HIS B 611 35.45 2.88 22.11
C HIS B 611 36.77 2.41 21.50
N LEU B 612 36.83 1.17 21.01
CA LEU B 612 38.02 0.71 20.31
C LEU B 612 38.30 1.54 19.06
N VAL B 613 37.26 2.07 18.42
CA VAL B 613 37.45 2.96 17.28
C VAL B 613 38.23 4.20 17.70
N ALA B 614 38.06 4.62 18.96
CA ALA B 614 38.86 5.74 19.47
C ALA B 614 40.32 5.33 19.65
N GLN B 615 40.56 4.07 19.99
CA GLN B 615 41.91 3.57 20.17
C GLN B 615 42.53 3.07 18.86
N ARG B 616 41.77 3.04 17.77
CA ARG B 616 42.23 2.64 16.45
C ARG B 616 42.70 1.19 16.39
N ASP B 617 42.33 0.38 17.37
CA ASP B 617 42.70 -1.04 17.39
C ASP B 617 41.54 -1.89 16.86
N ILE B 618 41.19 -1.64 15.60
CA ILE B 618 40.11 -2.36 14.93
C ILE B 618 40.70 -3.63 14.32
N ARG B 619 40.19 -4.78 14.75
CA ARG B 619 40.72 -6.05 14.26
C ARG B 619 40.31 -6.31 12.81
N GLN B 620 39.17 -5.75 12.38
CA GLN B 620 38.72 -5.94 11.01
C GLN B 620 39.66 -5.30 9.99
N PHE B 621 40.48 -4.33 10.40
CA PHE B 621 41.48 -3.72 9.53
C PHE B 621 42.80 -4.47 9.56
N GLN B 622 42.79 -5.74 10.01
CA GLN B 622 43.99 -6.55 10.12
C GLN B 622 43.80 -7.81 9.28
N LEU B 623 44.86 -8.25 8.60
CA LEU B 623 44.77 -9.43 7.76
C LEU B 623 44.56 -10.71 8.57
N GLN B 624 44.92 -10.71 9.85
CA GLN B 624 44.76 -11.90 10.67
C GLN B 624 43.28 -12.22 10.91
N HIS B 625 42.44 -11.19 10.95
CA HIS B 625 41.02 -11.40 11.17
C HIS B 625 40.37 -12.13 10.00
N TRP B 626 40.68 -11.70 8.78
CA TRP B 626 40.10 -12.32 7.60
C TRP B 626 40.69 -13.70 7.30
N LEU B 627 41.88 -13.99 7.80
CA LEU B 627 42.52 -15.29 7.60
C LEU B 627 42.38 -16.20 8.81
N ALA B 628 41.40 -15.94 9.67
CA ALA B 628 41.16 -16.75 10.85
C ALA B 628 39.97 -17.67 10.62
N ILE B 629 40.17 -18.95 10.86
CA ILE B 629 39.12 -19.94 10.68
C ILE B 629 38.63 -20.44 12.05
C10 YG7 C . 2.04 30.26 1.03
C13 YG7 C . -0.94 27.79 -0.42
C15 YG7 C . 4.34 30.39 2.13
C17 YG7 C . -3.55 25.09 -1.00
C20 YG7 C . -3.92 23.73 -1.15
C21 YG7 C . 6.22 30.34 3.70
C22 YG7 C . -4.68 25.84 -1.22
C24 YG7 C . 5.23 32.45 3.07
C26 YG7 C . 7.31 29.94 4.59
C28 YG7 C . -5.88 22.44 -1.70
C08 YG7 C . 1.12 29.33 0.27
C09 YG7 C . 1.92 27.75 1.65
C11 YG7 C . 3.26 28.28 1.16
C12 YG7 C . 0.37 27.29 0.20
C14 YG7 C . -1.61 26.77 -1.39
C16 YG7 C . -2.11 25.54 -0.61
C18 YG7 C . 5.28 29.65 2.85
C19 YG7 C . 4.31 31.78 2.25
C23 YG7 C . 6.19 31.71 3.80
C25 YG7 C . -5.24 23.71 -1.48
C27 YG7 C . -3.18 22.54 -1.04
C29 YG7 C . 7.86 31.09 5.15
C30 YG7 C . -3.79 21.32 -1.25
C31 YG7 C . -5.15 21.26 -1.58
C32 YG7 C . 9.04 31.16 6.13
C33 YG7 C . -2.89 20.08 -1.12
N03 YG7 C . 0.84 28.21 0.96
N04 YG7 C . 3.36 29.71 1.24
N05 YG7 C . -5.69 24.99 -1.51
N06 YG7 C . 9.48 32.45 6.67
N07 YG7 C . -2.18 19.20 -1.00
O01 YG7 C . 7.17 32.12 4.67
O02 YG7 C . 9.60 30.16 6.46
C1 CLR D . 0.20 -3.78 -12.22
C2 CLR D . 0.09 -4.47 -13.58
C3 CLR D . 0.12 -3.48 -14.72
C4 CLR D . 1.39 -2.65 -14.63
C5 CLR D . 1.49 -1.95 -13.30
C6 CLR D . 1.56 -0.63 -13.22
C7 CLR D . 1.86 0.14 -11.98
C8 CLR D . 2.19 -0.75 -10.79
C9 CLR D . 1.29 -2.00 -10.79
C10 CLR D . 1.44 -2.86 -12.08
C11 CLR D . 1.46 -2.83 -9.51
C12 CLR D . 1.31 -2.01 -8.23
C13 CLR D . 2.27 -0.81 -8.21
C14 CLR D . 1.99 0.00 -9.48
C15 CLR D . 2.72 1.32 -9.28
C16 CLR D . 2.71 1.53 -7.75
C17 CLR D . 2.00 0.29 -7.15
C18 CLR D . 3.74 -1.28 -8.13
C19 CLR D . 2.72 -3.71 -12.06
C20 CLR D . 2.37 0.07 -5.67
C21 CLR D . 1.38 -0.83 -4.94
C22 CLR D . 2.50 1.42 -4.96
C23 CLR D . 2.31 1.41 -3.47
C24 CLR D . 3.52 0.96 -2.70
C25 CLR D . 3.45 1.18 -1.19
C26 CLR D . 4.62 0.51 -0.48
C27 CLR D . 3.36 2.65 -0.83
O1 CLR D . 0.08 -4.17 -15.98
C1 CLR E . -6.00 0.57 -9.69
C2 CLR E . -6.52 -0.20 -10.91
C3 CLR E . -7.34 -1.40 -10.50
C4 CLR E . -8.48 -0.97 -9.59
C5 CLR E . -7.96 -0.21 -8.39
C6 CLR E . -8.24 -0.61 -7.15
C7 CLR E . -7.95 0.17 -5.91
C8 CLR E . -7.39 1.56 -6.20
C9 CLR E . -6.41 1.50 -7.38
C10 CLR E . -7.09 1.00 -8.68
C11 CLR E . -5.68 2.84 -7.58
C12 CLR E . -5.02 3.36 -6.29
C13 CLR E . -6.03 3.48 -5.15
C14 CLR E . -6.66 2.09 -4.97
C15 CLR E . -7.41 2.17 -3.64
C16 CLR E . -6.54 3.12 -2.79
C17 CLR E . -5.45 3.70 -3.72
C18 CLR E . -7.08 4.56 -5.47
C19 CLR E . -7.97 2.09 -9.33
C20 CLR E . -5.00 5.11 -3.28
C21 CLR E . -3.82 5.64 -4.09
C22 CLR E . -4.66 5.11 -1.79
C23 CLR E . -3.43 4.33 -1.40
C24 CLR E . -3.12 4.36 0.07
C25 CLR E . -4.23 3.81 0.98
C26 CLR E . -4.54 2.36 0.66
C27 CLR E . -3.86 3.98 2.44
O1 CLR E . -7.87 -2.04 -11.67
C1 CLR F . 7.43 1.06 -19.14
C2 CLR F . 7.68 0.87 -20.63
C3 CLR F . 8.70 1.84 -21.16
C4 CLR F . 9.99 1.71 -20.37
C5 CLR F . 9.75 1.88 -18.89
C6 CLR F . 10.41 2.81 -18.19
C7 CLR F . 10.43 2.90 -16.70
C8 CLR F . 9.67 1.76 -16.03
C9 CLR F . 8.38 1.44 -16.82
C10 CLR F . 8.70 0.97 -18.27
C11 CLR F . 7.47 0.46 -16.07
C12 CLR F . 7.17 0.88 -14.63
C13 CLR F . 8.47 1.08 -13.83
C14 CLR F . 9.30 2.14 -14.60
C15 CLR F . 10.41 2.53 -13.62
C16 CLR F . 9.74 2.44 -12.24
C17 CLR F . 8.35 1.78 -12.45
C18 CLR F . 9.23 -0.25 -13.69
C19 CLR F . 9.25 -0.47 -18.30
C20 CLR F . 7.90 0.96 -11.22
C21 CLR F . 6.38 0.81 -11.13
C22 CLR F . 8.45 1.57 -9.93
C23 CLR F . 9.53 0.77 -9.26
C24 CLR F . 9.74 1.13 -7.81
C25 CLR F . 8.57 0.80 -6.87
C26 CLR F . 8.17 -0.66 -6.98
C27 CLR F . 8.90 1.16 -5.43
O1 CLR F . 8.95 1.59 -22.55
C1 CLR G . 20.35 13.77 2.35
C2 CLR G . 21.50 14.46 3.10
C3 CLR G . 22.79 13.69 2.98
C4 CLR G . 23.14 13.50 1.51
C5 CLR G . 22.01 12.84 0.76
C6 CLR G . 22.21 11.71 0.08
C7 CLR G . 21.23 11.11 -0.88
C8 CLR G . 20.00 11.98 -1.09
C9 CLR G . 19.56 12.59 0.26
C10 CLR G . 20.65 13.52 0.85
C11 CLR G . 18.19 13.28 0.17
C12 CLR G . 17.11 12.41 -0.48
C13 CLR G . 17.54 11.93 -1.86
C14 CLR G . 18.86 11.16 -1.67
C15 CLR G . 19.07 10.42 -2.98
C16 CLR G . 17.65 10.14 -3.51
C17 CLR G . 16.66 10.83 -2.53
C18 CLR G . 17.71 13.12 -2.83
C19 CLR G . 20.73 14.87 0.11
C20 CLR G . 15.34 11.22 -3.21
C21 CLR G . 14.17 11.29 -2.23
C22 CLR G . 15.03 10.24 -4.36
C23 CLR G . 13.68 10.42 -4.99
C24 CLR G . 13.36 9.35 -6.00
C25 CLR G . 11.93 9.36 -6.55
C26 CLR G . 11.72 8.24 -7.55
C27 CLR G . 10.92 9.28 -5.42
O1 CLR G . 23.85 14.38 3.65
C1 CLR H . 10.87 7.76 12.94
C2 CLR H . 11.67 8.28 14.14
C3 CLR H . 12.91 7.46 14.40
C4 CLR H . 13.76 7.41 13.14
C5 CLR H . 12.99 6.90 11.95
C6 CLR H . 13.39 5.85 11.26
C7 CLR H . 12.82 5.41 9.96
C8 CLR H . 11.76 6.37 9.42
C9 CLR H . 10.87 6.87 10.58
C10 CLR H . 11.69 7.65 11.64
C11 CLR H . 9.63 7.64 10.08
C12 CLR H . 8.86 6.91 8.99
C13 CLR H . 9.76 6.56 7.80
C14 CLR H . 10.91 5.70 8.36
C15 CLR H . 11.59 5.12 7.12
C16 CLR H . 10.45 4.96 6.10
C17 CLR H . 9.17 5.59 6.73
C18 CLR H . 10.28 7.84 7.12
C19 CLR H . 12.07 9.07 11.14
C20 CLR H . 8.20 6.12 5.68
C21 CLR H . 6.74 5.87 6.03
C22 CLR H . 8.54 5.56 4.30
C23 CLR H . 7.70 4.40 3.84
C24 CLR H . 8.08 3.88 2.47
C25 CLR H . 7.19 2.80 1.89
C26 CLR H . 5.80 3.32 1.59
C27 CLR H . 7.81 2.18 0.64
O1 CLR H . 13.66 8.02 15.48
C1 CLR I . 1.78 6.42 10.04
C2 CLR I . 1.80 6.71 8.54
C3 CLR I . 2.20 5.50 7.72
C4 CLR I . 3.59 5.02 8.14
C5 CLR I . 4.05 5.65 9.42
C6 CLR I . 5.27 6.16 9.50
C7 CLR I . 5.85 6.81 10.71
C8 CLR I . 5.12 6.34 11.96
C9 CLR I . 3.61 6.48 11.78
C10 CLR I . 3.05 5.70 10.56
C11 CLR I . 2.85 6.14 13.09
C12 CLR I . 3.43 6.80 14.35
C13 CLR I . 4.94 6.57 14.49
C14 CLR I . 5.53 7.14 13.17
C15 CLR I . 6.99 7.37 13.49
C16 CLR I . 6.91 8.02 14.88
C17 CLR I . 5.69 7.38 15.60
C18 CLR I . 5.23 5.07 14.64
C19 CLR I . 2.68 4.25 10.96
C20 CLR I . 6.12 6.67 16.89
C21 CLR I . 4.95 6.26 17.77
C22 CLR I . 7.06 7.56 17.70
C23 CLR I . 6.77 7.62 19.17
C24 CLR I . 7.38 8.80 19.86
C25 CLR I . 6.58 10.11 19.78
C26 CLR I . 7.33 11.26 20.42
C27 CLR I . 5.20 9.96 20.38
O1 CLR I . 1.25 4.44 7.88
C1 CLR J . 21.49 18.00 -2.05
C2 CLR J . 22.13 18.98 -1.07
C3 CLR J . 22.96 18.26 -0.03
C4 CLR J . 24.01 17.43 -0.72
C5 CLR J . 23.41 16.45 -1.70
C6 CLR J . 23.67 15.15 -1.62
C7 CLR J . 23.24 14.12 -2.61
C8 CLR J . 22.54 14.71 -3.84
C9 CLR J . 21.67 15.91 -3.44
C10 CLR J . 22.48 17.06 -2.75
C11 CLR J . 20.84 16.42 -4.62
C12 CLR J . 20.01 15.32 -5.29
C13 CLR J . 20.90 14.15 -5.75
C14 CLR J . 21.65 13.66 -4.50
C15 CLR J . 22.27 12.34 -4.93
C16 CLR J . 21.22 11.73 -5.88
C17 CLR J . 20.16 12.84 -6.15
C18 CLR J . 21.85 14.59 -6.87
C19 CLR J . 23.34 17.84 -3.76
C20 CLR J . 19.52 12.70 -7.55
C21 CLR J . 18.40 13.71 -7.80
C22 CLR J . 19.01 11.27 -7.76
C23 CLR J . 17.75 10.93 -7.01
C24 CLR J . 17.30 9.50 -7.24
C25 CLR J . 16.76 9.19 -8.64
C26 CLR J . 16.31 7.75 -8.75
C27 CLR J . 15.65 10.14 -9.02
O1 CLR J . 23.57 19.21 0.85
C15 A1EFM K . -4.92 4.12 16.32
C17 A1EFM K . -5.63 2.67 14.38
C20 A1EFM K . -6.56 1.82 10.82
C21 A1EFM K . -7.45 2.58 9.83
C22 A1EFM K . -7.82 1.71 8.62
C01 A1EFM K . -5.54 4.07 5.70
C02 A1EFM K . -5.61 4.58 7.14
C03 A1EFM K . -4.28 4.42 7.87
C04 A1EFM K . -4.28 5.11 9.24
C05 A1EFM K . -3.03 4.81 10.04
C06 A1EFM K . -2.38 6.08 10.58
C07 A1EFM K . -2.38 6.13 12.10
C08 A1EFM K . -1.29 7.04 12.65
C09 A1EFM K . -1.28 7.06 14.18
O10 A1EFM K . -2.49 7.06 14.87
C11 A1EFM K . -2.38 7.50 16.20
C12 A1EFM K . -3.78 7.49 16.80
O13 A1EFM K . -4.04 6.25 17.38
C14 A1EFM K . -5.09 5.57 16.76
C16 A1EFM K . -6.08 3.67 15.45
C18 A1EFM K . -6.64 2.54 13.25
C19 A1EFM K . -5.98 2.75 11.88
C23 A1EFM K . -8.92 2.35 7.78
O24 A1EFM K . -6.12 6.12 16.59
C25 A1EFM K . -3.86 8.57 17.88
O26 A1EFM K . -2.92 8.24 18.86
P27 A1EFM K . -2.80 9.23 20.16
O28 A1EFM K . -3.88 10.29 20.09
O29 A1EFM K . -1.32 9.94 20.15
C30 A1EFM K . -0.21 9.12 19.98
C31 A1EFM K . 1.01 9.95 20.39
O32 A1EFM K . 1.28 10.82 19.32
C33 A1EFM K . 0.75 10.79 21.63
O34 A1EFM K . 1.57 11.93 21.60
O35 A1EFM K . -2.97 8.43 21.43
O36 A1EFM K . -0.25 7.06 14.76
C1 CLR L . -7.94 -0.65 23.47
C2 CLR L . -7.08 -0.58 24.73
C3 CLR L . -6.04 -1.68 24.75
C4 CLR L . -5.18 -1.60 23.51
C5 CLR L . -6.01 -1.65 22.25
C6 CLR L . -5.78 -2.55 21.31
C7 CLR L . -6.39 -2.55 19.94
C8 CLR L . -7.27 -1.33 19.69
C9 CLR L . -8.06 -0.98 20.97
C10 CLR L . -7.13 -0.62 22.14
C11 CLR L . -9.14 0.08 20.71
C12 CLR L . -10.03 -0.23 19.51
C13 CLR L . -9.20 -0.43 18.24
C14 CLR L . -8.23 -1.59 18.53
C15 CLR L . -7.66 -1.98 17.18
C16 CLR L . -8.79 -1.64 16.17
C17 CLR L . -9.93 -0.99 16.99
C18 CLR L . -8.46 0.87 17.88
C19 CLR L . -6.48 0.78 21.97
C20 CLR L . -10.81 -0.05 16.14
C21 CLR L . -12.21 0.14 16.71
C22 CLR L . -10.88 -0.53 14.68
C23 CLR L . -11.80 -1.69 14.43
C24 CLR L . -12.13 -1.90 12.97
C25 CLR L . -11.00 -2.45 12.08
C26 CLR L . -10.16 -1.34 11.47
C27 CLR L . -10.12 -3.43 12.86
O1 CLR L . -5.22 -1.57 25.92
C1 CLR M . 21.45 11.25 5.28
C2 CLR M . 21.75 12.11 6.51
C3 CLR M . 20.79 13.27 6.64
C4 CLR M . 19.36 12.74 6.70
C5 CLR M . 19.04 11.88 5.50
C6 CLR M . 18.01 12.15 4.72
C7 CLR M . 17.47 11.25 3.65
C8 CLR M . 18.20 9.91 3.59
C9 CLR M . 19.71 10.13 3.83
C10 CLR M . 20.00 10.72 5.23
C11 CLR M . 20.54 8.87 3.54
C12 CLR M . 20.23 8.24 2.17
C13 CLR M . 18.73 7.92 2.05
C14 CLR M . 17.99 9.25 2.23
C15 CLR M . 16.56 8.97 1.76
C16 CLR M . 16.72 7.88 0.69
C17 CLR M . 18.22 7.50 0.64
C18 CLR M . 18.31 6.86 3.09
C19 CLR M . 19.79 9.67 6.35
C20 CLR M . 18.47 6.06 0.15
C21 CLR M . 19.85 5.86 -0.44
C22 CLR M . 17.38 5.64 -0.85
C23 CLR M . 17.53 6.20 -2.25
C24 CLR M . 16.68 5.48 -3.28
C25 CLR M . 15.17 5.73 -3.21
C26 CLR M . 14.46 4.73 -2.33
C27 CLR M . 14.86 7.16 -2.77
O1 CLR M . 21.09 14.02 7.83
C10 YG7 N . 7.06 -23.12 18.35
C13 YG7 N . 7.45 -22.69 14.25
C15 YG7 N . 6.30 -22.03 20.52
C17 YG7 N . 8.11 -21.51 10.71
C20 YG7 N . 7.90 -20.60 9.63
C21 YG7 N . 6.10 -20.65 22.54
C22 YG7 N . 8.91 -22.52 10.22
C24 YG7 N . 6.88 -22.94 22.71
C26 YG7 N . 5.90 -19.58 23.50
C28 YG7 N . 8.52 -20.37 7.31
C08 YG7 N . 6.92 -23.02 16.84
C09 YG7 N . 6.94 -20.79 17.19
C11 YG7 N . 5.83 -21.15 18.17
C12 YG7 N . 6.85 -21.61 15.18
C14 YG7 N . 6.95 -22.57 12.79
C16 YG7 N . 7.52 -21.29 12.14
C18 YG7 N . 5.98 -20.81 21.13
C19 YG7 N . 6.76 -23.09 21.32
C23 YG7 N . 6.55 -21.70 23.32
C25 YG7 N . 8.56 -21.09 8.56
C27 YG7 N . 7.18 -19.40 9.55
C29 YG7 N . 6.20 -20.06 24.78
C30 YG7 N . 7.13 -18.69 8.36
C31 YG7 N . 7.80 -19.17 7.23
C32 YG7 N . 6.11 -19.27 26.09
C33 YG7 N . 6.30 -17.40 8.38
N03 YG7 N . 7.30 -21.81 16.37
N04 YG7 N . 6.18 -22.22 19.06
N05 YG7 N . 9.18 -22.26 8.92
N06 YG7 N . 6.50 -19.89 27.35
N07 YG7 N . 5.68 -16.46 8.44
O01 YG7 N . 6.59 -21.30 24.63
O02 YG7 N . 5.70 -18.16 26.11
C1 CLR O . -9.57 -3.57 -7.71
C2 CLR O . -10.61 -3.79 -8.82
C3 CLR O . -11.17 -5.19 -8.79
C4 CLR O . -11.75 -5.48 -7.43
C5 CLR O . -10.72 -5.29 -6.35
C6 CLR O . -10.38 -6.29 -5.54
C7 CLR O . -9.51 -6.15 -4.33
C8 CLR O . -9.15 -4.70 -4.02
C9 CLR O . -8.85 -3.94 -5.32
C10 CLR O . -10.07 -3.91 -6.29
C11 CLR O . -8.30 -2.54 -5.04
C12 CLR O . -7.09 -2.54 -4.09
C13 CLR O . -7.42 -3.24 -2.77
C14 CLR O . -7.91 -4.65 -3.13
C15 CLR O . -7.94 -5.40 -1.79
C16 CLR O . -6.80 -4.75 -0.98
C17 CLR O . -6.22 -3.61 -1.86
C18 CLR O . -8.48 -2.44 -1.98
C19 CLR O . -11.14 -2.90 -5.85
C20 CLR O . -5.52 -2.54 -1.01
C21 CLR O . -4.57 -1.67 -1.84
C22 CLR O . -4.76 -3.20 0.14
C23 CLR O . -3.60 -2.43 0.71
C24 CLR O . -4.00 -1.34 1.67
C25 CLR O . -2.85 -0.71 2.45
C26 CLR O . -3.32 0.50 3.24
C27 CLR O . -2.17 -1.71 3.37
O1 CLR O . -12.18 -5.34 -9.80
C1 CLR P . -2.52 -7.25 -8.44
C2 CLR P . -3.20 -7.44 -9.80
C3 CLR P . -2.68 -6.46 -10.83
C4 CLR P . -1.18 -6.61 -10.95
C5 CLR P . -0.50 -6.42 -9.62
C6 CLR P . 0.45 -5.51 -9.44
C7 CLR P . 1.32 -5.39 -8.23
C8 CLR P . 1.09 -6.50 -7.22
C9 CLR P . -0.40 -6.86 -7.14
C10 CLR P . -0.98 -7.34 -8.49
C11 CLR P . -0.69 -7.84 -5.99
C12 CLR P . -0.11 -7.39 -4.64
C13 CLR P . 1.39 -7.13 -4.73
C14 CLR P . 1.58 -6.07 -5.84
C15 CLR P . 3.03 -5.61 -5.69
C16 CLR P . 3.28 -5.69 -4.17
C17 CLR P . 2.05 -6.38 -3.54
C18 CLR P . 2.16 -8.43 -5.02
C19 CLR P . -0.55 -8.78 -8.83
C20 CLR P . 2.40 -7.15 -2.24
C21 CLR P . 1.19 -7.71 -1.52
C22 CLR P . 3.21 -6.24 -1.30
C23 CLR P . 2.44 -5.10 -0.70
C24 CLR P . 3.27 -4.26 0.23
C25 CLR P . 4.50 -3.60 -0.39
C26 CLR P . 4.12 -2.69 -1.55
C27 CLR P . 5.30 -2.83 0.64
O1 CLR P . -3.30 -6.72 -12.11
C1 CLR Q . -17.99 -9.35 -3.36
C2 CLR Q . -19.25 -9.95 -4.00
C3 CLR Q . -20.06 -10.75 -3.01
C4 CLR Q . -20.41 -9.89 -1.82
C5 CLR Q . -19.18 -9.29 -1.18
C6 CLR Q . -18.90 -9.48 0.10
C7 CLR Q . -17.86 -8.73 0.87
C8 CLR Q . -17.17 -7.65 0.04
C9 CLR Q . -16.94 -8.15 -1.39
C10 CLR Q . -18.28 -8.48 -2.11
C11 CLR Q . -16.06 -7.20 -2.21
C12 CLR Q . -14.75 -6.83 -1.49
C13 CLR Q . -15.02 -6.22 -0.12
C14 CLR Q . -15.83 -7.27 0.67
C15 CLR Q . -15.81 -6.78 2.11
C16 CLR Q . -14.43 -6.11 2.25
C17 CLR Q . -13.79 -6.05 0.84
C18 CLR Q . -15.78 -4.88 -0.25
C19 CLR Q . -19.04 -7.21 -2.54
C20 CLR Q . -12.86 -4.85 0.65
C21 CLR Q . -11.81 -5.07 -0.43
C22 CLR Q . -12.18 -4.50 1.99
C23 CLR Q . -12.65 -3.20 2.63
C24 CLR Q . -11.68 -2.67 3.65
C25 CLR Q . -10.34 -2.19 3.10
C26 CLR Q . -10.52 -1.18 1.98
C27 CLR Q . -9.46 -1.61 4.20
O1 CLR Q . -21.25 -11.24 -3.65
C1 CLR R . -8.59 -4.53 22.69
C2 CLR R . -8.66 -4.37 24.21
C3 CLR R . -9.82 -3.50 24.62
C4 CLR R . -11.12 -4.07 24.08
C5 CLR R . -11.05 -4.23 22.57
C6 CLR R . -11.93 -3.65 21.78
C7 CLR R . -12.10 -3.94 20.32
C8 CLR R . -11.18 -5.06 19.84
C9 CLR R . -9.80 -4.94 20.51
C10 CLR R . -9.89 -5.07 22.05
C11 CLR R . -8.76 -5.88 19.89
C12 CLR R . -8.70 -5.81 18.36
C13 CLR R . -10.08 -6.07 17.74
C14 CLR R . -11.02 -5.01 18.32
C15 CLR R . -12.28 -5.08 17.45
C16 CLR R . -11.75 -5.50 16.06
C17 CLR R . -10.23 -5.78 16.22
C18 CLR R . -10.56 -7.51 18.05
C19 CLR R . -10.12 -6.53 22.49
C20 CLR R . -9.71 -6.80 15.20
C21 CLR R . -8.22 -6.63 14.89
C22 CLR R . -10.55 -6.72 13.91
C23 CLR R . -10.03 -7.55 12.76
C24 CLR R . -10.79 -7.32 11.48
C25 CLR R . -10.20 -7.99 10.24
C26 CLR R . -11.03 -7.70 9.01
C27 CLR R . -8.75 -7.57 10.02
O1 CLR R . -9.89 -3.42 26.05
C1 CLR S . 3.61 3.61 17.88
C2 CLR S . 4.03 4.04 19.28
C3 CLR S . 3.17 5.16 19.81
C4 CLR S . 1.70 4.73 19.78
C5 CLR S . 1.28 4.30 18.41
C6 CLR S . 0.26 4.86 17.78
C7 CLR S . -0.37 4.36 16.53
C8 CLR S . 0.22 3.03 16.07
C9 CLR S . 1.75 3.03 16.27
C10 CLR S . 2.13 3.19 17.76
C11 CLR S . 2.43 1.84 15.61
C12 CLR S . 2.01 1.62 14.15
C13 CLR S . 0.49 1.49 14.02
C14 CLR S . -0.11 2.78 14.60
C15 CLR S . -1.57 2.74 14.17
C16 CLR S . -1.56 2.02 12.82
C17 CLR S . -0.10 1.53 12.59
C18 CLR S . 0.00 0.22 14.76
C19 CLR S . 1.89 1.89 18.55
C20 CLR S . -0.04 0.29 11.69
C21 CLR S . 1.12 0.30 10.71
C22 CLR S . -1.37 0.07 10.96
C23 CLR S . -1.41 0.54 9.53
C24 CLR S . -2.75 0.31 8.88
C25 CLR S . -2.83 0.63 7.39
C26 CLR S . -1.96 -0.31 6.57
C27 CLR S . -4.27 0.60 6.89
O1 CLR S . 3.56 5.49 21.15
C1 CLR T . 7.39 0.79 9.47
C2 CLR T . 6.41 -0.26 8.93
C3 CLR T . 5.26 0.36 8.17
C4 CLR T . 4.51 1.32 9.06
C5 CLR T . 5.23 1.62 10.34
C6 CLR T . 4.59 1.57 11.50
C7 CLR T . 5.22 1.87 12.82
C8 CLR T . 6.45 2.75 12.65
C9 CLR T . 7.39 2.14 11.59
C10 CLR T . 6.72 1.96 10.20
C11 CLR T . 8.70 2.93 11.51
C12 CLR T . 9.36 3.25 12.87
C13 CLR T . 8.38 3.88 13.85
C14 CLR T . 7.22 2.87 13.95
C15 CLR T . 6.50 3.22 15.23
C16 CLR T . 7.68 3.44 16.19
C17 CLR T . 8.84 4.03 15.34
C18 CLR T . 7.90 5.23 13.31
C19 CLR T . 6.86 3.24 9.35
C20 CLR T . 9.27 5.41 15.86
C21 CLR T . 10.57 5.91 15.24
C22 CLR T . 9.42 5.38 17.39
C23 CLR T . 10.65 6.07 17.91
C24 CLR T . 11.02 5.64 19.30
C25 CLR T . 11.83 4.35 19.42
C26 CLR T . 12.07 3.96 20.87
C27 CLR T . 13.16 4.44 18.67
O1 CLR T . 5.74 1.05 7.00
C1 CLR U . -11.32 -10.02 23.68
C2 CLR U . -10.83 -10.11 25.13
C3 CLR U . -10.84 -8.76 25.80
C4 CLR U . -12.25 -8.19 25.75
C5 CLR U . -12.77 -8.10 24.34
C6 CLR U . -13.22 -6.95 23.85
C7 CLR U . -13.88 -6.78 22.52
C8 CLR U . -14.11 -8.09 21.78
C9 CLR U . -12.94 -9.06 22.02
C10 CLR U . -12.72 -9.38 23.52
C11 CLR U . -13.06 -10.31 21.15
C12 CLR U . -13.25 -10.01 19.66
C13 CLR U . -14.46 -9.09 19.43
C14 CLR U . -14.24 -7.84 20.28
C15 CLR U . -15.29 -6.86 19.79
C16 CLR U . -15.39 -7.15 18.27
C17 CLR U . -14.58 -8.46 18.02
C18 CLR U . -15.77 -9.83 19.80
C19 CLR U . -13.79 -10.34 24.07
C20 CLR U . -15.16 -9.27 16.84
C21 CLR U . -14.31 -10.50 16.49
C22 CLR U . -15.32 -8.37 15.61
C23 CLR U . -14.04 -8.01 14.90
C24 CLR U . -14.26 -7.12 13.70
C25 CLR U . -14.95 -7.76 12.50
C26 CLR U . -15.09 -6.79 11.36
C27 CLR U . -14.21 -9.01 12.06
O1 CLR U . -10.40 -8.88 27.17
C15 A1EFM V . 15.67 4.31 6.56
C17 A1EFM V . 14.44 4.25 4.36
C20 A1EFM V . 12.38 2.75 1.57
C21 A1EFM V . 12.49 1.38 0.89
C22 A1EFM V . 11.68 1.31 -0.40
C01 A1EFM V . 8.72 -1.58 1.07
C02 A1EFM V . 9.90 -1.21 1.98
C03 A1EFM V . 9.47 -0.35 3.16
C04 A1EFM V . 10.59 -0.16 4.18
C05 A1EFM V . 10.22 0.84 5.27
C06 A1EFM V . 10.49 0.28 6.66
C07 A1EFM V . 11.56 1.07 7.41
C08 A1EFM V . 11.43 0.92 8.92
C09 A1EFM V . 12.49 1.74 9.66
O10 A1EFM V . 13.78 1.80 9.16
C11 A1EFM V . 14.74 2.20 10.10
C12 A1EFM V . 16.10 2.18 9.42
O13 A1EFM V . 16.36 3.41 8.83
C14 A1EFM V . 16.47 3.36 7.44
C16 A1EFM V . 15.74 3.91 5.10
C18 A1EFM V . 14.30 3.47 3.06
C19 A1EFM V . 12.97 2.74 2.98
C23 A1EFM V . 12.02 0.07 -1.22
O24 A1EFM V . 17.19 2.55 6.94
C25 A1EFM V . 17.17 1.88 10.46
O26 A1EFM V . 17.13 2.92 11.39
P27 A1EFM V . 18.22 2.86 12.63
O28 A1EFM V . 19.15 1.70 12.43
O29 A1EFM V . 17.38 2.67 14.03
C30 A1EFM V . 16.30 3.51 14.28
C31 A1EFM V . 15.97 3.39 15.77
O32 A1EFM V . 15.28 2.18 15.92
C33 A1EFM V . 17.23 3.32 16.63
O34 A1EFM V . 16.94 2.61 17.80
O35 A1EFM V . 19.00 4.15 12.68
O36 A1EFM V . 12.20 2.31 10.67
#